data_6VEM
# 
_entry.id   6VEM 
# 
_audit_conform.dict_name       mmcif_pdbx.dic 
_audit_conform.dict_version    5.380 
_audit_conform.dict_location   http://mmcif.pdb.org/dictionaries/ascii/mmcif_pdbx.dic 
# 
loop_
_database_2.database_id 
_database_2.database_code 
_database_2.pdbx_database_accession 
_database_2.pdbx_DOI 
PDB   6VEM         pdb_00006vem 10.2210/pdb6vem/pdb 
WWPDB D_1000246283 ?            ?                   
# 
_pdbx_database_status.status_code                     REL 
_pdbx_database_status.status_code_sf                  REL 
_pdbx_database_status.status_code_mr                  ? 
_pdbx_database_status.entry_id                        6VEM 
_pdbx_database_status.recvd_initial_deposition_date   2020-01-02 
_pdbx_database_status.SG_entry                        N 
_pdbx_database_status.deposit_site                    RCSB 
_pdbx_database_status.process_site                    RCSB 
_pdbx_database_status.status_code_cs                  ? 
_pdbx_database_status.status_code_nmr_data            ? 
_pdbx_database_status.methods_development_category    ? 
_pdbx_database_status.pdb_format_compatible           Y 
# 
loop_
_audit_author.name 
_audit_author.pdbx_ordinal 
_audit_author.identifier_ORCID 
'Pallan, P.S.' 1 ? 
'Egli, M.'     2 ? 
# 
_citation.abstract                  ? 
_citation.abstract_id_CAS           ? 
_citation.book_id_ISBN              ? 
_citation.book_publisher            ? 
_citation.book_publisher_city       ? 
_citation.book_title                ? 
_citation.coordinate_linkage        ? 
_citation.country                   UK 
_citation.database_id_Medline       ? 
_citation.details                   ? 
_citation.id                        primary 
_citation.journal_abbrev            'Nucleic Acids Res.' 
_citation.journal_id_ASTM           NARHAD 
_citation.journal_id_CSD            0389 
_citation.journal_id_ISSN           1362-4962 
_citation.journal_full              ? 
_citation.journal_issue             ? 
_citation.journal_volume            48 
_citation.language                  ? 
_citation.page_first                10101 
_citation.page_last                 10124 
_citation.title                     
;Synthesis, chirality-dependent conformational and biological properties of siRNAs containing 5'-(R)- and 5'-(S)-C-methyl-guanosine.
;
_citation.year                      2020 
_citation.database_id_CSD           ? 
_citation.pdbx_database_id_DOI      10.1093/nar/gkaa750 
_citation.pdbx_database_id_PubMed   32990754 
_citation.unpublished_flag          ? 
# 
loop_
_citation_author.citation_id 
_citation_author.name 
_citation_author.ordinal 
_citation_author.identifier_ORCID 
primary 'Mikami, A.'     1  ? 
primary 'Erande, N.'     2  ? 
primary 'Matsuda, S.'    3  ? 
primary 
;Kel'in, A.
;
4  ? 
primary 'Woods, L.B.'    5  ? 
primary 'Chickering, T.' 6  ? 
primary 'Pallan, P.S.'   7  ? 
primary 'Schlegel, M.K.' 8  ? 
primary 'Zlatev, I.'     9  ? 
primary 'Egli, M.'       10 ? 
primary 'Manoharan, M.'  11 ? 
# 
_cell.angle_alpha                  90.000 
_cell.angle_alpha_esd              ? 
_cell.angle_beta                   90.000 
_cell.angle_beta_esd               ? 
_cell.angle_gamma                  120.000 
_cell.angle_gamma_esd              ? 
_cell.entry_id                     6VEM 
_cell.details                      ? 
_cell.formula_units_Z              ? 
_cell.length_a                     37.921 
_cell.length_a_esd                 ? 
_cell.length_b                     37.921 
_cell.length_b_esd                 ? 
_cell.length_c                     57.852 
_cell.length_c_esd                 ? 
_cell.volume                       ? 
_cell.volume_esd                   ? 
_cell.Z_PDB                        12 
_cell.reciprocal_angle_alpha       ? 
_cell.reciprocal_angle_beta        ? 
_cell.reciprocal_angle_gamma       ? 
_cell.reciprocal_angle_alpha_esd   ? 
_cell.reciprocal_angle_beta_esd    ? 
_cell.reciprocal_angle_gamma_esd   ? 
_cell.reciprocal_length_a          ? 
_cell.reciprocal_length_b          ? 
_cell.reciprocal_length_c          ? 
_cell.reciprocal_length_a_esd      ? 
_cell.reciprocal_length_b_esd      ? 
_cell.reciprocal_length_c_esd      ? 
_cell.pdbx_unique_axis             ? 
# 
_symmetry.entry_id                         6VEM 
_symmetry.cell_setting                     ? 
_symmetry.Int_Tables_number                169 
_symmetry.space_group_name_Hall            ? 
_symmetry.space_group_name_H-M             'P 61' 
_symmetry.pdbx_full_space_group_name_H-M   ? 
# 
loop_
_entity.id 
_entity.type 
_entity.src_method 
_entity.pdbx_description 
_entity.formula_weight 
_entity.pdbx_number_of_molecules 
_entity.pdbx_ec 
_entity.pdbx_mutation 
_entity.pdbx_fragment 
_entity.details 
1 polymer     syn 'Modified Octamer RNA'  2570.619 2  ? ? ? 'GMX is 5 prime-C-methyl-guanosine' 
2 non-polymer syn 'COBALT HEXAMMINE(III)' 161.116  5  ? ? ? ?                                   
3 water       nat water                   18.015   30 ? ? ? ?                                   
# 
_entity_poly.entity_id                      1 
_entity_poly.type                           polyribonucleotide 
_entity_poly.nstd_linkage                   no 
_entity_poly.nstd_monomer                   yes 
_entity_poly.pdbx_seq_one_letter_code       'CCCC(GMX)GGG' 
_entity_poly.pdbx_seq_one_letter_code_can   CCCCXGGG 
_entity_poly.pdbx_strand_id                 A,B 
_entity_poly.pdbx_target_identifier         ? 
# 
loop_
_entity_poly_seq.entity_id 
_entity_poly_seq.num 
_entity_poly_seq.mon_id 
_entity_poly_seq.hetero 
1 1 C   n 
1 2 C   n 
1 3 C   n 
1 4 C   n 
1 5 GMX n 
1 6 G   n 
1 7 G   n 
1 8 G   n 
# 
_pdbx_entity_src_syn.entity_id              1 
_pdbx_entity_src_syn.pdbx_src_id            1 
_pdbx_entity_src_syn.pdbx_alt_source_flag   sample 
_pdbx_entity_src_syn.pdbx_beg_seq_num       1 
_pdbx_entity_src_syn.pdbx_end_seq_num       8 
_pdbx_entity_src_syn.organism_scientific    'synthetic construct' 
_pdbx_entity_src_syn.organism_common_name   ? 
_pdbx_entity_src_syn.ncbi_taxonomy_id       32630 
_pdbx_entity_src_syn.details                ? 
# 
_struct_ref.id                         1 
_struct_ref.db_name                    PDB 
_struct_ref.db_code                    6VEM 
_struct_ref.pdbx_db_accession          6VEM 
_struct_ref.pdbx_db_isoform            ? 
_struct_ref.entity_id                  1 
_struct_ref.pdbx_seq_one_letter_code   ? 
_struct_ref.pdbx_align_begin           1 
# 
loop_
_struct_ref_seq.align_id 
_struct_ref_seq.ref_id 
_struct_ref_seq.pdbx_PDB_id_code 
_struct_ref_seq.pdbx_strand_id 
_struct_ref_seq.seq_align_beg 
_struct_ref_seq.pdbx_seq_align_beg_ins_code 
_struct_ref_seq.seq_align_end 
_struct_ref_seq.pdbx_seq_align_end_ins_code 
_struct_ref_seq.pdbx_db_accession 
_struct_ref_seq.db_align_beg 
_struct_ref_seq.pdbx_db_align_beg_ins_code 
_struct_ref_seq.db_align_end 
_struct_ref_seq.pdbx_db_align_end_ins_code 
_struct_ref_seq.pdbx_auth_seq_align_beg 
_struct_ref_seq.pdbx_auth_seq_align_end 
1 1 6VEM A 1 ? 8 ? 6VEM 1 ? 8  ? 1 8  
2 1 6VEM B 1 ? 8 ? 6VEM 9 ? 16 ? 9 16 
# 
loop_
_chem_comp.id 
_chem_comp.type 
_chem_comp.mon_nstd_flag 
_chem_comp.name 
_chem_comp.pdbx_synonyms 
_chem_comp.formula 
_chem_comp.formula_weight 
C   'RNA linking' y "CYTIDINE-5'-MONOPHOSPHATE"                                                         ? 'C9 H14 N3 O8 P'  
323.197 
G   'RNA linking' y "GUANOSINE-5'-MONOPHOSPHATE"                                                        ? 'C10 H14 N5 O8 P' 
363.221 
GMX 'RNA linking' . '2-amino-9-(6-deoxy-5-O-phosphono-beta-D-allofuranosyl)-3,9-dihydro-6H-purin-6-one' ? 'C11 H16 N5 O8 P' 
377.247 
HOH non-polymer   . WATER                                                                               ? 'H2 O'            18.015 
NCO non-polymer   . 'COBALT HEXAMMINE(III)'                                                             ? 'Co H18 N6 3'     
161.116 
# 
_exptl.absorpt_coefficient_mu     ? 
_exptl.absorpt_correction_T_max   ? 
_exptl.absorpt_correction_T_min   ? 
_exptl.absorpt_correction_type    ? 
_exptl.absorpt_process_details    ? 
_exptl.entry_id                   6VEM 
_exptl.crystals_number            1 
_exptl.details                    ? 
_exptl.method                     'X-RAY DIFFRACTION' 
_exptl.method_details             ? 
# 
_exptl_crystal.colour                      ? 
_exptl_crystal.density_diffrn              ? 
_exptl_crystal.density_Matthews            2.34 
_exptl_crystal.density_method              ? 
_exptl_crystal.density_percent_sol         47.34 
_exptl_crystal.description                 ? 
_exptl_crystal.F_000                       ? 
_exptl_crystal.id                          1 
_exptl_crystal.preparation                 ? 
_exptl_crystal.size_max                    ? 
_exptl_crystal.size_mid                    ? 
_exptl_crystal.size_min                    ? 
_exptl_crystal.size_rad                    ? 
_exptl_crystal.colour_lustre               ? 
_exptl_crystal.colour_modifier             ? 
_exptl_crystal.colour_primary              ? 
_exptl_crystal.density_meas                ? 
_exptl_crystal.density_meas_esd            ? 
_exptl_crystal.density_meas_gt             ? 
_exptl_crystal.density_meas_lt             ? 
_exptl_crystal.density_meas_temp           ? 
_exptl_crystal.density_meas_temp_esd       ? 
_exptl_crystal.density_meas_temp_gt        ? 
_exptl_crystal.density_meas_temp_lt        ? 
_exptl_crystal.pdbx_crystal_image_url      ? 
_exptl_crystal.pdbx_crystal_image_format   ? 
_exptl_crystal.pdbx_mosaicity              ? 
_exptl_crystal.pdbx_mosaicity_esd          ? 
# 
_exptl_crystal_grow.apparatus       ? 
_exptl_crystal_grow.atmosphere      ? 
_exptl_crystal_grow.crystal_id      1 
_exptl_crystal_grow.details         ? 
_exptl_crystal_grow.method          'VAPOR DIFFUSION, HANGING DROP' 
_exptl_crystal_grow.method_ref      ? 
_exptl_crystal_grow.pH              ? 
_exptl_crystal_grow.pressure        ? 
_exptl_crystal_grow.pressure_esd    ? 
_exptl_crystal_grow.seeding         ? 
_exptl_crystal_grow.seeding_ref     ? 
_exptl_crystal_grow.temp            291 
_exptl_crystal_grow.temp_details    ? 
_exptl_crystal_grow.temp_esd        ? 
_exptl_crystal_grow.time            ? 
_exptl_crystal_grow.pdbx_details    
;Sodium cacodylate (20 mM, pH 6.0), sodium chloride (40 mM), hexamine cobalt(III) chloride (10 mM), and 2-methyl-2,4-pentanediol (MPD; 5% (v/v)
;
_exptl_crystal_grow.pdbx_pH_range   ? 
# 
_diffrn.ambient_environment              ? 
_diffrn.ambient_temp                     100 
_diffrn.ambient_temp_details             ? 
_diffrn.ambient_temp_esd                 ? 
_diffrn.crystal_id                       1 
_diffrn.crystal_support                  ? 
_diffrn.crystal_treatment                ? 
_diffrn.details                          ? 
_diffrn.id                               1 
_diffrn.ambient_pressure                 ? 
_diffrn.ambient_pressure_esd             ? 
_diffrn.ambient_pressure_gt              ? 
_diffrn.ambient_pressure_lt              ? 
_diffrn.ambient_temp_gt                  ? 
_diffrn.ambient_temp_lt                  ? 
_diffrn.pdbx_serial_crystal_experiment   N 
# 
_diffrn_detector.details                      ? 
_diffrn_detector.detector                     PIXEL 
_diffrn_detector.diffrn_id                    1 
_diffrn_detector.type                         'DECTRIS EIGER2 X 9M' 
_diffrn_detector.area_resol_mean              ? 
_diffrn_detector.dtime                        ? 
_diffrn_detector.pdbx_frames_total            ? 
_diffrn_detector.pdbx_collection_time_total   ? 
_diffrn_detector.pdbx_collection_date         2019-06-02 
_diffrn_detector.pdbx_frequency               ? 
# 
_diffrn_radiation.collimation                      ? 
_diffrn_radiation.diffrn_id                        1 
_diffrn_radiation.filter_edge                      ? 
_diffrn_radiation.inhomogeneity                    ? 
_diffrn_radiation.monochromator                    'Si(111)' 
_diffrn_radiation.polarisn_norm                    ? 
_diffrn_radiation.polarisn_ratio                   ? 
_diffrn_radiation.probe                            ? 
_diffrn_radiation.type                             ? 
_diffrn_radiation.xray_symbol                      ? 
_diffrn_radiation.wavelength_id                    1 
_diffrn_radiation.pdbx_monochromatic_or_laue_m_l   M 
_diffrn_radiation.pdbx_wavelength_list             ? 
_diffrn_radiation.pdbx_wavelength                  ? 
_diffrn_radiation.pdbx_diffrn_protocol             'SINGLE WAVELENGTH' 
_diffrn_radiation.pdbx_analyzer                    ? 
_diffrn_radiation.pdbx_scattering_type             x-ray 
# 
_diffrn_radiation_wavelength.id           1 
_diffrn_radiation_wavelength.wavelength   0.9183 
_diffrn_radiation_wavelength.wt           1.0 
# 
_diffrn_source.current                     ? 
_diffrn_source.details                     ? 
_diffrn_source.diffrn_id                   1 
_diffrn_source.power                       ? 
_diffrn_source.size                        ? 
_diffrn_source.source                      SYNCHROTRON 
_diffrn_source.target                      ? 
_diffrn_source.type                        'APS BEAMLINE 21-ID-D' 
_diffrn_source.voltage                     ? 
_diffrn_source.take-off_angle              ? 
_diffrn_source.pdbx_wavelength_list        0.9183 
_diffrn_source.pdbx_wavelength             ? 
_diffrn_source.pdbx_synchrotron_beamline   21-ID-D 
_diffrn_source.pdbx_synchrotron_site       APS 
# 
_reflns.B_iso_Wilson_estimate            ? 
_reflns.entry_id                         6VEM 
_reflns.data_reduction_details           ? 
_reflns.data_reduction_method            ? 
_reflns.d_resolution_high                1.56 
_reflns.d_resolution_low                 23 
_reflns.details                          ? 
_reflns.limit_h_max                      ? 
_reflns.limit_h_min                      ? 
_reflns.limit_k_max                      ? 
_reflns.limit_k_min                      ? 
_reflns.limit_l_max                      ? 
_reflns.limit_l_min                      ? 
_reflns.number_all                       ? 
_reflns.number_obs                       6721 
_reflns.observed_criterion               ? 
_reflns.observed_criterion_F_max         ? 
_reflns.observed_criterion_F_min         ? 
_reflns.observed_criterion_I_max         ? 
_reflns.observed_criterion_I_min         ? 
_reflns.observed_criterion_sigma_F       ? 
_reflns.observed_criterion_sigma_I       ? 
_reflns.percent_possible_obs             99.3 
_reflns.R_free_details                   ? 
_reflns.Rmerge_F_all                     ? 
_reflns.Rmerge_F_obs                     ? 
_reflns.Friedel_coverage                 ? 
_reflns.number_gt                        ? 
_reflns.threshold_expression             ? 
_reflns.pdbx_redundancy                  18.5 
_reflns.pdbx_Rmerge_I_obs                0.063 
_reflns.pdbx_Rmerge_I_all                ? 
_reflns.pdbx_Rsym_value                  ? 
_reflns.pdbx_netI_over_av_sigmaI         63.3 
_reflns.pdbx_netI_over_sigmaI            63.32 
_reflns.pdbx_res_netI_over_av_sigmaI_2   ? 
_reflns.pdbx_res_netI_over_sigmaI_2      ? 
_reflns.pdbx_chi_squared                 ? 
_reflns.pdbx_scaling_rejects             ? 
_reflns.pdbx_d_res_high_opt              ? 
_reflns.pdbx_d_res_low_opt               ? 
_reflns.pdbx_d_res_opt_method            ? 
_reflns.phase_calculation_details        ? 
_reflns.pdbx_Rrim_I_all                  ? 
_reflns.pdbx_Rpim_I_all                  .015 
_reflns.pdbx_d_opt                       ? 
_reflns.pdbx_number_measured_all         ? 
_reflns.pdbx_diffrn_id                   1 
_reflns.pdbx_ordinal                     1 
_reflns.pdbx_CC_half                     ? 
_reflns.pdbx_CC_star                     ? 
_reflns.pdbx_R_split                     ? 
# 
_reflns_shell.d_res_high                  1.56 
_reflns_shell.d_res_low                   1.62 
_reflns_shell.meanI_over_sigI_all         ? 
_reflns_shell.meanI_over_sigI_obs         1.33 
_reflns_shell.number_measured_all         ? 
_reflns_shell.number_measured_obs         ? 
_reflns_shell.number_possible             ? 
_reflns_shell.number_unique_all           ? 
_reflns_shell.number_unique_obs           627 
_reflns_shell.percent_possible_all        92.4 
_reflns_shell.percent_possible_obs        ? 
_reflns_shell.Rmerge_F_all                ? 
_reflns_shell.Rmerge_F_obs                ? 
_reflns_shell.Rmerge_I_all                ? 
_reflns_shell.Rmerge_I_obs                0.869 
_reflns_shell.meanI_over_sigI_gt          ? 
_reflns_shell.meanI_over_uI_all           ? 
_reflns_shell.meanI_over_uI_gt            ? 
_reflns_shell.number_measured_gt          ? 
_reflns_shell.number_unique_gt            ? 
_reflns_shell.percent_possible_gt         ? 
_reflns_shell.Rmerge_F_gt                 ? 
_reflns_shell.Rmerge_I_gt                 ? 
_reflns_shell.pdbx_redundancy             12.1 
_reflns_shell.pdbx_Rsym_value             ? 
_reflns_shell.pdbx_chi_squared            ? 
_reflns_shell.pdbx_netI_over_sigmaI_all   ? 
_reflns_shell.pdbx_netI_over_sigmaI_obs   ? 
_reflns_shell.pdbx_Rrim_I_all             ? 
_reflns_shell.pdbx_Rpim_I_all             0.243 
_reflns_shell.pdbx_rejects                ? 
_reflns_shell.pdbx_ordinal                1 
_reflns_shell.pdbx_diffrn_id              1 
_reflns_shell.pdbx_CC_half                ? 
_reflns_shell.pdbx_CC_star                ? 
_reflns_shell.pdbx_R_split                ? 
# 
_refine.aniso_B[1][1]                            0.1400 
_refine.aniso_B[1][2]                            0.0700 
_refine.aniso_B[1][3]                            0.0000 
_refine.aniso_B[2][2]                            0.1400 
_refine.aniso_B[2][3]                            -0.0000 
_refine.aniso_B[3][3]                            -0.4400 
_refine.B_iso_max                                83.430 
_refine.B_iso_mean                               38.2930 
_refine.B_iso_min                                20.470 
_refine.correlation_coeff_Fo_to_Fc               0.9760 
_refine.correlation_coeff_Fo_to_Fc_free          0.9670 
_refine.details                                  
'HYDROGENS HAVE BEEN USED IF PRESENT IN THE INPUT U VALUES      : REFINED INDIVIDUALLY' 
_refine.diff_density_max                         ? 
_refine.diff_density_max_esd                     ? 
_refine.diff_density_min                         ? 
_refine.diff_density_min_esd                     ? 
_refine.diff_density_rms                         ? 
_refine.diff_density_rms_esd                     ? 
_refine.entry_id                                 6VEM 
_refine.pdbx_refine_id                           'X-RAY DIFFRACTION' 
_refine.ls_abs_structure_details                 ? 
_refine.ls_abs_structure_Flack                   ? 
_refine.ls_abs_structure_Flack_esd               ? 
_refine.ls_abs_structure_Rogers                  ? 
_refine.ls_abs_structure_Rogers_esd              ? 
_refine.ls_d_res_high                            1.5600 
_refine.ls_d_res_low                             21.7200 
_refine.ls_extinction_coef                       ? 
_refine.ls_extinction_coef_esd                   ? 
_refine.ls_extinction_expression                 ? 
_refine.ls_extinction_method                     ? 
_refine.ls_goodness_of_fit_all                   ? 
_refine.ls_goodness_of_fit_all_esd               ? 
_refine.ls_goodness_of_fit_obs                   ? 
_refine.ls_goodness_of_fit_obs_esd               ? 
_refine.ls_hydrogen_treatment                    ? 
_refine.ls_matrix_type                           ? 
_refine.ls_number_constraints                    ? 
_refine.ls_number_parameters                     ? 
_refine.ls_number_reflns_all                     ? 
_refine.ls_number_reflns_obs                     6392 
_refine.ls_number_reflns_R_free                  295 
_refine.ls_number_reflns_R_work                  ? 
_refine.ls_number_restraints                     ? 
_refine.ls_percent_reflns_obs                    99.3300 
_refine.ls_percent_reflns_R_free                 4.4000 
_refine.ls_R_factor_all                          ? 
_refine.ls_R_factor_obs                          0.1799 
_refine.ls_R_factor_R_free                       0.2439 
_refine.ls_R_factor_R_free_error                 ? 
_refine.ls_R_factor_R_free_error_details         ? 
_refine.ls_R_factor_R_work                       0.1775 
_refine.ls_R_Fsqd_factor_obs                     ? 
_refine.ls_R_I_factor_obs                        ? 
_refine.ls_redundancy_reflns_all                 ? 
_refine.ls_redundancy_reflns_obs                 ? 
_refine.ls_restrained_S_all                      ? 
_refine.ls_restrained_S_obs                      ? 
_refine.ls_shift_over_esd_max                    ? 
_refine.ls_shift_over_esd_mean                   ? 
_refine.ls_structure_factor_coef                 ? 
_refine.ls_weighting_details                     ? 
_refine.ls_weighting_scheme                      ? 
_refine.ls_wR_factor_all                         ? 
_refine.ls_wR_factor_obs                         ? 
_refine.ls_wR_factor_R_free                      ? 
_refine.ls_wR_factor_R_work                      ? 
_refine.occupancy_max                            ? 
_refine.occupancy_min                            ? 
_refine.solvent_model_details                    ? 
_refine.solvent_model_param_bsol                 ? 
_refine.solvent_model_param_ksol                 ? 
_refine.pdbx_R_complete                          ? 
_refine.ls_R_factor_gt                           ? 
_refine.ls_goodness_of_fit_gt                    ? 
_refine.ls_goodness_of_fit_ref                   ? 
_refine.ls_shift_over_su_max                     ? 
_refine.ls_shift_over_su_max_lt                  ? 
_refine.ls_shift_over_su_mean                    ? 
_refine.ls_shift_over_su_mean_lt                 ? 
_refine.pdbx_ls_sigma_I                          ? 
_refine.pdbx_ls_sigma_F                          0.000 
_refine.pdbx_ls_sigma_Fsqd                       ? 
_refine.pdbx_data_cutoff_high_absF               ? 
_refine.pdbx_data_cutoff_high_rms_absF           ? 
_refine.pdbx_data_cutoff_low_absF                ? 
_refine.pdbx_isotropic_thermal_model             ? 
_refine.pdbx_ls_cross_valid_method               THROUGHOUT 
_refine.pdbx_method_to_determine_struct          'MOLECULAR REPLACEMENT' 
_refine.pdbx_starting_model                      259D 
_refine.pdbx_stereochemistry_target_values       ? 
_refine.pdbx_R_Free_selection_details            RANDOM 
_refine.pdbx_stereochem_target_val_spec_case     ? 
_refine.pdbx_overall_ESU_R                       0.1080 
_refine.pdbx_overall_ESU_R_Free                  0.0980 
_refine.pdbx_solvent_vdw_probe_radii             1.2000 
_refine.pdbx_solvent_ion_probe_radii             0.8000 
_refine.pdbx_solvent_shrinkage_radii             0.8000 
_refine.pdbx_real_space_R                        ? 
_refine.pdbx_density_correlation                 ? 
_refine.pdbx_pd_number_of_powder_patterns        ? 
_refine.pdbx_pd_number_of_points                 ? 
_refine.pdbx_pd_meas_number_of_points            ? 
_refine.pdbx_pd_proc_ls_prof_R_factor            ? 
_refine.pdbx_pd_proc_ls_prof_wR_factor           ? 
_refine.pdbx_pd_Marquardt_correlation_coeff      ? 
_refine.pdbx_pd_Fsqrd_R_factor                   ? 
_refine.pdbx_pd_ls_matrix_band_width             ? 
_refine.pdbx_overall_phase_error                 ? 
_refine.pdbx_overall_SU_R_free_Cruickshank_DPI   ? 
_refine.pdbx_overall_SU_R_free_Blow_DPI          ? 
_refine.pdbx_overall_SU_R_Blow_DPI               ? 
_refine.pdbx_TLS_residual_ADP_flag               ? 
_refine.pdbx_diffrn_id                           1 
_refine.overall_SU_B                             5.0460 
_refine.overall_SU_ML                            0.0770 
_refine.overall_SU_R_Cruickshank_DPI             ? 
_refine.overall_SU_R_free                        ? 
_refine.overall_FOM_free_R_set                   ? 
_refine.overall_FOM_work_R_set                   ? 
_refine.pdbx_average_fsc_overall                 ? 
_refine.pdbx_average_fsc_work                    ? 
_refine.pdbx_average_fsc_free                    ? 
# 
_refine_hist.pdbx_refine_id                   'X-RAY DIFFRACTION' 
_refine_hist.cycle_id                         final 
_refine_hist.details                          ? 
_refine_hist.d_res_high                       1.5600 
_refine_hist.d_res_low                        21.7200 
_refine_hist.number_atoms_solvent             30 
_refine_hist.number_atoms_total               405 
_refine_hist.number_reflns_all                ? 
_refine_hist.number_reflns_obs                ? 
_refine_hist.number_reflns_R_free             ? 
_refine_hist.number_reflns_R_work             ? 
_refine_hist.R_factor_all                     ? 
_refine_hist.R_factor_obs                     ? 
_refine_hist.R_factor_R_free                  ? 
_refine_hist.R_factor_R_work                  ? 
_refine_hist.pdbx_number_residues_total       16 
_refine_hist.pdbx_B_iso_mean_ligand           37.26 
_refine_hist.pdbx_B_iso_mean_solvent          49.89 
_refine_hist.pdbx_number_atoms_protein        0 
_refine_hist.pdbx_number_atoms_nucleic_acid   340 
_refine_hist.pdbx_number_atoms_ligand         35 
_refine_hist.pdbx_number_atoms_lipid          ? 
_refine_hist.pdbx_number_atoms_carb           ? 
_refine_hist.pdbx_pseudo_atom_details         ? 
# 
loop_
_refine_ls_restr.pdbx_refine_id 
_refine_ls_restr.criterion 
_refine_ls_restr.dev_ideal 
_refine_ls_restr.dev_ideal_target 
_refine_ls_restr.number 
_refine_ls_restr.rejects 
_refine_ls_restr.type 
_refine_ls_restr.weight 
_refine_ls_restr.pdbx_restraint_function 
'X-RAY DIFFRACTION' ? 0.029 0.013 408 ? r_bond_refined_d     ? ? 
'X-RAY DIFFRACTION' ? 1.857 1.660 663 ? r_angle_refined_deg  ? ? 
'X-RAY DIFFRACTION' ? 0.105 0.200 68  ? r_chiral_restr       ? ? 
'X-RAY DIFFRACTION' ? 0.029 0.020 168 ? r_gen_planes_refined ? ? 
'X-RAY DIFFRACTION' ? 7.674 3.000 408 ? r_rigid_bond_restr   ? ? 
# 
_refine_ls_shell.pdbx_refine_id                   'X-RAY DIFFRACTION' 
_refine_ls_shell.d_res_high                       1.5620 
_refine_ls_shell.d_res_low                        1.6020 
_refine_ls_shell.number_reflns_all                450 
_refine_ls_shell.number_reflns_obs                ? 
_refine_ls_shell.number_reflns_R_free             24 
_refine_ls_shell.number_reflns_R_work             426 
_refine_ls_shell.percent_reflns_obs               92.4000 
_refine_ls_shell.percent_reflns_R_free            ? 
_refine_ls_shell.R_factor_all                     ? 
_refine_ls_shell.R_factor_obs                     ? 
_refine_ls_shell.R_factor_R_free                  0.2680 
_refine_ls_shell.R_factor_R_free_error            0.0000 
_refine_ls_shell.R_factor_R_work                  0.2590 
_refine_ls_shell.redundancy_reflns_all            ? 
_refine_ls_shell.redundancy_reflns_obs            ? 
_refine_ls_shell.wR_factor_all                    ? 
_refine_ls_shell.wR_factor_obs                    ? 
_refine_ls_shell.wR_factor_R_free                 ? 
_refine_ls_shell.wR_factor_R_work                 ? 
_refine_ls_shell.pdbx_R_complete                  ? 
_refine_ls_shell.pdbx_total_number_of_bins_used   20 
_refine_ls_shell.pdbx_phase_error                 ? 
_refine_ls_shell.pdbx_fsc_work                    ? 
_refine_ls_shell.pdbx_fsc_free                    ? 
# 
_struct.entry_id                     6VEM 
_struct.title                        'Structure of RNA octamer' 
_struct.pdbx_model_details           ? 
_struct.pdbx_formula_weight          ? 
_struct.pdbx_formula_weight_method   ? 
_struct.pdbx_model_type_details      ? 
_struct.pdbx_CASP_flag               N 
# 
_struct_keywords.entry_id        6VEM 
_struct_keywords.text            
;Synthetic RNA, 5'-C-Metyl-guanosine, RNA
;
_struct_keywords.pdbx_keywords   RNA 
# 
loop_
_struct_asym.id 
_struct_asym.pdbx_blank_PDB_chainid_flag 
_struct_asym.pdbx_modified 
_struct_asym.entity_id 
_struct_asym.details 
A N N 1 ? 
B N N 1 ? 
C N N 2 ? 
D N N 2 ? 
E N N 2 ? 
F N N 2 ? 
G N N 2 ? 
H N N 3 ? 
I N N 3 ? 
# 
loop_
_struct_conn.id 
_struct_conn.conn_type_id 
_struct_conn.pdbx_leaving_atom_flag 
_struct_conn.pdbx_PDB_id 
_struct_conn.ptnr1_label_asym_id 
_struct_conn.ptnr1_label_comp_id 
_struct_conn.ptnr1_label_seq_id 
_struct_conn.ptnr1_label_atom_id 
_struct_conn.pdbx_ptnr1_label_alt_id 
_struct_conn.pdbx_ptnr1_PDB_ins_code 
_struct_conn.pdbx_ptnr1_standard_comp_id 
_struct_conn.ptnr1_symmetry 
_struct_conn.ptnr2_label_asym_id 
_struct_conn.ptnr2_label_comp_id 
_struct_conn.ptnr2_label_seq_id 
_struct_conn.ptnr2_label_atom_id 
_struct_conn.pdbx_ptnr2_label_alt_id 
_struct_conn.pdbx_ptnr2_PDB_ins_code 
_struct_conn.ptnr1_auth_asym_id 
_struct_conn.ptnr1_auth_comp_id 
_struct_conn.ptnr1_auth_seq_id 
_struct_conn.ptnr2_auth_asym_id 
_struct_conn.ptnr2_auth_comp_id 
_struct_conn.ptnr2_auth_seq_id 
_struct_conn.ptnr2_symmetry 
_struct_conn.pdbx_ptnr3_label_atom_id 
_struct_conn.pdbx_ptnr3_label_seq_id 
_struct_conn.pdbx_ptnr3_label_comp_id 
_struct_conn.pdbx_ptnr3_label_asym_id 
_struct_conn.pdbx_ptnr3_label_alt_id 
_struct_conn.pdbx_ptnr3_PDB_ins_code 
_struct_conn.details 
_struct_conn.pdbx_dist_value 
_struct_conn.pdbx_value_order 
_struct_conn.pdbx_role 
covale1  covale both ? A C   4 "O3'" ? ? ? 1_555 A GMX 5 P  ? ? A C   4   A GMX 5   1_555 ? ? ? ? ? ? ?            1.578 ? ? 
covale2  covale one  ? A GMX 5 "O3'" ? ? ? 1_555 A G   6 P  ? ? A GMX 5   A G   6   1_555 ? ? ? ? ? ? ?            1.599 ? ? 
covale3  covale none ? D NCO . N3    ? ? ? 1_555 E NCO . N4 ? ? A NCO 102 A NCO 103 1_555 ? ? ? ? ? ? ?            1.545 ? ? 
covale4  covale none ? D NCO . N6    ? ? ? 1_555 E NCO . N4 ? ? A NCO 102 A NCO 103 1_555 ? ? ? ? ? ? ?            1.430 ? ? 
covale5  covale both ? B C   4 "O3'" ? ? ? 1_555 B GMX 5 P  ? ? B C   12  B GMX 13  1_555 ? ? ? ? ? ? ?            1.586 ? ? 
covale6  covale one  ? B GMX 5 "O3'" ? ? ? 1_555 B G   6 P  ? ? B GMX 13  B G   14  1_555 ? ? ? ? ? ? ?            1.612 ? ? 
metalc1  metalc ?    ? D NCO . CO    ? ? ? 1_555 E NCO . N1 ? ? A NCO 102 A NCO 103 1_555 ? ? ? ? ? ? ?            2.562 ? ? 
metalc2  metalc ?    ? D NCO . CO    ? ? ? 1_555 E NCO . N4 ? ? A NCO 102 A NCO 103 1_555 ? ? ? ? ? ? ?            1.979 ? ? 
metalc3  metalc ?    ? D NCO . N1    ? ? ? 1_555 E NCO . CO ? ? A NCO 102 A NCO 103 1_555 ? ? ? ? ? ? ?            2.292 ? ? 
metalc4  metalc ?    ? D NCO . N3    ? ? ? 1_555 E NCO . CO ? ? A NCO 102 A NCO 103 1_555 ? ? ? ? ? ? ?            2.757 ? ? 
metalc5  metalc ?    ? D NCO . N6    ? ? ? 1_555 E NCO . CO ? ? A NCO 102 A NCO 103 1_555 ? ? ? ? ? ? ?            2.479 ? ? 
hydrog1  hydrog ?    ? A C   1 N3    ? ? ? 1_555 B G   8 N1 ? ? A C   1   B G   16  1_555 ? ? ? ? ? ? WATSON-CRICK ?     ? ? 
hydrog2  hydrog ?    ? A C   1 N4    ? ? ? 1_555 B G   8 O6 ? ? A C   1   B G   16  1_555 ? ? ? ? ? ? WATSON-CRICK ?     ? ? 
hydrog3  hydrog ?    ? A C   1 O2    ? ? ? 1_555 B G   8 N2 ? ? A C   1   B G   16  1_555 ? ? ? ? ? ? WATSON-CRICK ?     ? ? 
hydrog4  hydrog ?    ? A C   2 N3    ? ? ? 1_555 B G   7 N1 ? ? A C   2   B G   15  1_555 ? ? ? ? ? ? WATSON-CRICK ?     ? ? 
hydrog5  hydrog ?    ? A C   2 N4    ? ? ? 1_555 B G   7 O6 ? ? A C   2   B G   15  1_555 ? ? ? ? ? ? WATSON-CRICK ?     ? ? 
hydrog6  hydrog ?    ? A C   2 O2    ? ? ? 1_555 B G   7 N2 ? ? A C   2   B G   15  1_555 ? ? ? ? ? ? WATSON-CRICK ?     ? ? 
hydrog7  hydrog ?    ? A C   3 N3    ? ? ? 1_555 B G   6 N1 ? ? A C   3   B G   14  1_555 ? ? ? ? ? ? WATSON-CRICK ?     ? ? 
hydrog8  hydrog ?    ? A C   3 N4    ? ? ? 1_555 B G   6 O6 ? ? A C   3   B G   14  1_555 ? ? ? ? ? ? WATSON-CRICK ?     ? ? 
hydrog9  hydrog ?    ? A C   3 O2    ? ? ? 1_555 B G   6 N2 ? ? A C   3   B G   14  1_555 ? ? ? ? ? ? WATSON-CRICK ?     ? ? 
hydrog10 hydrog ?    ? A G   6 N1    ? ? ? 1_555 B C   3 N3 ? ? A G   6   B C   11  1_555 ? ? ? ? ? ? WATSON-CRICK ?     ? ? 
hydrog11 hydrog ?    ? A G   6 N2    ? ? ? 1_555 B C   3 O2 ? ? A G   6   B C   11  1_555 ? ? ? ? ? ? WATSON-CRICK ?     ? ? 
hydrog12 hydrog ?    ? A G   6 O6    ? ? ? 1_555 B C   3 N4 ? ? A G   6   B C   11  1_555 ? ? ? ? ? ? WATSON-CRICK ?     ? ? 
hydrog13 hydrog ?    ? A G   7 N1    ? ? ? 1_555 B C   2 N3 ? ? A G   7   B C   10  1_555 ? ? ? ? ? ? WATSON-CRICK ?     ? ? 
hydrog14 hydrog ?    ? A G   7 N2    ? ? ? 1_555 B C   2 O2 ? ? A G   7   B C   10  1_555 ? ? ? ? ? ? WATSON-CRICK ?     ? ? 
hydrog15 hydrog ?    ? A G   7 O6    ? ? ? 1_555 B C   2 N4 ? ? A G   7   B C   10  1_555 ? ? ? ? ? ? WATSON-CRICK ?     ? ? 
hydrog16 hydrog ?    ? A G   8 N1    ? ? ? 1_555 B C   1 N3 ? ? A G   8   B C   9   1_555 ? ? ? ? ? ? WATSON-CRICK ?     ? ? 
hydrog17 hydrog ?    ? A G   8 N2    ? ? ? 1_555 B C   1 O2 ? ? A G   8   B C   9   1_555 ? ? ? ? ? ? WATSON-CRICK ?     ? ? 
hydrog18 hydrog ?    ? A G   8 O6    ? ? ? 1_555 B C   1 N4 ? ? A G   8   B C   9   1_555 ? ? ? ? ? ? WATSON-CRICK ?     ? ? 
# 
loop_
_struct_conn_type.id 
_struct_conn_type.criteria 
_struct_conn_type.reference 
covale ? ? 
metalc ? ? 
hydrog ? ? 
# 
loop_
_struct_site.id 
_struct_site.pdbx_evidence_code 
_struct_site.pdbx_auth_asym_id 
_struct_site.pdbx_auth_comp_id 
_struct_site.pdbx_auth_seq_id 
_struct_site.pdbx_auth_ins_code 
_struct_site.pdbx_num_residues 
_struct_site.details 
AC1 Software A NCO 101 ? 4  'binding site for residue NCO A 101'                 
AC2 Software A NCO 104 ? 6  'binding site for residue NCO A 104'                 
AC3 Software B NCO 101 ? 6  'binding site for residue NCO B 101'                 
AC4 Software A NCO 102 ? 8  'binding site for residues NCO A 102 and NCO A 103'  
AC5 Software A NCO 102 ? 8  'binding site for residues NCO A 102 and NCO A 103'  
AC6 Software B C   12  ? 14 'binding site for Di-nucleotide C B 12 and GMX B 13' 
AC7 Software B GMX 13  ? 15 'binding site for Di-nucleotide GMX B 13 and G B 14' 
# 
loop_
_struct_site_gen.id 
_struct_site_gen.site_id 
_struct_site_gen.pdbx_num_res 
_struct_site_gen.label_comp_id 
_struct_site_gen.label_asym_id 
_struct_site_gen.label_seq_id 
_struct_site_gen.pdbx_auth_ins_code 
_struct_site_gen.auth_comp_id 
_struct_site_gen.auth_asym_id 
_struct_site_gen.auth_seq_id 
_struct_site_gen.label_atom_id 
_struct_site_gen.label_alt_id 
_struct_site_gen.symmetry 
_struct_site_gen.details 
1  AC1 4  G   A 8 ? G   A 8   . ? 5_664 ? 
2  AC1 4  G   A 8 ? G   A 8   . ? 1_555 ? 
3  AC1 4  HOH H . ? HOH A 205 . ? 1_555 ? 
4  AC1 4  G   B 8 ? G   B 16  . ? 5_654 ? 
5  AC2 6  G   A 6 ? G   A 6   . ? 1_555 ? 
6  AC2 6  G   A 7 ? G   A 7   . ? 1_555 ? 
7  AC2 6  G   B 6 ? G   B 14  . ? 3_654 ? 
8  AC2 6  G   B 7 ? G   B 15  . ? 3_654 ? 
9  AC2 6  G   B 8 ? G   B 16  . ? 3_654 ? 
10 AC2 6  HOH I . ? HOH B 202 . ? 3_654 ? 
11 AC3 6  NCO D . ? NCO A 102 . ? 2_545 ? 
12 AC3 6  NCO E . ? NCO A 103 . ? 2_545 ? 
13 AC3 6  C   B 4 ? C   B 12  . ? 1_555 ? 
14 AC3 6  GMX B 5 ? GMX B 13  . ? 1_555 ? 
15 AC3 6  HOH I . ? HOH B 201 . ? 1_555 ? 
16 AC3 6  HOH I . ? HOH B 203 . ? 1_555 ? 
17 AC4 8  GMX A 5 ? GMX A 5   . ? 1_555 ? 
18 AC4 8  G   A 6 ? G   A 6   . ? 1_555 ? 
19 AC4 8  G   A 7 ? G   A 7   . ? 1_555 ? 
20 AC4 8  G   A 8 ? G   A 8   . ? 1_555 ? 
21 AC4 8  HOH H . ? HOH A 208 . ? 1_555 ? 
22 AC4 8  C   B 1 ? C   B 9   . ? 1_555 ? 
23 AC4 8  G   B 8 ? G   B 16  . ? 5_654 ? 
24 AC4 8  NCO G . ? NCO B 101 . ? 3_654 ? 
25 AC5 8  GMX A 5 ? GMX A 5   . ? 1_555 ? 
26 AC5 8  G   A 6 ? G   A 6   . ? 1_555 ? 
27 AC5 8  G   A 7 ? G   A 7   . ? 1_555 ? 
28 AC5 8  G   A 8 ? G   A 8   . ? 1_555 ? 
29 AC5 8  HOH H . ? HOH A 208 . ? 1_555 ? 
30 AC5 8  C   B 1 ? C   B 9   . ? 1_555 ? 
31 AC5 8  G   B 8 ? G   B 16  . ? 5_654 ? 
32 AC5 8  NCO G . ? NCO B 101 . ? 3_654 ? 
33 AC6 14 C   A 2 ? C   A 2   . ? 6_555 ? 
34 AC6 14 C   A 3 ? C   A 3   . ? 6_555 ? 
35 AC6 14 C   A 4 ? C   A 4   . ? 1_555 ? 
36 AC6 14 GMX A 5 ? GMX A 5   . ? 1_555 ? 
37 AC6 14 G   A 6 ? G   A 6   . ? 1_555 ? 
38 AC6 14 C   B 3 ? C   B 11  . ? 1_555 ? 
39 AC6 14 G   B 6 ? G   B 14  . ? 1_555 ? 
40 AC6 14 NCO G . ? NCO B 101 . ? 1_555 ? 
41 AC6 14 HOH I . ? HOH B 201 . ? 1_555 ? 
42 AC6 14 HOH I . ? HOH B 203 . ? 1_555 ? 
43 AC6 14 HOH I . ? HOH B 205 . ? 1_555 ? 
44 AC6 14 HOH I . ? HOH B 209 . ? 1_555 ? 
45 AC6 14 HOH I . ? HOH B 211 . ? 1_555 ? 
46 AC6 14 HOH I . ? HOH B 212 . ? 1_555 ? 
47 AC7 15 C   A 2 ? C   A 2   . ? 6_555 ? 
48 AC7 15 C   A 3 ? C   A 3   . ? 6_555 ? 
49 AC7 15 C   A 3 ? C   A 3   . ? 1_555 ? 
50 AC7 15 C   A 4 ? C   A 4   . ? 1_555 ? 
51 AC7 15 GMX A 5 ? GMX A 5   . ? 1_555 ? 
52 AC7 15 NCO F . ? NCO A 104 . ? 2_545 ? 
53 AC7 15 C   B 4 ? C   B 12  . ? 1_555 ? 
54 AC7 15 G   B 7 ? G   B 15  . ? 1_555 ? 
55 AC7 15 NCO G . ? NCO B 101 . ? 1_555 ? 
56 AC7 15 HOH I . ? HOH B 201 . ? 1_555 ? 
57 AC7 15 HOH I . ? HOH B 203 . ? 1_555 ? 
58 AC7 15 HOH I . ? HOH B 204 . ? 1_555 ? 
59 AC7 15 HOH I . ? HOH B 207 . ? 1_555 ? 
60 AC7 15 HOH I . ? HOH B 209 . ? 1_555 ? 
61 AC7 15 HOH I . ? HOH B 212 . ? 1_555 ? 
# 
_atom_sites.entry_id                    6VEM 
_atom_sites.Cartn_transf_matrix[1][1]   ? 
_atom_sites.Cartn_transf_matrix[1][2]   ? 
_atom_sites.Cartn_transf_matrix[1][3]   ? 
_atom_sites.Cartn_transf_matrix[2][1]   ? 
_atom_sites.Cartn_transf_matrix[2][2]   ? 
_atom_sites.Cartn_transf_matrix[2][3]   ? 
_atom_sites.Cartn_transf_matrix[3][1]   ? 
_atom_sites.Cartn_transf_matrix[3][2]   ? 
_atom_sites.Cartn_transf_matrix[3][3]   ? 
_atom_sites.Cartn_transf_vector[1]      ? 
_atom_sites.Cartn_transf_vector[2]      ? 
_atom_sites.Cartn_transf_vector[3]      ? 
_atom_sites.fract_transf_matrix[1][1]   0.00211527 
_atom_sites.fract_transf_matrix[1][2]   -0.02605612 
_atom_sites.fract_transf_matrix[1][3]   0.01561521 
_atom_sites.fract_transf_matrix[2][1]   0.01301342 
_atom_sites.fract_transf_matrix[2][2]   -0.02438849 
_atom_sites.fract_transf_matrix[2][3]   -0.01276929 
_atom_sites.fract_transf_matrix[3][1]   0.01535959 
_atom_sites.fract_transf_matrix[3][2]   0.00495558 
_atom_sites.fract_transf_matrix[3][3]   0.00618842 
_atom_sites.fract_transf_vector[1]      0.371690 
_atom_sites.fract_transf_vector[2]      -0.272982 
_atom_sites.fract_transf_vector[3]      -0.169461 
_atom_sites.solution_primary            ? 
_atom_sites.solution_secondary          ? 
_atom_sites.solution_hydrogens          ? 
_atom_sites.special_details             ? 
# 
loop_
_atom_type.symbol 
C  
CO 
N  
O  
P  
# 
loop_
_atom_site.group_PDB 
_atom_site.id 
_atom_site.type_symbol 
_atom_site.label_atom_id 
_atom_site.label_alt_id 
_atom_site.label_comp_id 
_atom_site.label_asym_id 
_atom_site.label_entity_id 
_atom_site.label_seq_id 
_atom_site.pdbx_PDB_ins_code 
_atom_site.Cartn_x 
_atom_site.Cartn_y 
_atom_site.Cartn_z 
_atom_site.occupancy 
_atom_site.B_iso_or_equiv 
_atom_site.pdbx_formal_charge 
_atom_site.auth_seq_id 
_atom_site.auth_comp_id 
_atom_site.auth_asym_id 
_atom_site.auth_atom_id 
_atom_site.pdbx_PDB_model_num 
ATOM   1   O  "O5'" . C   A 1 1 ? 4.362   12.940  3.301   1.00 48.37 ? 1   C   A "O5'" 1 
ATOM   2   C  "C5'" . C   A 1 1 ? 3.421   14.009  3.558   1.00 46.00 ? 1   C   A "C5'" 1 
ATOM   3   C  "C4'" . C   A 1 1 ? 2.712   14.468  2.292   1.00 44.64 ? 1   C   A "C4'" 1 
ATOM   4   O  "O4'" . C   A 1 1 ? 3.673   14.756  1.234   1.00 45.46 ? 1   C   A "O4'" 1 
ATOM   5   C  "C3'" . C   A 1 1 ? 1.712   13.505  1.661   1.00 42.46 ? 1   C   A "C3'" 1 
ATOM   6   O  "O3'" . C   A 1 1 ? 0.425   13.569  2.284   1.00 41.67 ? 1   C   A "O3'" 1 
ATOM   7   C  "C2'" . C   A 1 1 ? 1.669   13.997  0.217   1.00 43.48 ? 1   C   A "C2'" 1 
ATOM   8   O  "O2'" . C   A 1 1 ? 0.887   15.168  0.005   1.00 46.74 ? 1   C   A "O2'" 1 
ATOM   9   C  "C1'" . C   A 1 1 ? 3.137   14.357  -0.016  1.00 41.62 ? 1   C   A "C1'" 1 
ATOM   10  N  N1    . C   A 1 1 ? 3.948   13.242  -0.529  1.00 38.25 ? 1   C   A N1    1 
ATOM   11  C  C2    . C   A 1 1 ? 3.816   12.884  -1.871  1.00 33.87 ? 1   C   A C2    1 
ATOM   12  O  O2    . C   A 1 1 ? 2.988   13.487  -2.571  1.00 35.63 ? 1   C   A O2    1 
ATOM   13  N  N3    . C   A 1 1 ? 4.579   11.887  -2.367  1.00 32.70 ? 1   C   A N3    1 
ATOM   14  C  C4    . C   A 1 1 ? 5.422   11.233  -1.566  1.00 33.58 ? 1   C   A C4    1 
ATOM   15  N  N4    . C   A 1 1 ? 6.192   10.295  -2.109  1.00 34.38 ? 1   C   A N4    1 
ATOM   16  C  C5    . C   A 1 1 ? 5.571   11.571  -0.189  1.00 37.30 ? 1   C   A C5    1 
ATOM   17  C  C6    . C   A 1 1 ? 4.798   12.553  0.290   1.00 38.43 ? 1   C   A C6    1 
ATOM   18  P  P     . C   A 1 2 ? -0.491  12.242  2.389   1.00 42.92 ? 2   C   A P     1 
ATOM   19  O  OP1   . C   A 1 2 ? -1.595  12.521  3.343   1.00 64.88 ? 2   C   A OP1   1 
ATOM   20  O  OP2   . C   A 1 2 ? 0.411   11.067  2.648   1.00 49.29 ? 2   C   A OP2   1 
ATOM   21  O  "O5'" . C   A 1 2 ? -1.098  12.120  0.916   1.00 40.67 ? 2   C   A "O5'" 1 
ATOM   22  C  "C5'" . C   A 1 2 ? -1.834  13.208  0.355   1.00 38.54 ? 2   C   A "C5'" 1 
ATOM   23  C  "C4'" . C   A 1 2 ? -2.152  12.927  -1.093  1.00 39.16 ? 2   C   A "C4'" 1 
ATOM   24  O  "O4'" . C   A 1 2 ? -0.945  13.060  -1.886  1.00 39.49 ? 2   C   A "O4'" 1 
ATOM   25  C  "C3'" . C   A 1 2 ? -2.636  11.527  -1.429  1.00 38.07 ? 2   C   A "C3'" 1 
ATOM   26  O  "O3'" . C   A 1 2 ? -4.005  11.374  -1.138  1.00 45.24 ? 2   C   A "O3'" 1 
ATOM   27  C  "C2'" . C   A 1 2 ? -2.356  11.474  -2.922  1.00 40.42 ? 2   C   A "C2'" 1 
ATOM   28  O  "O2'" . C   A 1 2 ? -3.270  12.275  -3.675  1.00 38.13 ? 2   C   A "O2'" 1 
ATOM   29  C  "C1'" . C   A 1 2 ? -0.966  12.092  -2.933  1.00 35.86 ? 2   C   A "C1'" 1 
ATOM   30  N  N1    . C   A 1 2 ? 0.100   11.106  -2.685  1.00 31.48 ? 2   C   A N1    1 
ATOM   31  C  C2    . C   A 1 2 ? 0.555   10.354  -3.767  1.00 31.35 ? 2   C   A C2    1 
ATOM   32  O  O2    . C   A 1 2 ? -0.013  10.485  -4.858  1.00 31.36 ? 2   C   A O2    1 
ATOM   33  N  N3    . C   A 1 2 ? 1.580   9.488   -3.591  1.00 31.92 ? 2   C   A N3    1 
ATOM   34  C  C4    . C   A 1 2 ? 2.154   9.370   -2.390  1.00 32.51 ? 2   C   A C4    1 
ATOM   35  N  N4    . C   A 1 2 ? 3.220   8.574   -2.280  1.00 30.97 ? 2   C   A N4    1 
ATOM   36  C  C5    . C   A 1 2 ? 1.695   10.112  -1.261  1.00 35.08 ? 2   C   A C5    1 
ATOM   37  C  C6    . C   A 1 2 ? 0.667   10.953  -1.450  1.00 33.56 ? 2   C   A C6    1 
ATOM   38  P  P     . C   A 1 3 ? -4.580  9.963   -0.670  1.00 47.32 ? 3   C   A P     1 
ATOM   39  O  OP1   . C   A 1 3 ? -6.003  10.181  -0.272  1.00 52.38 ? 3   C   A OP1   1 
ATOM   40  O  OP2   . C   A 1 3 ? -3.622  9.328   0.286   1.00 48.05 ? 3   C   A OP2   1 
ATOM   41  O  "O5'" . C   A 1 3 ? -4.587  9.109   -2.007  1.00 38.06 ? 3   C   A "O5'" 1 
ATOM   42  C  "C5'" . C   A 1 3 ? -5.298  9.599   -3.148  1.00 38.50 ? 3   C   A "C5'" 1 
ATOM   43  C  "C4'" . C   A 1 3 ? -4.949  8.736   -4.327  1.00 36.50 ? 3   C   A "C4'" 1 
ATOM   44  O  "O4'" . C   A 1 3 ? -3.547  8.909   -4.684  1.00 34.66 ? 3   C   A "O4'" 1 
ATOM   45  C  "C3'" . C   A 1 3 ? -5.016  7.252   -4.067  1.00 34.25 ? 3   C   A "C3'" 1 
ATOM   46  O  "O3'" . C   A 1 3 ? -6.363  6.831   -4.011  1.00 43.20 ? 3   C   A "O3'" 1 
ATOM   47  C  "C2'" . C   A 1 3 ? -4.217  6.729   -5.248  1.00 30.51 ? 3   C   A "C2'" 1 
ATOM   48  O  "O2'" . C   A 1 3 ? -4.918  6.889   -6.471  1.00 36.60 ? 3   C   A "O2'" 1 
ATOM   49  C  "C1'" . C   A 1 3 ? -3.034  7.691   -5.215  1.00 33.86 ? 3   C   A "C1'" 1 
ATOM   50  N  N1    . C   A 1 3 ? -1.919  7.211   -4.358  1.00 33.86 ? 3   C   A N1    1 
ATOM   51  C  C2    . C   A 1 3 ? -1.031  6.258   -4.889  1.00 28.06 ? 3   C   A C2    1 
ATOM   52  O  O2    . C   A 1 3 ? -1.233  5.821   -6.027  1.00 33.97 ? 3   C   A O2    1 
ATOM   53  N  N3    . C   A 1 3 ? 0.036   5.858   -4.149  1.00 31.05 ? 3   C   A N3    1 
ATOM   54  C  C4    . C   A 1 3 ? 0.195   6.325   -2.908  1.00 33.06 ? 3   C   A C4    1 
ATOM   55  N  N4    . C   A 1 3 ? 1.239   5.879   -2.203  1.00 34.47 ? 3   C   A N4    1 
ATOM   56  C  C5    . C   A 1 3 ? -0.706  7.276   -2.334  1.00 35.64 ? 3   C   A C5    1 
ATOM   57  C  C6    . C   A 1 3 ? -1.751  7.670   -3.080  1.00 34.17 ? 3   C   A C6    1 
ATOM   58  P  P     . C   A 1 4 ? -6.766  5.423   -3.290  1.00 41.26 ? 4   C   A P     1 
ATOM   59  O  OP1   . C   A 1 4 ? -8.258  5.290   -3.423  1.00 48.36 ? 4   C   A OP1   1 
ATOM   60  O  OP2   . C   A 1 4 ? -6.165  5.437   -1.931  1.00 48.98 ? 4   C   A OP2   1 
ATOM   61  O  "O5'" . C   A 1 4 ? -6.070  4.325   -4.221  1.00 40.28 ? 4   C   A "O5'" 1 
ATOM   62  C  "C5'" . C   A 1 4 ? -6.560  3.986   -5.523  1.00 35.30 ? 4   C   A "C5'" 1 
ATOM   63  C  "C4'" . C   A 1 4 ? -5.701  2.936   -6.197  1.00 38.52 ? 4   C   A "C4'" 1 
ATOM   64  O  "O4'" . C   A 1 4 ? -4.304  3.354   -6.275  1.00 40.12 ? 4   C   A "O4'" 1 
ATOM   65  C  "C3'" . C   A 1 4 ? -5.617  1.573   -5.531  1.00 35.32 ? 4   C   A "C3'" 1 
ATOM   66  O  "O3'" . C   A 1 4 ? -6.756  0.776   -5.785  1.00 41.53 ? 4   C   A "O3'" 1 
ATOM   67  C  "C2'" . C   A 1 4 ? -4.375  0.988   -6.188  1.00 34.41 ? 4   C   A "C2'" 1 
ATOM   68  O  "O2'" . C   A 1 4 ? -4.619  0.516   -7.510  1.00 41.30 ? 4   C   A "O2'" 1 
ATOM   69  C  "C1'" . C   A 1 4 ? -3.460  2.211   -6.177  1.00 37.33 ? 4   C   A "C1'" 1 
ATOM   70  N  N1    . C   A 1 4 ? -2.657  2.336   -4.942  1.00 31.51 ? 4   C   A N1    1 
ATOM   71  C  C2    . C   A 1 4 ? -1.535  1.508   -4.790  1.00 29.60 ? 4   C   A C2    1 
ATOM   72  O  O2    . C   A 1 4 ? -1.319  0.629   -5.644  1.00 33.93 ? 4   C   A O2    1 
ATOM   73  N  N3    . C   A 1 4 ? -0.743  1.663   -3.704  1.00 30.33 ? 4   C   A N3    1 
ATOM   74  C  C4    . C   A 1 4 ? -1.026  2.602   -2.798  1.00 26.80 ? 4   C   A C4    1 
ATOM   75  N  N4    . C   A 1 4 ? -0.169  2.771   -1.786  1.00 29.83 ? 4   C   A N4    1 
ATOM   76  C  C5    . C   A 1 4 ? -2.135  3.491   -2.952  1.00 31.55 ? 4   C   A C5    1 
ATOM   77  C  C6    . C   A 1 4 ? -2.930  3.306   -4.016  1.00 30.73 ? 4   C   A C6    1 
HETATM 78  O  OP2   . GMX A 1 5 ? -6.917  0.451   -3.261  1.00 39.10 ? 5   GMX A OP2   1 
HETATM 79  P  P     . GMX A 1 5 ? -7.286  -0.184  -4.651  1.00 41.31 ? 5   GMX A P     1 
HETATM 80  O  OP1   . GMX A 1 5 ? -8.806  -0.545  -5.002  1.00 53.45 ? 5   GMX A OP1   1 
HETATM 81  O  "O5'" . GMX A 1 5 ? -6.447  -1.524  -4.873  1.00 37.08 ? 5   GMX A "O5'" 1 
HETATM 82  C  "C5'" . GMX A 1 5 ? -6.386  -2.210  -6.114  1.00 33.24 ? 5   GMX A "C5'" 1 
HETATM 83  C  "C6'" . GMX A 1 5 ? -7.688  -2.952  -6.419  1.00 39.42 ? 5   GMX A "C6'" 1 
HETATM 84  C  "C4'" . GMX A 1 5 ? -5.216  -3.155  -6.101  1.00 35.75 ? 5   GMX A "C4'" 1 
HETATM 85  O  "O4'" . GMX A 1 5 ? -3.977  -2.425  -6.089  1.00 38.13 ? 5   GMX A "O4'" 1 
HETATM 86  C  "C1'" . GMX A 1 5 ? -3.028  -3.173  -5.311  1.00 36.06 ? 5   GMX A "C1'" 1 
HETATM 87  C  "C2'" . GMX A 1 5 ? -3.701  -4.486  -4.930  1.00 36.91 ? 5   GMX A "C2'" 1 
HETATM 88  O  "O2'" . GMX A 1 5 ? -3.552  -5.392  -6.039  1.00 40.67 ? 5   GMX A "O2'" 1 
HETATM 89  C  "C3'" . GMX A 1 5 ? -5.161  -4.057  -4.867  1.00 33.04 ? 5   GMX A "C3'" 1 
HETATM 90  O  "O3'" . GMX A 1 5 ? -6.108  -5.168  -4.959  1.00 36.56 ? 5   GMX A "O3'" 1 
HETATM 91  N  N9    . GMX A 1 5 ? -2.704  -2.386  -4.078  1.00 35.54 ? 5   GMX A N9    1 
HETATM 92  C  C8    . GMX A 1 5 ? -3.329  -1.275  -3.601  1.00 30.62 ? 5   GMX A C8    1 
HETATM 93  N  N7    . GMX A 1 5 ? -2.708  -0.840  -2.483  1.00 32.19 ? 5   GMX A N7    1 
HETATM 94  C  C5    . GMX A 1 5 ? -1.644  -1.713  -2.267  1.00 31.66 ? 5   GMX A C5    1 
HETATM 95  C  C6    . GMX A 1 5 ? -0.620  -1.806  -1.318  1.00 34.14 ? 5   GMX A C6    1 
HETATM 96  O  O6    . GMX A 1 5 ? -0.515  -0.980  -0.395  1.00 33.07 ? 5   GMX A O6    1 
HETATM 97  N  N1    . GMX A 1 5 ? 0.270   -2.834  -1.360  1.00 32.75 ? 5   GMX A N1    1 
HETATM 98  C  C2    . GMX A 1 5 ? 0.192   -3.770  -2.336  1.00 36.17 ? 5   GMX A C2    1 
HETATM 99  N  N2    . GMX A 1 5 ? 1.098   -4.784  -2.382  1.00 36.08 ? 5   GMX A N2    1 
HETATM 100 N  N3    . GMX A 1 5 ? -0.781  -3.711  -3.288  1.00 34.50 ? 5   GMX A N3    1 
HETATM 101 C  C4    . GMX A 1 5 ? -1.671  -2.683  -3.268  1.00 33.59 ? 5   GMX A C4    1 
ATOM   102 P  P     . G   A 1 6 ? -6.697  -5.821  -3.624  1.00 34.69 ? 6   G   A P     1 
ATOM   103 O  OP1   . G   A 1 6 ? -7.778  -6.800  -4.003  1.00 35.75 ? 6   G   A OP1   1 
ATOM   104 O  OP2   . G   A 1 6 ? -6.986  -4.743  -2.667  1.00 37.04 ? 6   G   A OP2   1 
ATOM   105 O  "O5'" . G   A 1 6 ? -5.453  -6.613  -3.024  1.00 33.80 ? 6   G   A "O5'" 1 
ATOM   106 C  "C5'" . G   A 1 6 ? -4.845  -7.719  -3.720  1.00 35.16 ? 6   G   A "C5'" 1 
ATOM   107 C  "C4'" . G   A 1 6 ? -3.656  -8.209  -2.935  1.00 34.87 ? 6   G   A "C4'" 1 
ATOM   108 O  "O4'" . G   A 1 6 ? -2.610  -7.202  -2.942  1.00 37.64 ? 6   G   A "O4'" 1 
ATOM   109 C  "C3'" . G   A 1 6 ? -3.884  -8.444  -1.445  1.00 33.10 ? 6   G   A "C3'" 1 
ATOM   110 O  "O3'" . G   A 1 6 ? -4.551  -9.667  -1.190  1.00 35.41 ? 6   G   A "O3'" 1 
ATOM   111 C  "C2'" . G   A 1 6 ? -2.447  -8.470  -0.939  1.00 36.11 ? 6   G   A "C2'" 1 
ATOM   112 O  "O2'" . G   A 1 6 ? -1.834  -9.720  -1.177  1.00 36.67 ? 6   G   A "O2'" 1 
ATOM   113 C  "C1'" . G   A 1 6 ? -1.846  -7.315  -1.746  1.00 36.86 ? 6   G   A "C1'" 1 
ATOM   114 N  N9    . G   A 1 6 ? -1.967  -6.073  -0.987  1.00 34.77 ? 6   G   A N9    1 
ATOM   115 C  C8    . G   A 1 6 ? -2.955  -5.122  -1.083  1.00 34.32 ? 6   G   A C8    1 
ATOM   116 N  N7    . G   A 1 6 ? -2.872  -4.201  -0.159  1.00 38.61 ? 6   G   A N7    1 
ATOM   117 C  C5    . G   A 1 6 ? -1.817  -4.616  0.643   1.00 32.27 ? 6   G   A C5    1 
ATOM   118 C  C6    . G   A 1 6 ? -1.242  -4.015  1.795   1.00 30.00 ? 6   G   A C6    1 
ATOM   119 O  O6    . G   A 1 6 ? -1.581  -2.973  2.377   1.00 34.90 ? 6   G   A O6    1 
ATOM   120 N  N1    . G   A 1 6 ? -0.190  -4.771  2.293   1.00 30.14 ? 6   G   A N1    1 
ATOM   121 C  C2    . G   A 1 6 ? 0.271   -5.943  1.751   1.00 32.36 ? 6   G   A C2    1 
ATOM   122 N  N2    . G   A 1 6 ? 1.292   -6.528  2.395   1.00 37.96 ? 6   G   A N2    1 
ATOM   123 N  N3    . G   A 1 6 ? -0.218  -6.490  0.649   1.00 36.93 ? 6   G   A N3    1 
ATOM   124 C  C4    . G   A 1 6 ? -1.258  -5.778  0.153   1.00 31.93 ? 6   G   A C4    1 
ATOM   125 P  P     . G   A 1 7 ? -5.399  -9.869  0.165   1.00 33.52 ? 7   G   A P     1 
ATOM   126 O  OP1   . G   A 1 7 ? -6.017  -11.251 0.128   1.00 36.32 ? 7   G   A OP1   1 
ATOM   127 O  OP2   . G   A 1 7 ? -6.242  -8.671  0.363   1.00 32.02 ? 7   G   A OP2   1 
ATOM   128 O  "O5'" . G   A 1 7 ? -4.306  -9.933  1.327   1.00 33.51 ? 7   G   A "O5'" 1 
ATOM   129 C  "C5'" . G   A 1 7 ? -3.344  -10.981 1.403   1.00 34.72 ? 7   G   A "C5'" 1 
ATOM   130 C  "C4'" . G   A 1 7 ? -2.445  -10.732 2.588   1.00 34.90 ? 7   G   A "C4'" 1 
ATOM   131 O  "O4'" . G   A 1 7 ? -1.680  -9.509  2.387   1.00 35.23 ? 7   G   A "O4'" 1 
ATOM   132 C  "C3'" . G   A 1 7 ? -3.156  -10.476 3.906   1.00 34.40 ? 7   G   A "C3'" 1 
ATOM   133 O  "O3'" . G   A 1 7 ? -3.635  -11.708 4.447   1.00 35.79 ? 7   G   A "O3'" 1 
ATOM   134 C  "C2'" . G   A 1 7 ? -2.035  -9.838  4.710   1.00 31.99 ? 7   G   A "C2'" 1 
ATOM   135 O  "O2'" . G   A 1 7 ? -1.108  -10.818 5.141   1.00 35.74 ? 7   G   A "O2'" 1 
ATOM   136 C  "C1'" . G   A 1 7 ? -1.433  -8.904  3.656   1.00 33.84 ? 7   G   A "C1'" 1 
ATOM   137 N  N9    . G   A 1 7 ? -2.074  -7.593  3.696   1.00 31.71 ? 7   G   A N9    1 
ATOM   138 C  C8    . G   A 1 7 ? -3.104  -7.117  2.909   1.00 29.79 ? 7   G   A C8    1 
ATOM   139 N  N7    . G   A 1 7 ? -3.513  -5.928  3.266   1.00 28.76 ? 7   G   A N7    1 
ATOM   140 C  C5    . G   A 1 7 ? -2.765  -5.637  4.403   1.00 26.86 ? 7   G   A C5    1 
ATOM   141 C  C6    . G   A 1 7 ? -2.741  -4.466  5.223   1.00 26.82 ? 7   G   A C6    1 
ATOM   142 O  O6    . G   A 1 7 ? -3.445  -3.457  5.145   1.00 32.88 ? 7   G   A O6    1 
ATOM   143 N  N1    . G   A 1 7 ? -1.825  -4.590  6.264   1.00 28.95 ? 7   G   A N1    1 
ATOM   144 C  C2    . G   A 1 7 ? -0.977  -5.651  6.448   1.00 29.12 ? 7   G   A C2    1 
ATOM   145 N  N2    . G   A 1 7 ? -0.187  -5.587  7.537   1.00 33.21 ? 7   G   A N2    1 
ATOM   146 N  N3    . G   A 1 7 ? -0.987  -6.746  5.694   1.00 27.19 ? 7   G   A N3    1 
ATOM   147 C  C4    . G   A 1 7 ? -1.864  -6.647  4.670   1.00 27.64 ? 7   G   A C4    1 
ATOM   148 P  P     . G   A 1 8 ? -4.953  -11.725 5.374   1.00 34.20 ? 8   G   A P     1 
ATOM   149 O  OP1   . G   A 1 8 ? -5.182  -13.135 5.789   1.00 38.55 ? 8   G   A OP1   1 
ATOM   150 O  OP2   . G   A 1 8 ? -6.047  -10.961 4.686   1.00 36.00 ? 8   G   A OP2   1 
ATOM   151 O  "O5'" . G   A 1 8 ? -4.531  -10.825 6.610   1.00 37.70 ? 8   G   A "O5'" 1 
ATOM   152 C  "C5'" . G   A 1 8 ? -3.573  -11.346 7.532   1.00 34.55 ? 8   G   A "C5'" 1 
ATOM   153 C  "C4'" . G   A 1 8 ? -3.305  -10.350 8.622   1.00 34.93 ? 8   G   A "C4'" 1 
ATOM   154 O  "O4'" . G   A 1 8 ? -2.787  -9.121  8.058   1.00 35.95 ? 8   G   A "O4'" 1 
ATOM   155 C  "C3'" . G   A 1 8 ? -4.485  -9.856  9.442   1.00 35.78 ? 8   G   A "C3'" 1 
ATOM   156 O  "O3'" . G   A 1 8 ? -4.944  -10.833 10.384  1.00 36.83 ? 8   G   A "O3'" 1 
ATOM   157 C  "C2'" . G   A 1 8 ? -3.850  -8.661  10.129  1.00 39.11 ? 8   G   A "C2'" 1 
ATOM   158 O  "O2'" . G   A 1 8 ? -2.930  -9.155  11.083  1.00 42.41 ? 8   G   A "O2'" 1 
ATOM   159 C  "C1'" . G   A 1 8 ? -3.052  -8.056  8.967   1.00 34.25 ? 8   G   A "C1'" 1 
ATOM   160 N  N9    . G   A 1 8 ? -3.825  -7.040  8.269   1.00 32.28 ? 8   G   A N9    1 
ATOM   161 C  C8    . G   A 1 8 ? -4.543  -7.172  7.103   1.00 32.95 ? 8   G   A C8    1 
ATOM   162 N  N7    . G   A 1 8 ? -5.232  -6.104  6.805   1.00 31.55 ? 8   G   A N7    1 
ATOM   163 C  C5    . G   A 1 8 ? -4.858  -5.175  7.769   1.00 30.66 ? 8   G   A C5    1 
ATOM   164 C  C6    . G   A 1 8 ? -5.178  -3.793  7.896   1.00 31.65 ? 8   G   A C6    1 
ATOM   165 O  O6    . G   A 1 8 ? -5.898  -3.101  7.171   1.00 38.00 ? 8   G   A O6    1 
ATOM   166 N  N1    . G   A 1 8 ? -4.625  -3.245  9.052   1.00 36.70 ? 8   G   A N1    1 
ATOM   167 C  C2    . G   A 1 8 ? -3.761  -3.896  9.898   1.00 31.73 ? 8   G   A C2    1 
ATOM   168 N  N2    . G   A 1 8 ? -3.302  -3.184  10.941  1.00 33.89 ? 8   G   A N2    1 
ATOM   169 N  N3    . G   A 1 8 ? -3.427  -5.175  9.770   1.00 33.71 ? 8   G   A N3    1 
ATOM   170 C  C4    . G   A 1 8 ? -3.981  -5.735  8.673   1.00 31.42 ? 8   G   A C4    1 
ATOM   171 O  "O5'" . C   B 1 1 ? -4.372  5.251   9.933   1.00 65.82 ? 9   C   B "O5'" 1 
ATOM   172 C  "C5'" . C   B 1 1 ? -3.441  5.574   11.003  1.00 67.19 ? 9   C   B "C5'" 1 
ATOM   173 C  "C4'" . C   B 1 1 ? -3.101  4.308   11.752  1.00 54.42 ? 9   C   B "C4'" 1 
ATOM   174 O  "O4'" . C   B 1 1 ? -4.225  3.401   11.647  1.00 50.25 ? 9   C   B "O4'" 1 
ATOM   175 C  "C3'" . C   B 1 1 ? -1.936  3.502   11.178  1.00 54.22 ? 9   C   B "C3'" 1 
ATOM   176 O  "O3'" . C   B 1 1 ? -0.654  3.949   11.599  1.00 58.19 ? 9   C   B "O3'" 1 
ATOM   177 C  "C2'" . C   B 1 1 ? -2.219  2.113   11.729  1.00 48.42 ? 9   C   B "C2'" 1 
ATOM   178 O  "O2'" . C   B 1 1 ? -1.755  2.058   13.128  1.00 65.50 ? 9   C   B "O2'" 1 
ATOM   179 C  "C1'" . C   B 1 1 ? -3.743  2.061   11.593  1.00 45.26 ? 9   C   B "C1'" 1 
ATOM   180 N  N1    . C   B 1 1 ? -4.236  1.436   10.351  1.00 39.14 ? 9   C   B N1    1 
ATOM   181 C  C2    . C   B 1 1 ? -4.273  0.040   10.286  1.00 33.66 ? 9   C   B C2    1 
ATOM   182 O  O2    . C   B 1 1 ? -3.771  -0.615  11.218  1.00 39.99 ? 9   C   B O2    1 
ATOM   183 N  N3    . C   B 1 1 ? -4.808  -0.559  9.195   1.00 35.41 ? 9   C   B N3    1 
ATOM   184 C  C4    . C   B 1 1 ? -5.356  0.185   8.227   1.00 30.73 ? 9   C   B C4    1 
ATOM   185 N  N4    . C   B 1 1 ? -5.923  -0.448  7.192   1.00 39.55 ? 9   C   B N4    1 
ATOM   186 C  C5    . C   B 1 1 ? -5.331  1.609   8.269   1.00 33.87 ? 9   C   B C5    1 
ATOM   187 C  C6    . C   B 1 1 ? -4.779  2.187   9.344   1.00 40.01 ? 9   C   B C6    1 
ATOM   188 P  P     . C   B 1 2 ? 0.599   3.840   10.569  1.00 60.05 ? 10  C   B P     1 
ATOM   189 O  OP1   . C   B 1 2 ? 1.735   4.677   11.084  1.00 83.43 ? 10  C   B OP1   1 
ATOM   190 O  OP2   . C   B 1 2 ? 0.066   4.072   9.178   1.00 58.93 ? 10  C   B OP2   1 
ATOM   191 O  "O5'" . C   B 1 2 ? 1.010   2.300   10.674  1.00 56.33 ? 10  C   B "O5'" 1 
ATOM   192 C  "C5'" . C   B 1 2 ? 1.578   1.808   11.927  1.00 52.96 ? 10  C   B "C5'" 1 
ATOM   193 C  "C4'" . C   B 1 2 ? 1.734   0.337   11.780  1.00 53.80 ? 10  C   B "C4'" 1 
ATOM   194 O  "O4'" . C   B 1 2 ? 0.407   -0.207  11.548  1.00 41.90 ? 10  C   B "O4'" 1 
ATOM   195 C  "C3'" . C   B 1 2 ? 2.510   -0.136  10.555  1.00 52.99 ? 10  C   B "C3'" 1 
ATOM   196 O  "O3'" . C   B 1 2 ? 3.922   -0.107  10.674  1.00 49.95 ? 10  C   B "O3'" 1 
ATOM   197 C  "C2'" . C   B 1 2 ? 2.014   -1.573  10.441  1.00 38.38 ? 10  C   B "C2'" 1 
ATOM   198 O  "O2'" . C   B 1 2 ? 2.621   -2.399  11.412  1.00 41.91 ? 10  C   B "O2'" 1 
ATOM   199 C  "C1'" . C   B 1 2 ? 0.527   -1.394  10.780  1.00 41.03 ? 10  C   B "C1'" 1 
ATOM   200 N  N1    . C   B 1 2 ? -0.333  -1.263  9.590   1.00 35.54 ? 10  C   B N1    1 
ATOM   201 C  C2    . C   B 1 2 ? -0.719  -2.432  8.925   1.00 29.62 ? 10  C   B C2    1 
ATOM   202 O  O2    . C   B 1 2 ? -0.301  -3.522  9.346   1.00 31.99 ? 10  C   B O2    1 
ATOM   203 N  N3    . C   B 1 2 ? -1.522  -2.340  7.836   1.00 34.14 ? 10  C   B N3    1 
ATOM   204 C  C4    . C   B 1 2 ? -1.971  -1.147  7.439   1.00 30.23 ? 10  C   B C4    1 
ATOM   205 N  N4    . C   B 1 2 ? -2.834  -1.109  6.420   1.00 32.94 ? 10  C   B N4    1 
ATOM   206 C  C5    . C   B 1 2 ? -1.558  0.063   8.074   1.00 30.62 ? 10  C   B C5    1 
ATOM   207 C  C6    . C   B 1 2 ? -0.764  -0.042  9.148   1.00 34.56 ? 10  C   B C6    1 
ATOM   208 P  P     . C   B 1 3 ? 4.859   -0.185  9.354   1.00 50.89 ? 11  C   B P     1 
ATOM   209 O  OP1   . C   B 1 3 ? 6.281   -0.084  9.815   1.00 65.27 ? 11  C   B OP1   1 
ATOM   210 O  OP2   . C   B 1 3 ? 4.356   0.794   8.332   1.00 43.62 ? 11  C   B OP2   1 
ATOM   211 O  "O5'" . C   B 1 3 ? 4.627   -1.666  8.783   1.00 53.45 ? 11  C   B "O5'" 1 
ATOM   212 C  "C5'" . C   B 1 3 ? 5.682   -2.646  8.905   1.00 52.55 ? 11  C   B "C5'" 1 
ATOM   213 C  "C4'" . C   B 1 3 ? 5.399   -3.901  8.117   1.00 42.93 ? 11  C   B "C4'" 1 
ATOM   214 O  "O4'" . C   B 1 3 ? 3.997   -4.270  8.216   1.00 41.03 ? 11  C   B "O4'" 1 
ATOM   215 C  "C3'" . C   B 1 3 ? 5.672   -3.833  6.628   1.00 45.08 ? 11  C   B "C3'" 1 
ATOM   216 O  "O3'" . C   B 1 3 ? 7.066   -3.937  6.344   1.00 48.66 ? 11  C   B "O3'" 1 
ATOM   217 C  "C2'" . C   B 1 3 ? 4.812   -4.982  6.104   1.00 40.33 ? 11  C   B "C2'" 1 
ATOM   218 O  "O2'" . C   B 1 3 ? 5.315   -6.281  6.345   1.00 48.84 ? 11  C   B "O2'" 1 
ATOM   219 C  "C1'" . C   B 1 3 ? 3.570   -4.828  6.982   1.00 38.39 ? 11  C   B "C1'" 1 
ATOM   220 N  N1    . C   B 1 3 ? 2.583   -3.931  6.381   1.00 32.70 ? 11  C   B N1    1 
ATOM   221 C  C2    . C   B 1 3 ? 1.910   -4.369  5.240   1.00 29.48 ? 11  C   B C2    1 
ATOM   222 O  O2    . C   B 1 3 ? 2.133   -5.515  4.822   1.00 37.53 ? 11  C   B O2    1 
ATOM   223 N  N3    . C   B 1 3 ? 0.979   -3.566  4.671   1.00 34.23 ? 11  C   B N3    1 
ATOM   224 C  C4    . C   B 1 3 ? 0.772   -2.337  5.158   1.00 35.65 ? 11  C   B C4    1 
ATOM   225 N  N4    . C   B 1 3 ? -0.137  -1.570  4.556   1.00 36.22 ? 11  C   B N4    1 
ATOM   226 C  C5    . C   B 1 3 ? 1.499   -1.839  6.282   1.00 33.51 ? 11  C   B C5    1 
ATOM   227 C  C6    . C   B 1 3 ? 2.418   -2.647  6.829   1.00 34.70 ? 11  C   B C6    1 
ATOM   228 P  P     . C   B 1 4 ? 7.661   -3.172  5.107   1.00 38.19 ? 12  C   B P     1 
ATOM   229 O  OP1   . C   B 1 4 ? 9.151   -3.322  5.170   1.00 42.54 ? 12  C   B OP1   1 
ATOM   230 O  OP2   . C   B 1 4 ? 7.047   -1.812  5.076   1.00 37.02 ? 12  C   B OP2   1 
ATOM   231 O  "O5'" . C   B 1 4 ? 7.099   -3.955  3.840   1.00 38.33 ? 12  C   B "O5'" 1 
ATOM   232 C  "C5'" . C   B 1 4 ? 7.780   -5.107  3.347   1.00 34.75 ? 12  C   B "C5'" 1 
ATOM   233 C  "C4'" . C   B 1 4 ? 7.091   -5.606  2.104   1.00 38.45 ? 12  C   B "C4'" 1 
ATOM   234 O  "O4'" . C   B 1 4 ? 5.690   -5.877  2.368   1.00 38.63 ? 12  C   B "O4'" 1 
ATOM   235 C  "C3'" . C   B 1 4 ? 7.014   -4.636  0.949   1.00 41.41 ? 12  C   B "C3'" 1 
ATOM   236 O  "O3'" . C   B 1 4 ? 8.333   -4.489  0.447   1.00 42.83 ? 12  C   B "O3'" 1 
ATOM   237 C  "C2'" . C   B 1 4 ? 5.993   -5.366  0.092   1.00 41.89 ? 12  C   B "C2'" 1 
ATOM   238 O  "O2'" . C   B 1 4 ? 6.546   -6.555  -0.488  1.00 39.06 ? 12  C   B "O2'" 1 
ATOM   239 C  "C1'" . C   B 1 4 ? 4.944   -5.680  1.171   1.00 42.56 ? 12  C   B "C1'" 1 
ATOM   240 N  N1    . C   B 1 4 ? 4.029   -4.544  1.390   1.00 36.63 ? 12  C   B N1    1 
ATOM   241 C  C2    . C   B 1 4 ? 2.990   -4.341  0.479   1.00 30.72 ? 12  C   B C2    1 
ATOM   242 O  O2    . C   B 1 4 ? 2.823   -5.171  -0.431  1.00 40.95 ? 12  C   B O2    1 
ATOM   243 N  N3    . C   B 1 4 ? 2.222   -3.231  0.587   1.00 34.06 ? 12  C   B N3    1 
ATOM   244 C  C4    . C   B 1 4 ? 2.438   -2.360  1.577   1.00 30.78 ? 12  C   B C4    1 
ATOM   245 N  N4    . C   B 1 4 ? 1.673   -1.265  1.628   1.00 34.27 ? 12  C   B N4    1 
ATOM   246 C  C5    . C   B 1 4 ? 3.480   -2.557  2.538   1.00 31.38 ? 12  C   B C5    1 
ATOM   247 C  C6    . C   B 1 4 ? 4.220   -3.669  2.427   1.00 31.52 ? 12  C   B C6    1 
HETATM 248 O  OP2   . GMX B 1 5 ? 8.301   -1.931  0.808   1.00 41.07 ? 13  GMX B OP2   1 
HETATM 249 P  P     . GMX B 1 5 ? 8.882   -3.098  -0.083  1.00 39.12 ? 13  GMX B P     1 
HETATM 250 O  OP1   . GMX B 1 5 ? 10.475  -3.261  -0.105  1.00 39.95 ? 13  GMX B OP1   1 
HETATM 251 O  "O5'" . GMX B 1 5 ? 8.258   -3.043  -1.528  1.00 37.42 ? 13  GMX B "O5'" 1 
HETATM 252 C  "C5'" . GMX B 1 5 ? 8.620   -4.055  -2.448  1.00 35.85 ? 13  GMX B "C5'" 1 
HETATM 253 C  "C6'" . GMX B 1 5 ? 9.860   -3.562  -3.177  1.00 39.11 ? 13  GMX B "C6'" 1 
HETATM 254 C  "C4'" . GMX B 1 5 ? 7.464   -4.239  -3.399  1.00 41.15 ? 13  GMX B "C4'" 1 
HETATM 255 O  "O4'" . GMX B 1 5 ? 6.271   -4.382  -2.616  1.00 38.91 ? 13  GMX B "O4'" 1 
HETATM 256 C  "C1'" . GMX B 1 5 ? 5.139   -3.827  -3.309  1.00 40.29 ? 13  GMX B "C1'" 1 
HETATM 257 C  "C2'" . GMX B 1 5 ? 5.675   -3.247  -4.596  1.00 39.25 ? 13  GMX B "C2'" 1 
HETATM 258 O  "O2'" . GMX B 1 5 ? 5.555   -4.255  -5.612  1.00 46.86 ? 13  GMX B "O2'" 1 
HETATM 259 C  "C3'" . GMX B 1 5 ? 7.144   -3.020  -4.252  1.00 41.23 ? 13  GMX B "C3'" 1 
HETATM 260 O  "O3'" . GMX B 1 5 ? 7.900   -2.932  -5.452  1.00 43.42 ? 13  GMX B "O3'" 1 
HETATM 261 N  N9    . GMX B 1 5 ? 4.614   -2.666  -2.563  1.00 33.00 ? 13  GMX B N9    1 
HETATM 262 C  C8    . GMX B 1 5 ? 5.117   -2.122  -1.436  1.00 32.58 ? 13  GMX B C8    1 
HETATM 263 N  N7    . GMX B 1 5 ? 4.335   -1.084  -1.071  1.00 30.59 ? 13  GMX B N7    1 
HETATM 264 C  C5    . GMX B 1 5 ? 3.353   -0.952  -2.021  1.00 30.28 ? 13  GMX B C5    1 
HETATM 265 C  C6    . GMX B 1 5 ? 2.272   -0.062  -2.171  1.00 31.38 ? 13  GMX B C6    1 
HETATM 266 O  O6    . GMX B 1 5 ? 2.127   0.920   -1.415  1.00 30.51 ? 13  GMX B O6    1 
HETATM 267 N  N1    . GMX B 1 5 ? 1.473   -0.209  -3.232  1.00 28.71 ? 13  GMX B N1    1 
HETATM 268 C  C2    . GMX B 1 5 ? 1.641   -1.231  -4.134  1.00 32.61 ? 13  GMX B C2    1 
HETATM 269 N  N2    . GMX B 1 5 ? 0.782   -1.383  -5.185  1.00 32.62 ? 13  GMX B N2    1 
HETATM 270 N  N3    . GMX B 1 5 ? 2.665   -2.108  -3.991  1.00 35.85 ? 13  GMX B N3    1 
HETATM 271 C  C4    . GMX B 1 5 ? 3.533   -1.955  -2.950  1.00 31.93 ? 13  GMX B C4    1 
ATOM   272 P  P     . G   B 1 6 ? 8.135   -1.492  -6.137  1.00 43.36 ? 14  G   B P     1 
ATOM   273 O  OP1   . G   B 1 6 ? 9.215   -1.622  -7.148  1.00 45.20 ? 14  G   B OP1   1 
ATOM   274 O  OP2   . G   B 1 6 ? 8.279   -0.472  -5.051  1.00 44.02 ? 14  G   B OP2   1 
ATOM   275 O  "O5'" . G   B 1 6 ? 6.758   -1.228  -6.886  1.00 39.33 ? 14  G   B "O5'" 1 
ATOM   276 C  "C5'" . G   B 1 6 ? 6.399   -1.948  -8.062  1.00 40.35 ? 14  G   B "C5'" 1 
ATOM   277 C  "C4'" . G   B 1 6 ? 5.125   -1.369  -8.604  1.00 41.85 ? 14  G   B "C4'" 1 
ATOM   278 O  "O4'" . G   B 1 6 ? 4.092   -1.465  -7.589  1.00 38.92 ? 14  G   B "O4'" 1 
ATOM   279 C  "C3'" . G   B 1 6 ? 5.155   0.115   -8.918  1.00 42.80 ? 14  G   B "C3'" 1 
ATOM   280 O  "O3'" . G   B 1 6 ? 5.820   0.403   -10.132 1.00 43.59 ? 14  G   B "O3'" 1 
ATOM   281 C  "C2'" . G   B 1 6 ? 3.670   0.430   -8.935  1.00 39.25 ? 14  G   B "C2'" 1 
ATOM   282 O  "O2'" . G   B 1 6 ? 3.024   -0.062  -10.094 1.00 43.83 ? 14  G   B "O2'" 1 
ATOM   283 C  "C1'" . G   B 1 6 ? 3.223   -0.350  -7.698  1.00 39.57 ? 14  G   B "C1'" 1 
ATOM   284 N  N9    . G   B 1 6 ? 3.367   0.467   -6.502  1.00 37.02 ? 14  G   B N9    1 
ATOM   285 C  C8    . G   B 1 6 ? 4.353   0.412   -5.544  1.00 32.76 ? 14  G   B C8    1 
ATOM   286 N  N7    . G   B 1 6 ? 4.241   1.351   -4.640  1.00 35.46 ? 14  G   B N7    1 
ATOM   287 C  C5    . G   B 1 6 ? 3.141   2.093   -5.053  1.00 31.12 ? 14  G   B C5    1 
ATOM   288 C  C6    . G   B 1 6 ? 2.504   3.214   -4.450  1.00 27.68 ? 14  G   B C6    1 
ATOM   289 O  O6    . G   B 1 6 ? 2.831   3.833   -3.429  1.00 33.42 ? 14  G   B O6    1 
ATOM   290 N  N1    . G   B 1 6 ? 1.442   3.671   -5.225  1.00 29.63 ? 14  G   B N1    1 
ATOM   291 C  C2    . G   B 1 6 ? 0.991   3.078   -6.379  1.00 31.61 ? 14  G   B C2    1 
ATOM   292 N  N2    . G   B 1 6 ? -0.079  3.645   -6.954  1.00 32.47 ? 14  G   B N2    1 
ATOM   293 N  N3    . G   B 1 6 ? 1.546   2.008   -6.926  1.00 35.37 ? 14  G   B N3    1 
ATOM   294 C  C4    . G   B 1 6 ? 2.608   1.573   -6.216  1.00 33.47 ? 14  G   B C4    1 
ATOM   295 P  P     . G   B 1 7 ? 6.528   1.832   -10.321 1.00 42.83 ? 15  G   B P     1 
ATOM   296 O  OP1   . G   B 1 7 ? 7.291   1.769   -11.606 1.00 50.64 ? 15  G   B OP1   1 
ATOM   297 O  OP2   . G   B 1 7 ? 7.240   2.197   -9.060  1.00 40.08 ? 15  G   B OP2   1 
ATOM   298 O  "O5'" . G   B 1 7 ? 5.305   2.835   -10.514 1.00 44.79 ? 15  G   B "O5'" 1 
ATOM   299 C  "C5'" . G   B 1 7 ? 4.335   2.609   -11.545 1.00 39.52 ? 15  G   B "C5'" 1 
ATOM   300 C  "C4'" . G   B 1 7 ? 3.266   3.675   -11.482 1.00 36.68 ? 15  G   B "C4'" 1 
ATOM   301 O  "O4'" . G   B 1 7 ? 2.497   3.506   -10.258 1.00 38.36 ? 15  G   B "O4'" 1 
ATOM   302 C  "C3'" . G   B 1 7 ? 3.750   5.114   -11.394 1.00 38.95 ? 15  G   B "C3'" 1 
ATOM   303 O  "O3'" . G   B 1 7 ? 4.104   5.650   -12.663 1.00 43.07 ? 15  G   B "O3'" 1 
ATOM   304 C  "C2'" . G   B 1 7 ? 2.506   5.791   -10.858 1.00 33.91 ? 15  G   B "C2'" 1 
ATOM   305 O  "O2'" . G   B 1 7 ? 1.493   5.895   -11.837 1.00 38.21 ? 15  G   B "O2'" 1 
ATOM   306 C  "C1'" . G   B 1 7 ? 2.088   4.781   -9.786  1.00 32.48 ? 15  G   B "C1'" 1 
ATOM   307 N  N9    . G   B 1 7 ? 2.764   5.057   -8.522  1.00 33.95 ? 15  G   B N9    1 
ATOM   308 C  C8    . G   B 1 7 ? 3.889   4.460   -8.009  1.00 27.79 ? 15  G   B C8    1 
ATOM   309 N  N7    . G   B 1 7 ? 4.270   4.977   -6.869  1.00 30.36 ? 15  G   B N7    1 
ATOM   310 C  C5    . G   B 1 7 ? 3.382   6.025   -6.656  1.00 30.14 ? 15  G   B C5    1 
ATOM   311 C  C6    . G   B 1 7 ? 3.277   6.940   -5.570  1.00 29.77 ? 15  G   B C6    1 
ATOM   312 O  O6    . G   B 1 7 ? 4.019   7.057   -4.582  1.00 31.53 ? 15  G   B O6    1 
ATOM   313 N  N1    . G   B 1 7 ? 2.209   7.817   -5.745  1.00 29.89 ? 15  G   B N1    1 
ATOM   314 C  C2    . G   B 1 7 ? 1.334   7.799   -6.809  1.00 33.35 ? 15  G   B C2    1 
ATOM   315 N  N2    . G   B 1 7 ? 0.327   8.689   -6.771  1.00 35.74 ? 15  G   B N2    1 
ATOM   316 N  N3    . G   B 1 7 ? 1.425   6.954   -7.826  1.00 30.70 ? 15  G   B N3    1 
ATOM   317 C  C4    . G   B 1 7 ? 2.442   6.080   -7.666  1.00 30.40 ? 15  G   B C4    1 
ATOM   318 P  P     . G   B 1 8 ? 5.329   6.681   -12.808 1.00 39.05 ? 16  G   B P     1 
ATOM   319 O  OP1   . G   B 1 8 ? 5.566   6.895   -14.284 1.00 41.05 ? 16  G   B OP1   1 
ATOM   320 O  OP2   . G   B 1 8 ? 6.444   6.219   -11.937 1.00 35.84 ? 16  G   B OP2   1 
ATOM   321 O  "O5'" . G   B 1 8 ? 4.754   8.054   -12.250 1.00 39.02 ? 16  G   B "O5'" 1 
ATOM   322 C  "C5'" . G   B 1 8 ? 3.732   8.719   -12.972 1.00 38.20 ? 16  G   B "C5'" 1 
ATOM   323 C  "C4'" . G   B 1 8 ? 3.068   9.715   -12.071 1.00 37.45 ? 16  G   B "C4'" 1 
ATOM   324 O  "O4'" . G   B 1 8 ? 2.715   9.109   -10.799 1.00 36.42 ? 16  G   B "O4'" 1 
ATOM   325 C  "C3'" . G   B 1 8 ? 3.947   10.876  -11.656 1.00 34.00 ? 16  G   B "C3'" 1 
ATOM   326 O  "O3'" . G   B 1 8 ? 4.178   11.716  -12.785 1.00 35.60 ? 16  G   B "O3'" 1 
ATOM   327 C  "C2'" . G   B 1 8 ? 3.135   11.430  -10.487 1.00 36.92 ? 16  G   B "C2'" 1 
ATOM   328 O  "O2'" . G   B 1 8 ? 2.022   12.171  -10.969 1.00 41.78 ? 16  G   B "O2'" 1 
ATOM   329 C  "C1'" . G   B 1 8 ? 2.706   10.126  -9.794  1.00 33.54 ? 16  G   B "C1'" 1 
ATOM   330 N  N9    . G   B 1 8 ? 3.648   9.747   -8.742  1.00 35.01 ? 16  G   B N9    1 
ATOM   331 C  C8    . G   B 1 8 ? 4.750   8.936   -8.878  1.00 32.83 ? 16  G   B C8    1 
ATOM   332 N  N7    . G   B 1 8 ? 5.501   8.907   -7.807  1.00 30.18 ? 16  G   B N7    1 
ATOM   333 C  C5    . G   B 1 8 ? 4.875   9.783   -6.926  1.00 26.58 ? 16  G   B C5    1 
ATOM   334 C  C6    . G   B 1 8 ? 5.233   10.178  -5.612  1.00 29.47 ? 16  G   B C6    1 
ATOM   335 O  O6    . G   B 1 8 ? 6.173   9.773   -4.914  1.00 30.65 ? 16  G   B O6    1 
ATOM   336 N  N1    . G   B 1 8 ? 4.322   11.087  -5.086  1.00 32.63 ? 16  G   B N1    1 
ATOM   337 C  C2    . G   B 1 8 ? 3.234   11.589  -5.753  1.00 30.29 ? 16  G   B C2    1 
ATOM   338 N  N2    . G   B 1 8 ? 2.510   12.504  -5.098  1.00 32.12 ? 16  G   B N2    1 
ATOM   339 N  N3    . G   B 1 8 ? 2.886   11.226  -6.972  1.00 31.95 ? 16  G   B N3    1 
ATOM   340 C  C4    . G   B 1 8 ? 3.761   10.349  -7.509  1.00 31.35 ? 16  G   B C4    1 
HETATM 341 CO CO    . NCO C 2 . ? -9.461  -15.184 4.548   0.60 38.85 ? 101 NCO A CO    1 
HETATM 342 N  N1    . NCO C 2 . ? -7.521  -15.223 4.233   0.60 39.86 ? 101 NCO A N1    1 
HETATM 343 N  N2    . NCO C 2 . ? -11.425 -15.121 4.775   0.60 58.41 ? 101 NCO A N2    1 
HETATM 344 N  N3    . NCO C 2 . ? -9.524  -17.049 3.863   0.60 40.28 ? 101 NCO A N3    1 
HETATM 345 N  N4    . NCO C 2 . ? -9.663  -14.426 2.741   0.60 41.24 ? 101 NCO A N4    1 
HETATM 346 N  N5    . NCO C 2 . ? -9.375  -13.317 5.198   0.60 35.23 ? 101 NCO A N5    1 
HETATM 347 N  N6    . NCO C 2 . ? -9.194  -15.868 6.397   0.60 49.56 ? 101 NCO A N6    1 
HETATM 348 CO CO    . NCO D 2 . ? -5.039  -1.247  2.033   0.50 33.60 ? 102 NCO A CO    1 
HETATM 349 N  N1    . NCO D 2 . ? -6.875  -1.709  1.384   0.50 39.10 ? 102 NCO A N1    1 
HETATM 350 N  N2    . NCO D 2 . ? -3.184  -0.774  2.599   0.50 37.03 ? 102 NCO A N2    1 
HETATM 351 N  N3    . NCO D 2 . ? -5.677  -1.114  3.902   0.50 40.36 ? 102 NCO A N3    1 
HETATM 352 N  N4    . NCO D 2 . ? -5.393  0.676   1.743   0.50 43.35 ? 102 NCO A N4    1 
HETATM 353 N  N5    . NCO D 2 . ? -4.426  -1.556  0.178   0.50 34.33 ? 102 NCO A N5    1 
HETATM 354 N  N6    . NCO D 2 . ? -4.781  -3.193  2.337   0.50 31.40 ? 102 NCO A N6    1 
HETATM 355 CO CO    . NCO E 2 . ? -7.158  -3.272  3.036   0.50 40.77 ? 103 NCO A CO    1 
HETATM 356 N  N1    . NCO E 2 . ? -7.583  -1.454  2.246   0.10 43.74 ? 103 NCO A N1    1 
HETATM 357 N  N2    . NCO E 2 . ? -6.791  -5.088  3.931   0.10 32.89 ? 103 NCO A N2    1 
HETATM 358 N  N3    . NCO E 2 . ? -7.738  -2.728  5.182   0.10 35.95 ? 103 NCO A N3    1 
HETATM 359 N  N4    . NCO E 2 . ? -5.136  -2.518  3.547   0.10 35.65 ? 103 NCO A N4    1 
HETATM 360 N  N5    . NCO E 2 . ? -6.537  -3.906  0.968   0.10 39.63 ? 103 NCO A N5    1 
HETATM 361 N  N6    . NCO E 2 . ? -9.195  -4.026  2.538   0.10 40.23 ? 103 NCO A N6    1 
HETATM 362 CO CO    . NCO F 2 . ? -10.918 -8.468  -1.202  0.80 32.76 ? 104 NCO A CO    1 
HETATM 363 N  N1    . NCO F 2 . ? -12.875 -8.890  -1.082  0.80 34.83 ? 104 NCO A N1    1 
HETATM 364 N  N2    . NCO F 2 . ? -8.944  -8.190  -1.388  0.80 39.94 ? 104 NCO A N2    1 
HETATM 365 N  N3    . NCO F 2 . ? -11.203 -6.676  -0.405  0.80 41.40 ? 104 NCO A N3    1 
HETATM 366 N  N4    . NCO F 2 . ? -11.260 -7.664  -2.998  0.80 34.14 ? 104 NCO A N4    1 
HETATM 367 N  N5    . NCO F 2 . ? -10.662 -10.270 -2.049  0.80 32.59 ? 104 NCO A N5    1 
HETATM 368 N  N6    . NCO F 2 . ? -10.794 -9.327  0.576   0.80 37.94 ? 104 NCO A N6    1 
HETATM 369 CO CO    . NCO G 2 . ? 7.960   1.274   2.742   0.30 27.35 ? 101 NCO B CO    1 
HETATM 370 N  N1    . NCO G 2 . ? 6.958   -0.409  2.434   0.30 20.47 ? 101 NCO B N1    1 
HETATM 371 N  N2    . NCO G 2 . ? 9.009   2.947   2.939   0.30 27.20 ? 101 NCO B N2    1 
HETATM 372 N  N3    . NCO G 2 . ? 6.386   2.097   3.610   0.30 31.93 ? 101 NCO B N3    1 
HETATM 373 N  N4    . NCO G 2 . ? 7.228   2.002   1.057   0.30 25.63 ? 101 NCO B N4    1 
HETATM 374 N  N5    . NCO G 2 . ? 9.553   0.541   1.826   0.30 31.02 ? 101 NCO B N5    1 
HETATM 375 N  N6    . NCO G 2 . ? 8.624   0.647   4.497   0.30 26.57 ? 101 NCO B N6    1 
HETATM 376 O  O     . HOH H 3 . ? -6.736  -12.500 2.704   1.00 47.09 ? 201 HOH A O     1 
HETATM 377 O  O     . HOH H 3 . ? 2.715   -8.710  2.228   1.00 65.52 ? 202 HOH A O     1 
HETATM 378 O  O     . HOH H 3 . ? 0.673   -8.855  -0.331  0.50 31.55 ? 203 HOH A O     1 
HETATM 379 O  O     . HOH H 3 . ? -0.307  -5.775  -5.145  1.00 46.21 ? 204 HOH A O     1 
HETATM 380 O  O     . HOH H 3 . ? -7.223  -18.635 3.433   1.00 45.11 ? 205 HOH A O     1 
HETATM 381 O  O     . HOH H 3 . ? -1.997  -0.551  -8.132  1.00 55.62 ? 206 HOH A O     1 
HETATM 382 O  O     . HOH H 3 . ? -9.961  -6.073  -5.775  1.00 40.36 ? 207 HOH A O     1 
HETATM 383 O  O     . HOH H 3 . ? -7.386  1.161   4.543   1.00 76.90 ? 208 HOH A O     1 
HETATM 384 O  O     . HOH H 3 . ? 0.813   -8.930  6.493   1.00 54.02 ? 209 HOH A O     1 
HETATM 385 O  O     . HOH H 3 . ? 1.704   -7.490  8.950   1.00 50.89 ? 210 HOH A O     1 
HETATM 386 O  O     . HOH H 3 . ? -3.472  -14.661 3.739   1.00 53.07 ? 211 HOH A O     1 
HETATM 387 O  O     . HOH H 3 . ? 1.157   6.716   0.731   0.60 38.01 ? 212 HOH A O     1 
HETATM 388 O  O     . HOH H 3 . ? -1.391  4.795   0.274   0.40 37.98 ? 213 HOH A O     1 
HETATM 389 O  O     . HOH I 3 . ? 4.920   0.948   1.189   1.00 49.75 ? 201 HOH B O     1 
HETATM 390 O  O     . HOH I 3 . ? 7.480   2.185   -6.437  1.00 47.99 ? 202 HOH B O     1 
HETATM 391 O  O     . HOH I 3 . ? 8.078   0.485   -0.988  1.00 47.58 ? 203 HOH B O     1 
HETATM 392 O  O     . HOH I 3 . ? 4.485   3.183   -1.360  1.00 43.87 ? 204 HOH B O     1 
HETATM 393 O  O     . HOH I 3 . ? 4.854   -0.133  5.551   1.00 46.46 ? 205 HOH B O     1 
HETATM 394 O  O     . HOH I 3 . ? 1.939   -5.159  11.303  1.00 51.61 ? 206 HOH B O     1 
HETATM 395 O  O     . HOH I 3 . ? -1.089  2.933   -9.569  1.00 51.39 ? 207 HOH B O     1 
HETATM 396 O  O     . HOH I 3 . ? -0.408  1.309   4.876   0.50 37.21 ? 208 HOH B O     1 
HETATM 397 O  O     . HOH I 3 . ? 12.511  -1.391  -1.042  1.00 48.37 ? 209 HOH B O     1 
HETATM 398 O  O     . HOH I 3 . ? 7.916   -6.918  7.612   1.00 57.02 ? 210 HOH B O     1 
HETATM 399 O  O     . HOH I 3 . ? 11.362  -3.033  3.195   1.00 47.83 ? 211 HOH B O     1 
HETATM 400 O  O     . HOH I 3 . ? 2.037   2.703   1.040   1.00 55.66 ? 212 HOH B O     1 
HETATM 401 O  O     . HOH I 3 . ? 2.786   -8.007  -1.868  1.00 49.31 ? 213 HOH B O     1 
HETATM 402 O  O     . HOH I 3 . ? -3.563  1.647   4.970   1.00 39.57 ? 214 HOH B O     1 
HETATM 403 O  O     . HOH I 3 . ? 11.720  -3.709  -6.466  1.00 45.81 ? 215 HOH B O     1 
HETATM 404 O  O     . HOH I 3 . ? 4.540   -3.433  14.538  1.00 60.65 ? 216 HOH B O     1 
HETATM 405 O  O     . HOH I 3 . ? 4.618   5.027   0.516   0.50 43.68 ? 217 HOH B O     1 
# 
loop_
_atom_site_anisotrop.id 
_atom_site_anisotrop.type_symbol 
_atom_site_anisotrop.pdbx_label_atom_id 
_atom_site_anisotrop.pdbx_label_alt_id 
_atom_site_anisotrop.pdbx_label_comp_id 
_atom_site_anisotrop.pdbx_label_asym_id 
_atom_site_anisotrop.pdbx_label_seq_id 
_atom_site_anisotrop.pdbx_PDB_ins_code 
_atom_site_anisotrop.U[1][1] 
_atom_site_anisotrop.U[2][2] 
_atom_site_anisotrop.U[3][3] 
_atom_site_anisotrop.U[1][2] 
_atom_site_anisotrop.U[1][3] 
_atom_site_anisotrop.U[2][3] 
_atom_site_anisotrop.pdbx_auth_seq_id 
_atom_site_anisotrop.pdbx_auth_comp_id 
_atom_site_anisotrop.pdbx_auth_asym_id 
_atom_site_anisotrop.pdbx_auth_atom_id 
1   O  "O5'" . C   A 1 ? 0.5784 0.6446 0.6149 0.0584  -0.1559 -0.1155 1   C   A "O5'" 
2   C  "C5'" . C   A 1 ? 0.6675 0.5201 0.5600 0.0230  -0.1114 -0.1344 1   C   A "C5'" 
3   C  "C4'" . C   A 1 ? 0.4798 0.6292 0.5869 0.0031  -0.0061 -0.0358 1   C   A "C4'" 
4   O  "O4'" . C   A 1 ? 0.5548 0.6325 0.5400 0.0315  -0.0046 -0.0079 1   C   A "O4'" 
5   C  "C3'" . C   A 1 ? 0.5522 0.4441 0.6166 0.0127  0.0180  -0.0543 1   C   A "C3'" 
6   O  "O3'" . C   A 1 ? 0.6133 0.4935 0.4761 -0.0013 0.0394  -0.0485 1   C   A "O3'" 
7   C  "C2'" . C   A 1 ? 0.5489 0.4886 0.6143 0.1112  0.0544  -0.0220 1   C   A "C2'" 
8   O  "O2'" . C   A 1 ? 0.6161 0.4720 0.6878 0.0380  0.0766  0.0557  1   C   A "O2'" 
9   C  "C1'" . C   A 1 ? 0.5004 0.5817 0.4992 0.1597  -0.0052 -0.0137 1   C   A "C1'" 
10  N  N1    . C   A 1 ? 0.5103 0.5161 0.4267 0.0712  -0.0290 0.0152  1   C   A N1    
11  C  C2    . C   A 1 ? 0.4623 0.4011 0.4233 0.0033  -0.0411 -0.0006 1   C   A C2    
12  O  O2    . C   A 1 ? 0.4842 0.4098 0.4597 0.0817  0.0227  -0.0260 1   C   A O2    
13  N  N3    . C   A 1 ? 0.3983 0.4591 0.3848 0.0183  0.0141  0.0138  1   C   A N3    
14  C  C4    . C   A 1 ? 0.4719 0.4306 0.3733 0.0092  -0.0714 -0.0552 1   C   A C4    
15  N  N4    . C   A 1 ? 0.4101 0.4509 0.4451 0.0098  0.0071  -0.0191 1   C   A N4    
16  C  C5    . C   A 1 ? 0.5471 0.5265 0.3436 0.0239  -0.0021 -0.0079 1   C   A C5    
17  C  C6    . C   A 1 ? 0.4653 0.4395 0.5554 0.0290  -0.0653 0.0186  1   C   A C6    
18  P  P     . C   A 2 ? 0.5512 0.6143 0.4651 0.0316  0.0323  -0.0492 2   C   A P     
19  O  OP1   . C   A 2 ? 0.7130 0.9852 0.7670 0.0914  0.1774  -0.1308 2   C   A OP1   
20  O  OP2   . C   A 2 ? 0.6926 0.6535 0.5266 0.0621  0.0478  0.0880  2   C   A OP2   
21  O  "O5'" . C   A 2 ? 0.4850 0.5787 0.4815 0.0247  -0.0089 0.0236  2   C   A "O5'" 
22  C  "C5'" . C   A 2 ? 0.4759 0.5911 0.3972 0.0557  -0.0660 -0.0163 2   C   A "C5'" 
23  C  "C4'" . C   A 2 ? 0.5393 0.5679 0.3807 0.0153  0.0288  -0.0228 2   C   A "C4'" 
24  O  "O4'" . C   A 2 ? 0.4772 0.6022 0.4210 0.0631  0.0265  -0.0861 2   C   A "O4'" 
25  C  "C3'" . C   A 2 ? 0.4572 0.5844 0.4048 0.0039  -0.0196 0.0432  2   C   A "C3'" 
26  O  "O3'" . C   A 2 ? 0.4853 0.6119 0.6216 0.0554  0.0706  -0.0152 2   C   A "O3'" 
27  C  "C2'" . C   A 2 ? 0.3601 0.6902 0.4852 0.0269  0.0308  0.1847  2   C   A "C2'" 
28  O  "O2'" . C   A 2 ? 0.4275 0.5212 0.4999 0.0915  -0.0297 0.0424  2   C   A "O2'" 
29  C  "C1'" . C   A 2 ? 0.3682 0.4695 0.5247 0.1144  0.0479  -0.0621 2   C   A "C1'" 
30  N  N1    . C   A 2 ? 0.3802 0.4191 0.3967 0.0718  -0.0296 0.0150  2   C   A N1    
31  C  C2    . C   A 2 ? 0.3995 0.3834 0.4079 -0.0220 -0.0145 0.0201  2   C   A C2    
32  O  O2    . C   A 2 ? 0.3765 0.4176 0.3973 0.0359  -0.0445 0.0294  2   C   A O2    
33  N  N3    . C   A 2 ? 0.3786 0.4040 0.4298 -0.0091 0.0140  0.0137  2   C   A N3    
34  C  C4    . C   A 2 ? 0.4158 0.3937 0.4257 0.0175  -0.0214 -0.0055 2   C   A C4    
35  N  N4    . C   A 2 ? 0.3432 0.4055 0.4276 -0.0100 -0.0209 -0.0342 2   C   A N4    
36  C  C5    . C   A 2 ? 0.4242 0.4705 0.4379 0.0028  -0.0409 -0.0547 2   C   A C5    
37  C  C6    . C   A 2 ? 0.3665 0.4901 0.4183 0.0205  -0.0788 -0.0263 2   C   A C6    
38  P  P     . C   A 3 ? 0.4734 0.7530 0.5713 0.0162  0.0485  0.0479  3   C   A P     
39  O  OP1   . C   A 3 ? 0.5238 0.8992 0.5669 0.0450  0.0892  0.0543  3   C   A OP1   
40  O  OP2   . C   A 3 ? 0.5237 0.7503 0.5513 0.0798  -0.0196 0.0679  3   C   A OP2   
41  O  "O5'" . C   A 3 ? 0.3624 0.5492 0.5343 0.0154  -0.0295 0.0226  3   C   A "O5'" 
42  C  "C5'" . C   A 3 ? 0.3871 0.5893 0.4862 -0.0256 -0.0667 0.0253  3   C   A "C5'" 
43  C  "C4'" . C   A 3 ? 0.4257 0.4408 0.5203 -0.0969 0.0261  0.0225  3   C   A "C4'" 
44  O  "O4'" . C   A 3 ? 0.3700 0.4277 0.5188 -0.0208 0.0180  0.0484  3   C   A "O4'" 
45  C  "C3'" . C   A 3 ? 0.3959 0.4231 0.4823 -0.0977 0.0612  0.0612  3   C   A "C3'" 
46  O  "O3'" . C   A 3 ? 0.3568 0.4368 0.8477 -0.0527 0.0365  0.0967  3   C   A "O3'" 
47  C  "C2'" . C   A 3 ? 0.3116 0.4519 0.3958 -0.0520 -0.0452 -0.0476 3   C   A "C2'" 
48  O  "O2'" . C   A 3 ? 0.4279 0.4313 0.5315 -0.0198 -0.0827 -0.0251 3   C   A "O2'" 
49  C  "C1'" . C   A 3 ? 0.4150 0.3905 0.4811 -0.0268 -0.0094 0.0372  3   C   A "C1'" 
50  N  N1    . C   A 3 ? 0.4205 0.4168 0.4492 -0.0301 -0.0106 0.0409  3   C   A N1    
51  C  C2    . C   A 3 ? 0.3415 0.3533 0.3712 -0.0310 0.0135  0.0618  3   C   A C2    
52  O  O2    . C   A 3 ? 0.4236 0.4606 0.4062 -0.0586 0.0097  0.0716  3   C   A O2    
53  N  N3    . C   A 3 ? 0.3759 0.3900 0.4137 -0.0165 -0.0322 0.0860  3   C   A N3    
54  C  C4    . C   A 3 ? 0.4092 0.3969 0.4496 -0.0513 -0.0282 0.0198  3   C   A C4    
55  N  N4    . C   A 3 ? 0.3896 0.4093 0.5107 -0.0338 -0.0097 0.0136  3   C   A N4    
56  C  C5    . C   A 3 ? 0.4819 0.4453 0.4270 -0.0013 -0.0111 0.0203  3   C   A C5    
57  C  C6    . C   A 3 ? 0.3830 0.4435 0.4714 -0.0271 0.0552  -0.0050 3   C   A C6    
58  P  P     . C   A 4 ? 0.4541 0.5078 0.6054 -0.0162 0.0429  0.0687  4   C   A P     
59  O  OP1   . C   A 4 ? 0.5301 0.5518 0.7553 -0.0349 0.0437  0.0243  4   C   A OP1   
60  O  OP2   . C   A 4 ? 0.5193 0.7053 0.6363 -0.0009 0.0089  0.1140  4   C   A OP2   
61  O  "O5'" . C   A 4 ? 0.4044 0.5078 0.6183 -0.0440 0.0192  0.0237  4   C   A "O5'" 
62  C  "C5'" . C   A 4 ? 0.4529 0.4327 0.4557 0.0103  -0.0288 0.1108  4   C   A "C5'" 
63  C  "C4'" . C   A 4 ? 0.3808 0.4588 0.6240 -0.0271 0.0224  0.1103  4   C   A "C4'" 
64  O  "O4'" . C   A 4 ? 0.4415 0.4628 0.6200 -0.0316 -0.0189 0.0924  4   C   A "O4'" 
65  C  "C3'" . C   A 4 ? 0.3731 0.3677 0.6010 0.0048  -0.0173 0.0467  4   C   A "C3'" 
66  O  "O3'" . C   A 4 ? 0.4007 0.5853 0.5917 -0.1060 -0.0289 0.1062  4   C   A "O3'" 
67  C  "C2'" . C   A 4 ? 0.3505 0.4246 0.5324 -0.0743 0.0177  -0.0473 4   C   A "C2'" 
68  O  "O2'" . C   A 4 ? 0.5655 0.4771 0.5266 -0.0526 -0.0397 0.0611  4   C   A "O2'" 
69  C  "C1'" . C   A 4 ? 0.4309 0.4427 0.5448 -0.0663 -0.0380 0.0712  4   C   A "C1'" 
70  N  N1    . C   A 4 ? 0.3525 0.3427 0.5017 0.0008  -0.0025 0.0708  4   C   A N1    
71  C  C2    . C   A 4 ? 0.2791 0.3611 0.4842 0.0117  0.0405  0.0480  4   C   A C2    
72  O  O2    . C   A 4 ? 0.4045 0.4169 0.4677 -0.0469 0.0046  0.0767  4   C   A O2    
73  N  N3    . C   A 4 ? 0.3936 0.3387 0.4198 -0.0282 0.0255  0.0567  4   C   A N3    
74  C  C4    . C   A 4 ? 0.3051 0.3175 0.3956 -0.0084 0.0256  0.0597  4   C   A C4    
75  N  N4    . C   A 4 ? 0.3025 0.4185 0.4123 -0.0468 0.0227  0.0604  4   C   A N4    
76  C  C5    . C   A 4 ? 0.3760 0.3312 0.4916 -0.0276 -0.0285 0.1225  4   C   A C5    
77  C  C6    . C   A 4 ? 0.3449 0.3988 0.4239 -0.0475 0.0068  0.0376  4   C   A C6    
78  O  OP2   . GMX A 5 ? 0.3959 0.5502 0.5394 -0.0282 0.1110  0.0194  5   GMX A OP2   
79  P  P     . GMX A 5 ? 0.4255 0.5307 0.6134 -0.0716 -0.0066 0.0712  5   GMX A P     
80  O  OP1   . GMX A 5 ? 0.3017 0.8275 0.9016 0.0940  -0.1785 0.1580  5   GMX A OP1   
81  O  "O5'" . GMX A 5 ? 0.3631 0.4937 0.5519 -0.0892 0.0129  0.0069  5   GMX A "O5'" 
82  C  "C5'" . GMX A 5 ? 0.3739 0.4446 0.4443 -0.0359 -0.0209 0.0473  5   GMX A "C5'" 
83  C  "C6'" . GMX A 5 ? 0.4891 0.4105 0.5982 -0.0988 -0.1570 0.0215  5   GMX A "C6'" 
84  C  "C4'" . GMX A 5 ? 0.4023 0.4452 0.5106 -0.0304 -0.0201 0.0710  5   GMX A "C4'" 
85  O  "O4'" . GMX A 5 ? 0.5171 0.4810 0.4505 -0.0859 -0.0358 0.0888  5   GMX A "O4'" 
86  C  "C1'" . GMX A 5 ? 0.4702 0.4468 0.4528 -0.1445 -0.0194 0.1156  5   GMX A "C1'" 
87  C  "C2'" . GMX A 5 ? 0.4944 0.3403 0.5673 -0.0919 0.0979  0.0207  5   GMX A "C2'" 
88  O  "O2'" . GMX A 5 ? 0.6263 0.4634 0.4553 -0.0580 0.0268  0.0150  5   GMX A "O2'" 
89  C  "C3'" . GMX A 5 ? 0.4284 0.3715 0.4551 -0.0546 0.0304  0.0136  5   GMX A "C3'" 
90  O  "O3'" . GMX A 5 ? 0.4764 0.4202 0.4924 -0.0763 0.0270  0.0635  5   GMX A "O3'" 
91  N  N9    . GMX A 5 ? 0.4524 0.4694 0.4283 -0.0155 -0.0300 0.0377  5   GMX A N9    
92  C  C8    . GMX A 5 ? 0.3778 0.3781 0.4076 -0.0246 -0.0011 0.0560  5   GMX A C8    
93  N  N7    . GMX A 5 ? 0.3765 0.3987 0.4479 -0.0421 -0.0242 0.0500  5   GMX A N7    
94  C  C5    . GMX A 5 ? 0.3938 0.3949 0.4142 -0.0319 0.0273  0.0947  5   GMX A C5    
95  C  C6    . GMX A 5 ? 0.4355 0.3794 0.4822 -0.0101 0.0119  0.0003  5   GMX A C6    
96  O  O6    . GMX A 5 ? 0.3731 0.4151 0.4683 -0.0520 0.0350  0.0401  5   GMX A O6    
97  N  N1    . GMX A 5 ? 0.3074 0.4053 0.5316 -0.0136 0.0639  0.0751  5   GMX A N1    
98  C  C2    . GMX A 5 ? 0.3560 0.5142 0.5041 -0.0004 0.0315  0.0652  5   GMX A C2    
99  N  N2    . GMX A 5 ? 0.4089 0.4358 0.5261 -0.0177 0.0570  0.0907  5   GMX A N2    
100 N  N3    . GMX A 5 ? 0.3632 0.5206 0.4268 -0.0142 0.0289  0.1140  5   GMX A N3    
101 C  C4    . GMX A 5 ? 0.3580 0.4404 0.4777 -0.0117 0.0507  0.0902  5   GMX A C4    
102 P  P     . G   A 6 ? 0.4621 0.3937 0.4622 -0.0433 0.0171  0.0040  6   G   A P     
103 O  OP1   . G   A 6 ? 0.4427 0.3902 0.5254 -0.0647 0.0006  0.0392  6   G   A OP1   
104 O  OP2   . G   A 6 ? 0.5907 0.4180 0.3983 -0.0371 0.0213  0.0236  6   G   A OP2   
105 O  "O5'" . G   A 6 ? 0.4324 0.3933 0.4582 -0.0820 -0.0085 -0.0044 6   G   A "O5'" 
106 C  "C5'" . G   A 6 ? 0.3976 0.5371 0.4010 0.0082  0.0434  -0.0038 6   G   A "C5'" 
107 C  "C4'" . G   A 6 ? 0.4634 0.4380 0.4233 -0.0525 -0.0049 0.0811  6   G   A "C4'" 
108 O  "O4'" . G   A 6 ? 0.4321 0.5243 0.4737 -0.0967 0.0575  0.0208  6   G   A "O4'" 
109 C  "C3'" . G   A 6 ? 0.3610 0.4497 0.4466 -0.0095 -0.0029 0.0552  6   G   A "C3'" 
110 O  "O3'" . G   A 6 ? 0.4402 0.4525 0.4527 -0.0537 -0.0557 -0.0057 6   G   A "O3'" 
111 C  "C2'" . G   A 6 ? 0.4256 0.4326 0.5137 -0.0368 0.0250  0.0173  6   G   A "C2'" 
112 O  "O2'" . G   A 6 ? 0.4147 0.5000 0.4786 -0.0133 0.0649  -0.0356 6   G   A "O2'" 
113 C  "C1'" . G   A 6 ? 0.5105 0.4393 0.4506 -0.0829 0.0336  0.0037  6   G   A "C1'" 
114 N  N9    . G   A 6 ? 0.4881 0.4114 0.4216 -0.0389 0.0717  -0.0022 6   G   A N9    
115 C  C8    . G   A 6 ? 0.4706 0.3501 0.4832 -0.0723 0.0556  0.0528  6   G   A C8    
116 N  N7    . G   A 6 ? 0.4834 0.4807 0.5027 -0.1128 0.0141  0.0145  6   G   A N7    
117 C  C5    . G   A 6 ? 0.4176 0.3920 0.4164 -0.0576 0.0536  0.0431  6   G   A C5    
118 C  C6    . G   A 6 ? 0.3941 0.3261 0.4197 -0.0757 0.0479  0.0384  6   G   A C6    
119 O  O6    . G   A 6 ? 0.4412 0.3982 0.4862 -0.1115 0.0732  -0.0209 6   G   A O6    
120 N  N1    . G   A 6 ? 0.3323 0.3806 0.4321 -0.0658 0.0696  0.0028  6   G   A N1    
121 C  C2    . G   A 6 ? 0.4149 0.3826 0.4318 -0.0685 0.0243  0.0101  6   G   A C2    
122 N  N2    . G   A 6 ? 0.3991 0.5453 0.4977 -0.0397 -0.0030 -0.0004 6   G   A N2    
123 N  N3    . G   A 6 ? 0.4350 0.5225 0.4455 -0.0742 0.0077  0.0318  6   G   A N3    
124 C  C4    . G   A 6 ? 0.3898 0.3965 0.4266 -0.0580 0.0340  0.0131  6   G   A C4    
125 P  P     . G   A 7 ? 0.4311 0.4014 0.4408 -0.0489 -0.0060 0.0192  7   G   A P     
126 O  OP1   . G   A 7 ? 0.4811 0.4260 0.4728 -0.1116 0.0271  -0.0525 7   G   A OP1   
127 O  OP2   . G   A 7 ? 0.4149 0.4083 0.3933 -0.0449 0.0362  0.0023  7   G   A OP2   
128 O  "O5'" . G   A 7 ? 0.4271 0.3717 0.4742 -0.0580 -0.0127 0.0212  7   G   A "O5'" 
129 C  "C5'" . G   A 7 ? 0.3254 0.4499 0.5440 -0.0877 -0.0460 0.0273  7   G   A "C5'" 
130 C  "C4'" . G   A 7 ? 0.4462 0.4508 0.4286 -0.0719 -0.0597 0.1166  7   G   A "C4'" 
131 O  "O4'" . G   A 7 ? 0.4602 0.3919 0.4866 -0.0342 -0.0139 0.0074  7   G   A "O4'" 
132 C  "C3'" . G   A 7 ? 0.4376 0.3759 0.4933 -0.0681 -0.0507 0.0092  7   G   A "C3'" 
133 O  "O3'" . G   A 7 ? 0.5109 0.3927 0.4561 -0.0367 0.0395  -0.0105 7   G   A "O3'" 
134 C  "C2'" . G   A 7 ? 0.3767 0.4120 0.4268 -0.0077 -0.0108 0.0425  7   G   A "C2'" 
135 O  "O2'" . G   A 7 ? 0.4372 0.4094 0.5111 -0.0048 0.0259  0.0778  7   G   A "O2'" 
136 C  "C1'" . G   A 7 ? 0.3656 0.4684 0.4516 -0.0285 -0.0048 0.0423  7   G   A "C1'" 
137 N  N9    . G   A 7 ? 0.3788 0.4104 0.4153 -0.0560 0.0180  0.0078  7   G   A N9    
138 C  C8    . G   A 7 ? 0.4060 0.3723 0.3533 -0.0308 0.0626  0.0274  7   G   A C8    
139 N  N7    . G   A 7 ? 0.4175 0.3345 0.3405 -0.0412 0.0271  0.0160  7   G   A N7    
140 C  C5    . G   A 7 ? 0.3349 0.3342 0.3512 -0.0304 0.0365  -0.0035 7   G   A C5    
141 C  C6    . G   A 7 ? 0.3555 0.3153 0.3480 -0.0611 0.0062  0.0034  7   G   A C6    
142 O  O6    . G   A 7 ? 0.3885 0.4027 0.4578 -0.0174 0.0008  0.0272  7   G   A O6    
143 N  N1    . G   A 7 ? 0.3409 0.3586 0.4002 -0.0440 0.0047  0.0748  7   G   A N1    
144 C  C2    . G   A 7 ? 0.3342 0.3513 0.4208 -0.0460 0.0143  -0.0009 7   G   A C2    
145 N  N2    . G   A 7 ? 0.3983 0.4501 0.4132 -0.0671 0.0107  0.0499  7   G   A N2    
146 N  N3    . G   A 7 ? 0.3075 0.3713 0.3540 -0.0290 0.0101  0.0159  7   G   A N3    
147 C  C4    . G   A 7 ? 0.3486 0.3625 0.3387 -0.0618 0.0240  0.0312  7   G   A C4    
148 P  P     . G   A 8 ? 0.4708 0.3656 0.4631 -0.0633 0.0126  0.0215  8   G   A P     
149 O  OP1   . G   A 8 ? 0.5877 0.3152 0.5616 -0.0751 0.0875  0.0435  8   G   A OP1   
150 O  OP2   . G   A 8 ? 0.4399 0.4339 0.4938 -0.0470 -0.0355 -0.0077 8   G   A OP2   
151 O  "O5'" . G   A 8 ? 0.5293 0.4876 0.4154 -0.0616 -0.0261 0.0411  8   G   A "O5'" 
152 C  "C5'" . G   A 8 ? 0.4599 0.4508 0.4020 -0.0955 -0.0434 -0.0093 8   G   A "C5'" 
153 C  "C4'" . G   A 8 ? 0.5402 0.4193 0.3678 -0.0944 0.0308  -0.0142 8   G   A "C4'" 
154 O  "O4'" . G   A 8 ? 0.5115 0.3731 0.4810 -0.0796 -0.0227 0.0147  8   G   A "O4'" 
155 C  "C3'" . G   A 8 ? 0.5151 0.4886 0.3556 -0.0186 -0.0229 0.0799  8   G   A "C3'" 
156 O  "O3'" . G   A 8 ? 0.5195 0.4691 0.4106 -0.0423 -0.0063 0.0827  8   G   A "O3'" 
157 C  "C2'" . G   A 8 ? 0.5409 0.5040 0.4408 -0.0500 0.0021  0.0378  8   G   A "C2'" 
158 O  "O2'" . G   A 8 ? 0.7608 0.4281 0.4222 -0.0311 -0.0766 0.0157  8   G   A "O2'" 
159 C  "C1'" . G   A 8 ? 0.4473 0.3506 0.5031 -0.0155 0.0667  0.0090  8   G   A "C1'" 
160 N  N9    . G   A 8 ? 0.4177 0.3980 0.4108 -0.0520 -0.0157 0.0060  8   G   A N9    
161 C  C8    . G   A 8 ? 0.3854 0.4836 0.3826 -0.0369 -0.0100 0.0567  8   G   A C8    
162 N  N7    . G   A 8 ? 0.3619 0.4278 0.4088 0.0013  0.0141  0.0260  8   G   A N7    
163 C  C5    . G   A 8 ? 0.3792 0.4159 0.3699 0.0154  0.0353  -0.0055 8   G   A C5    
164 C  C6    . G   A 8 ? 0.3659 0.4595 0.3770 0.0471  0.0586  0.0208  8   G   A C6    
165 O  O6    . G   A 8 ? 0.4313 0.5539 0.4584 0.0678  0.0859  0.1033  8   G   A O6    
166 N  N1    . G   A 8 ? 0.4243 0.5077 0.4624 0.0819  0.0462  0.1072  8   G   A N1    
167 C  C2    . G   A 8 ? 0.3540 0.4711 0.3803 -0.0062 0.0401  0.0163  8   G   A C2    
168 N  N2    . G   A 8 ? 0.4511 0.4903 0.3461 -0.0358 0.0153  0.0705  8   G   A N2    
169 N  N3    . G   A 8 ? 0.4284 0.4674 0.3848 -0.0697 0.1136  0.0092  8   G   A N3    
170 C  C4    . G   A 8 ? 0.4219 0.3904 0.3813 -0.0211 0.0435  0.0384  8   G   A C4    
171 O  "O5'" . C   B 1 ? 0.9529 0.8608 0.6870 -0.1092 -0.2412 -0.0190 9   C   B "O5'" 
172 C  "C5'" . C   B 1 ? 0.9937 0.7189 0.8400 0.0306  -0.3851 -0.0640 9   C   B "C5'" 
173 C  "C4'" . C   B 1 ? 0.6153 0.7109 0.7414 -0.0772 0.0416  -0.0912 9   C   B "C4'" 
174 O  "O4'" . C   B 1 ? 0.7535 0.4873 0.6684 -0.0669 -0.1397 0.0593  9   C   B "O4'" 
175 C  "C3'" . C   B 1 ? 0.6696 0.5093 0.8812 0.0399  -0.0798 0.0029  9   C   B "C3'" 
176 O  "O3'" . C   B 1 ? 0.7568 0.7882 0.6656 -0.0597 -0.1708 -0.0774 9   C   B "O3'" 
177 C  "C2'" . C   B 1 ? 0.5641 0.5450 0.7307 0.0297  0.0153  -0.0322 9   C   B "C2'" 
178 O  "O2'" . C   B 1 ? 1.0605 0.8701 0.5581 -0.0503 0.0603  0.0594  9   C   B "O2'" 
179 C  "C1'" . C   B 1 ? 0.6119 0.5356 0.5723 -0.0202 -0.0161 0.0199  9   C   B "C1'" 
180 N  N1    . C   B 1 ? 0.5213 0.4185 0.5473 -0.0221 0.0559  0.0848  9   C   B N1    
181 C  C2    . C   B 1 ? 0.4255 0.4081 0.4450 0.0913  -0.0191 -0.0121 9   C   B C2    
182 O  O2    . C   B 1 ? 0.4958 0.5210 0.5027 0.1072  0.0400  0.0795  9   C   B O2    
183 N  N3    . C   B 1 ? 0.4100 0.4877 0.4475 0.0269  0.0020  0.0153  9   C   B N3    
184 C  C4    . C   B 1 ? 0.3864 0.3570 0.4240 0.0262  -0.0231 -0.0079 9   C   B C4    
185 N  N4    . C   B 1 ? 0.4333 0.6250 0.4441 0.0580  -0.0529 -0.0383 9   C   B N4    
186 C  C5    . C   B 1 ? 0.4679 0.3447 0.4744 0.0327  0.0398  0.0280  9   C   B C5    
187 C  C6    . C   B 1 ? 0.6087 0.4311 0.4803 0.0610  0.0215  0.0455  9   C   B C6    
188 P  P     . C   B 2 ? 0.8390 0.7045 0.7382 -0.0637 -0.0481 0.0350  10  C   B P     
189 O  OP1   . C   B 2 ? 1.2555 0.7308 1.1834 -0.0493 -0.3468 0.0607  10  C   B OP1   
190 O  OP2   . C   B 2 ? 0.9001 0.6592 0.6796 -0.2624 0.0600  0.0911  10  C   B OP2   
191 O  "O5'" . C   B 2 ? 0.7328 0.7852 0.6222 0.0953  -0.2395 0.0764  10  C   B "O5'" 
192 C  "C5'" . C   B 2 ? 0.8145 0.7910 0.4064 -0.0840 -0.1506 0.0680  10  C   B "C5'" 
193 C  "C4'" . C   B 2 ? 0.5148 0.8864 0.6426 0.0910  -0.1772 0.0696  10  C   B "C4'" 
194 O  "O4'" . C   B 2 ? 0.6412 0.4992 0.4514 -0.0186 -0.0432 0.0013  10  C   B "O4'" 
195 C  "C3'" . C   B 2 ? 0.6985 0.5218 0.7930 -0.0158 -0.1458 0.0079  10  C   B "C3'" 
196 O  "O3'" . C   B 2 ? 0.5626 0.5721 0.7632 0.0286  -0.0278 0.0448  10  C   B "O3'" 
197 C  "C2'" . C   B 2 ? 0.4528 0.4948 0.5107 -0.0383 -0.0405 0.0694  10  C   B "C2'" 
198 O  "O2'" . C   B 2 ? 0.5407 0.5305 0.5212 -0.1201 -0.1016 0.0925  10  C   B "O2'" 
199 C  "C1'" . C   B 2 ? 0.5089 0.5065 0.5435 0.0372  -0.0876 -0.0187 10  C   B "C1'" 
200 N  N1    . C   B 2 ? 0.4842 0.3846 0.4814 -0.0414 -0.0371 -0.0273 10  C   B N1    
201 C  C2    . C   B 2 ? 0.3504 0.3725 0.4026 -0.0545 0.0634  -0.0414 10  C   B C2    
202 O  O2    . C   B 2 ? 0.3432 0.3983 0.4739 -0.0602 -0.0043 0.0065  10  C   B O2    
203 N  N3    . C   B 2 ? 0.4127 0.4326 0.4517 -0.0305 0.0362  0.0140  10  C   B N3    
204 C  C4    . C   B 2 ? 0.4073 0.3646 0.3764 -0.0519 0.0251  -0.0265 10  C   B C4    
205 N  N4    . C   B 2 ? 0.4313 0.4395 0.3805 -0.0107 0.0459  -0.0244 10  C   B N4    
206 C  C5    . C   B 2 ? 0.4425 0.3485 0.3723 -0.0278 0.0642  0.0025  10  C   B C5    
207 C  C6    . C   B 2 ? 0.4627 0.4158 0.4346 0.0065  0.0383  0.0349  10  C   B C6    
208 P  P     . C   B 3 ? 0.4760 0.7637 0.6935 0.1221  -0.0338 -0.0351 11  C   B P     
209 O  OP1   . C   B 3 ? 1.0642 0.5482 0.8675 -0.0252 0.0313  0.0229  11  C   B OP1   
210 O  OP2   . C   B 3 ? 0.6052 0.4927 0.5594 -0.0200 0.0301  0.0720  11  C   B OP2   
211 O  "O5'" . C   B 3 ? 0.3429 0.8658 0.8218 -0.0934 -0.0381 0.0656  11  C   B "O5'" 
212 C  "C5'" . C   B 3 ? 0.6735 0.6054 0.7176 -0.1109 0.0293  -0.0220 11  C   B "C5'" 
213 C  "C4'" . C   B 3 ? 0.3999 0.7270 0.5042 0.0317  -0.0095 0.0403  11  C   B "C4'" 
214 O  "O4'" . C   B 3 ? 0.4841 0.5837 0.4912 -0.1703 -0.0780 0.0818  11  C   B "O4'" 
215 C  "C3'" . C   B 3 ? 0.5111 0.6275 0.5742 -0.1134 0.0255  -0.1029 11  C   B "C3'" 
216 O  "O3'" . C   B 3 ? 0.6183 0.7463 0.4843 0.1220  0.0887  0.1763  11  C   B "O3'" 
217 C  "C2'" . C   B 3 ? 0.5124 0.5057 0.5140 -0.0940 0.0635  -0.0227 11  C   B "C2'" 
218 O  "O2'" . C   B 3 ? 0.5850 0.5181 0.7524 -0.1631 0.0062  0.0820  11  C   B "O2'" 
219 C  "C1'" . C   B 3 ? 0.4486 0.4455 0.5643 -0.1006 0.0541  -0.0018 11  C   B "C1'" 
220 N  N1    . C   B 3 ? 0.4052 0.4471 0.3901 -0.0764 0.0776  0.0214  11  C   B N1    
221 C  C2    . C   B 3 ? 0.3881 0.3799 0.3520 -0.0670 0.0371  -0.0085 11  C   B C2    
222 O  O2    . C   B 3 ? 0.4807 0.4483 0.4970 -0.0879 0.0388  -0.0197 11  C   B O2    
223 N  N3    . C   B 3 ? 0.3778 0.4184 0.5043 -0.0643 0.0459  -0.0071 11  C   B N3    
224 C  C4    . C   B 3 ? 0.4652 0.4442 0.4450 -0.0964 0.0581  -0.0181 11  C   B C4    
225 N  N4    . C   B 3 ? 0.3986 0.4848 0.4925 -0.0960 0.0369  0.0208  11  C   B N4    
226 C  C5    . C   B 3 ? 0.4203 0.4262 0.4265 -0.0820 0.0032  -0.0066 11  C   B C5    
227 C  C6    . C   B 3 ? 0.4337 0.4078 0.4767 -0.1064 0.0980  0.0630  11  C   B C6    
228 P  P     . C   B 4 ? 0.4228 0.5030 0.5251 -0.0188 0.0067  -0.0283 12  C   B P     
229 O  OP1   . C   B 4 ? 0.5372 0.5785 0.5004 0.0020  0.0741  0.0484  12  C   B OP1   
230 O  OP2   . C   B 4 ? 0.4076 0.4668 0.5319 -0.0422 0.0408  0.0072  12  C   B OP2   
231 O  "O5'" . C   B 4 ? 0.4778 0.4794 0.4992 0.0367  0.0226  -0.0488 12  C   B "O5'" 
232 C  "C5'" . C   B 4 ? 0.4427 0.4912 0.3862 -0.0414 -0.0136 -0.0508 12  C   B "C5'" 
233 C  "C4'" . C   B 4 ? 0.4943 0.4794 0.4869 -0.1511 -0.0249 -0.0152 12  C   B "C4'" 
234 O  "O4'" . C   B 4 ? 0.4192 0.5018 0.5465 -0.0039 -0.0935 0.0374  12  C   B "O4'" 
235 C  "C3'" . C   B 4 ? 0.4361 0.6684 0.4691 -0.0634 -0.0608 0.0764  12  C   B "C3'" 
236 O  "O3'" . C   B 4 ? 0.4395 0.4989 0.6886 -0.0543 -0.0128 0.0847  12  C   B "O3'" 
237 C  "C2'" . C   B 4 ? 0.5259 0.4265 0.6389 -0.0729 0.0503  -0.0507 12  C   B "C2'" 
238 O  "O2'" . C   B 4 ? 0.3793 0.4875 0.6171 -0.0173 -0.0848 -0.0311 12  C   B "O2'" 
239 C  "C1'" . C   B 4 ? 0.5090 0.5866 0.5212 0.0442  0.0020  0.0889  12  C   B "C1'" 
240 N  N1    . C   B 4 ? 0.4745 0.4195 0.4976 -0.0960 0.0361  0.0438  12  C   B N1    
241 C  C2    . C   B 4 ? 0.3638 0.3877 0.4156 -0.0723 0.0380  0.0207  12  C   B C2    
242 O  O2    . C   B 4 ? 0.4698 0.4992 0.5869 -0.0341 -0.0236 -0.0164 12  C   B O2    
243 N  N3    . C   B 4 ? 0.4128 0.4330 0.4482 -0.1004 0.0541  -0.0079 12  C   B N3    
244 C  C4    . C   B 4 ? 0.4125 0.3885 0.3685 -0.0483 0.0251  0.0252  12  C   B C4    
245 N  N4    . C   B 4 ? 0.3338 0.5220 0.4462 -0.0236 0.1096  0.0655  12  C   B N4    
246 C  C5    . C   B 4 ? 0.3252 0.4574 0.4094 -0.0991 0.0527  0.0767  12  C   B C5    
247 C  C6    . C   B 4 ? 0.3149 0.4886 0.3939 -0.1146 0.0602  -0.0088 12  C   B C6    
248 O  OP2   . GMX B 5 ? 0.5131 0.5421 0.5052 -0.0862 0.0565  -0.0012 13  GMX B OP2   
249 P  P     . GMX B 5 ? 0.4022 0.5068 0.5770 -0.0122 0.0392  0.0793  13  GMX B P     
250 O  OP1   . GMX B 5 ? 0.3724 0.5302 0.6151 0.0393  0.0247  0.1208  13  GMX B OP1   
251 O  "O5'" . GMX B 5 ? 0.4508 0.4055 0.5653 0.0092  0.0547  0.0338  13  GMX B "O5'" 
252 C  "C5'" . GMX B 5 ? 0.4891 0.4108 0.4621 -0.0350 0.0535  0.0502  13  GMX B "C5'" 
253 C  "C6'" . GMX B 5 ? 0.4256 0.4868 0.5732 -0.0600 0.1554  -0.1058 13  GMX B "C6'" 
254 C  "C4'" . GMX B 5 ? 0.4357 0.5685 0.5591 -0.0449 -0.0025 0.0481  13  GMX B "C4'" 
255 O  "O4'" . GMX B 5 ? 0.5139 0.4364 0.5279 0.0601  0.0420  0.1208  13  GMX B "O4'" 
256 C  "C1'" . GMX B 5 ? 0.5428 0.4002 0.5878 0.0011  0.0103  0.0262  13  GMX B "C1'" 
257 C  "C2'" . GMX B 5 ? 0.4971 0.4886 0.5053 0.0818  0.0228  -0.0635 13  GMX B "C2'" 
258 O  "O2'" . GMX B 5 ? 0.7087 0.4993 0.5725 0.0546  -0.0435 -0.0312 13  GMX B "O2'" 
259 C  "C3'" . GMX B 5 ? 0.5428 0.4844 0.5394 -0.0517 0.0347  -0.0271 13  GMX B "C3'" 
260 O  "O3'" . GMX B 5 ? 0.4899 0.4515 0.7081 -0.0380 0.1983  -0.0219 13  GMX B "O3'" 
261 N  N9    . GMX B 5 ? 0.3839 0.4235 0.4461 -0.0100 -0.0196 0.0884  13  GMX B N9    
262 C  C8    . GMX B 5 ? 0.4841 0.3479 0.4059 -0.0312 0.0398  0.0730  13  GMX B C8    
263 N  N7    . GMX B 5 ? 0.3998 0.4172 0.3449 -0.0149 0.0470  0.1015  13  GMX B N7    
264 C  C5    . GMX B 5 ? 0.3571 0.3835 0.4099 0.0223  0.0092  0.0628  13  GMX B C5    
265 C  C6    . GMX B 5 ? 0.3719 0.4119 0.4086 -0.0049 0.0182  0.0406  13  GMX B C6    
266 O  O6    . GMX B 5 ? 0.3427 0.4250 0.3914 -0.0228 0.0324  0.0478  13  GMX B O6    
267 N  N1    . GMX B 5 ? 0.3881 0.3343 0.3682 -0.0948 0.0001  0.0641  13  GMX B N1    
268 C  C2    . GMX B 5 ? 0.4070 0.4180 0.4139 0.0203  0.0118  0.0469  13  GMX B C2    
269 N  N2    . GMX B 5 ? 0.3914 0.4272 0.4208 -0.0642 -0.0269 0.0678  13  GMX B N2    
270 N  N3    . GMX B 5 ? 0.4098 0.4724 0.4798 -0.0007 -0.0053 0.1078  13  GMX B N3    
271 C  C4    . GMX B 5 ? 0.3916 0.4273 0.3943 -0.0203 0.0082  0.0908  13  GMX B C4    
272 P  P     . G   B 6 ? 0.4799 0.5592 0.6083 -0.0215 0.1152  0.0218  14  G   B P     
273 O  OP1   . G   B 6 ? 0.5676 0.5200 0.6296 -0.0584 0.1045  -0.1844 14  G   B OP1   
274 O  OP2   . G   B 6 ? 0.5546 0.5921 0.5259 -0.0077 0.0789  -0.0052 14  G   B OP2   
275 O  "O5'" . G   B 6 ? 0.5254 0.4615 0.5076 0.0134  0.0119  -0.0293 14  G   B "O5'" 
276 C  "C5'" . G   B 6 ? 0.4516 0.4529 0.6282 -0.0166 -0.0057 -0.0727 14  G   B "C5'" 
277 C  "C4'" . G   B 6 ? 0.5160 0.5329 0.5410 0.0195  0.0458  -0.0558 14  G   B "C4'" 
278 O  "O4'" . G   B 6 ? 0.5445 0.4995 0.4346 0.0569  -0.0097 0.0151  14  G   B "O4'" 
279 C  "C3'" . G   B 6 ? 0.4913 0.5732 0.5615 0.0660  0.0874  0.0576  14  G   B "C3'" 
280 O  "O3'" . G   B 6 ? 0.5847 0.4473 0.6241 -0.0201 0.1832  0.0058  14  G   B "O3'" 
281 C  "C2'" . G   B 6 ? 0.5429 0.6149 0.3333 -0.0041 0.0925  -0.0262 14  G   B "C2'" 
282 O  "O2'" . G   B 6 ? 0.6109 0.5351 0.5192 -0.0394 -0.0247 -0.0430 14  G   B "O2'" 
283 C  "C1'" . G   B 6 ? 0.6541 0.4301 0.4191 0.1010  0.0945  0.0086  14  G   B "C1'" 
284 N  N9    . G   B 6 ? 0.4764 0.4582 0.4720 0.0052  0.0358  -0.0007 14  G   B N9    
285 C  C8    . G   B 6 ? 0.4394 0.3858 0.4194 -0.0816 0.0879  0.0580  14  G   B C8    
286 N  N7    . G   B 6 ? 0.4756 0.4217 0.4497 -0.0136 0.0831  0.0465  14  G   B N7    
287 C  C5    . G   B 6 ? 0.4742 0.3312 0.3770 -0.0173 0.0936  0.0585  14  G   B C5    
288 C  C6    . G   B 6 ? 0.3522 0.3437 0.3558 -0.0098 0.0488  0.0670  14  G   B C6    
289 O  O6    . G   B 6 ? 0.4164 0.4264 0.4270 -0.0291 0.0317  0.0370  14  G   B O6    
290 N  N1    . G   B 6 ? 0.3477 0.3882 0.3896 -0.0342 0.0118  0.0668  14  G   B N1    
291 C  C2    . G   B 6 ? 0.4035 0.4055 0.3918 -0.0092 0.0406  0.0737  14  G   B C2    
292 N  N2    . G   B 6 ? 0.3431 0.4455 0.4449 -0.0057 -0.0014 0.0653  14  G   B N2    
293 N  N3    . G   B 6 ? 0.4464 0.4524 0.4448 -0.0109 -0.0035 0.0082  14  G   B N3    
294 C  C4    . G   B 6 ? 0.4195 0.3593 0.4927 -0.0288 0.0176  0.0794  14  G   B C4    
295 P  P     . G   B 7 ? 0.5714 0.5501 0.5056 -0.0216 0.0882  0.0187  15  G   B P     
296 O  OP1   . G   B 7 ? 0.7150 0.5549 0.6539 0.0518  0.3061  -0.0128 15  G   B OP1   
297 O  OP2   . G   B 7 ? 0.4423 0.5358 0.5449 -0.0426 0.0989  0.0760  15  G   B OP2   
298 O  "O5'" . G   B 7 ? 0.6486 0.5044 0.5488 0.0363  0.0242  0.0761  15  G   B "O5'" 
299 C  "C5'" . G   B 7 ? 0.4265 0.4589 0.6161 0.1306  -0.0003 -0.0238 15  G   B "C5'" 
300 C  "C4'" . G   B 7 ? 0.4175 0.4245 0.5517 0.0508  0.0878  -0.0007 15  G   B "C4'" 
301 O  "O4'" . G   B 7 ? 0.4957 0.4390 0.5225 0.0087  0.1111  0.0024  15  G   B "O4'" 
302 C  "C3'" . G   B 7 ? 0.5563 0.4113 0.5124 0.0331  0.1437  0.0323  15  G   B "C3'" 
303 O  "O3'" . G   B 7 ? 0.6297 0.4595 0.5471 -0.0725 0.0311  0.0664  15  G   B "O3'" 
304 C  "C2'" . G   B 7 ? 0.4045 0.4704 0.4133 -0.0165 0.0080  0.0395  15  G   B "C2'" 
305 O  "O2'" . G   B 7 ? 0.5340 0.4710 0.4465 0.0199  -0.0420 -0.0151 15  G   B "O2'" 
306 C  "C1'" . G   B 7 ? 0.4326 0.4024 0.3989 -0.0073 0.0281  -0.0076 15  G   B "C1'" 
307 N  N9    . G   B 7 ? 0.4453 0.4160 0.4284 -0.0158 0.0133  0.0598  15  G   B N9    
308 C  C8    . G   B 7 ? 0.3456 0.3349 0.3754 -0.0248 0.0161  0.0245  15  G   B C8    
309 N  N7    . G   B 7 ? 0.4136 0.3947 0.3450 0.0184  0.0460  0.0098  15  G   B N7    
310 C  C5    . G   B 7 ? 0.3977 0.3442 0.4028 -0.0501 0.0405  0.0276  15  G   B C5    
311 C  C6    . G   B 7 ? 0.3853 0.3594 0.3863 -0.0498 0.0157  0.0196  15  G   B C6    
312 O  O6    . G   B 7 ? 0.3756 0.4438 0.3785 -0.0455 0.0202  0.0557  15  G   B O6    
313 N  N1    . G   B 7 ? 0.3636 0.3643 0.4079 -0.0443 0.0019  0.0477  15  G   B N1    
314 C  C2    . G   B 7 ? 0.4326 0.3766 0.4577 -0.0774 0.0192  -0.0213 15  G   B C2    
315 N  N2    . G   B 7 ? 0.3853 0.4454 0.5273 -0.0410 0.0549  0.0730  15  G   B N2    
316 N  N3    . G   B 7 ? 0.3985 0.3700 0.3979 -0.0408 -0.0147 0.0122  15  G   B N3    
317 C  C4    . G   B 7 ? 0.3894 0.3723 0.3933 -0.0492 0.0310  0.0463  15  G   B C4    
318 P  P     . G   B 8 ? 0.5176 0.5075 0.4585 -0.0048 0.0395  -0.0058 16  G   B P     
319 O  OP1   . G   B 8 ? 0.6164 0.5713 0.3718 -0.0913 0.0667  -0.0211 16  G   B OP1   
320 O  OP2   . G   B 8 ? 0.4921 0.4066 0.4630 0.0166  0.0338  0.0375  16  G   B OP2   
321 O  "O5'" . G   B 8 ? 0.5112 0.5137 0.4574 -0.0209 -0.0242 -0.0112 16  G   B "O5'" 
322 C  "C5'" . G   B 8 ? 0.4672 0.4461 0.5380 -0.0057 -0.0314 -0.0264 16  G   B "C5'" 
323 C  "C4'" . G   B 8 ? 0.5251 0.4769 0.4208 -0.0302 -0.0186 0.0329  16  G   B "C4'" 
324 O  "O4'" . G   B 8 ? 0.4538 0.5515 0.3782 -0.0457 -0.0239 0.0057  16  G   B "O4'" 
325 C  "C3'" . G   B 8 ? 0.4212 0.4599 0.4107 0.0418  -0.0644 -0.0054 16  G   B "C3'" 
326 O  "O3'" . G   B 8 ? 0.5297 0.4840 0.3387 -0.0055 -0.0325 -0.0340 16  G   B "O3'" 
327 C  "C2'" . G   B 8 ? 0.4624 0.4260 0.5144 0.0573  0.0844  0.0318  16  G   B "C2'" 
328 O  "O2'" . G   B 8 ? 0.4971 0.6177 0.4725 0.0971  -0.0420 0.0180  16  G   B "O2'" 
329 C  "C1'" . G   B 8 ? 0.4533 0.4706 0.3503 -0.0190 -0.0066 0.0146  16  G   B "C1'" 
330 N  N9    . G   B 8 ? 0.4226 0.4530 0.4545 -0.0249 -0.0278 0.0064  16  G   B N9    
331 C  C8    . G   B 8 ? 0.4377 0.3998 0.4097 -0.0308 -0.0347 0.0285  16  G   B C8    
332 N  N7    . G   B 8 ? 0.3899 0.3598 0.3969 -0.0652 -0.0101 -0.0040 16  G   B N7    
333 C  C5    . G   B 8 ? 0.3529 0.3314 0.3256 -0.0488 -0.0085 0.0149  16  G   B C5    
334 C  C6    . G   B 8 ? 0.4143 0.3851 0.3203 -0.0296 0.0039  0.0133  16  G   B C6    
335 O  O6    . G   B 8 ? 0.3782 0.3936 0.3927 -0.0513 -0.0257 0.0331  16  G   B O6    
336 N  N1    . G   B 8 ? 0.3578 0.4333 0.4485 -0.0290 0.0162  0.0387  16  G   B N1    
337 C  C2    . G   B 8 ? 0.3520 0.4346 0.3640 -0.0331 0.0357  0.0025  16  G   B C2    
338 N  N2    . G   B 8 ? 0.3943 0.4448 0.3813 0.0234  0.0610  0.0359  16  G   B N2    
339 N  N3    . G   B 8 ? 0.4000 0.4523 0.3615 -0.0301 0.0166  0.0270  16  G   B N3    
340 C  C4    . G   B 8 ? 0.3863 0.3703 0.4343 -0.0307 -0.0349 0.0372  16  G   B C4    
341 CO CO    . NCO C . ? 0.6220 0.4046 0.4494 -0.0276 -0.0408 -0.0309 101 NCO A CO    
342 N  N1    . NCO C . ? 0.5316 0.4196 0.5631 0.0815  -0.1954 -0.0760 101 NCO A N1    
343 N  N2    . NCO C . ? 0.6726 0.7596 0.7870 0.0495  -0.0756 -0.1846 101 NCO A N2    
344 N  N3    . NCO C . ? 0.7532 0.4024 0.3748 0.0041  0.0312  -0.0583 101 NCO A N3    
345 N  N4    . NCO C . ? 0.6705 0.4735 0.4227 0.1075  -0.0273 -0.0491 101 NCO A N4    
346 N  N5    . NCO C . ? 0.6424 0.3410 0.3549 -0.1097 -0.0274 -0.0252 101 NCO A N5    
347 N  N6    . NCO C . ? 0.8025 0.6561 0.4242 -0.0187 0.0254  0.0217  101 NCO A N6    
348 CO CO    . NCO D . ? 0.3763 0.4488 0.4514 -0.0112 0.0159  0.0131  102 NCO A CO    
349 N  N1    . NCO D . ? 0.4955 0.5053 0.4846 0.0507  -0.1201 0.0969  102 NCO A N1    
350 N  N2    . NCO D . ? 0.4545 0.3895 0.5628 0.0112  -0.0604 0.0408  102 NCO A N2    
351 N  N3    . NCO D . ? 0.4602 0.6453 0.4281 -0.0369 -0.0153 0.0688  102 NCO A N3    
352 N  N4    . NCO D . ? 0.5586 0.4703 0.6179 -0.0438 0.1359  -0.0159 102 NCO A N4    
353 N  N5    . NCO D . ? 0.4409 0.3684 0.4948 -0.0059 0.1244  0.0496  102 NCO A N5    
354 N  N6    . NCO D . ? 0.2570 0.4440 0.4920 -0.0508 -0.0047 0.0461  102 NCO A N6    
355 CO CO    . NCO E . ? 0.4873 0.5405 0.5209 -0.0128 -0.0627 -0.0151 103 NCO A CO    
356 N  N1    . NCO E . ? 0.5673 0.5486 0.5458 -0.0738 0.0024  0.1054  103 NCO A N1    
357 N  N2    . NCO E . ? 0.2748 0.5088 0.4660 -0.1807 -0.0646 0.1600  103 NCO A N2    
358 N  N3    . NCO E . ? 0.4095 0.6278 0.3286 -0.1162 -0.1139 0.1772  103 NCO A N3    
359 N  N4    . NCO E . ? 0.4952 0.5338 0.3253 -0.0554 -0.1749 0.0583  103 NCO A N4    
360 N  N5    . NCO E . ? 0.4386 0.6447 0.4223 -0.0709 -0.0350 0.1427  103 NCO A N5    
361 N  N6    . NCO E . ? 0.5604 0.5100 0.4578 -0.0705 0.0057  0.0838  103 NCO A N6    
362 CO CO    . NCO F . ? 0.4351 0.3988 0.4108 -0.0020 0.0200  -0.0097 104 NCO A CO    
363 N  N1    . NCO F . ? 0.4099 0.4034 0.5098 0.0217  -0.0242 0.0111  104 NCO A N1    
364 N  N2    . NCO F . ? 0.4970 0.5816 0.4386 0.0259  0.0557  0.0004  104 NCO A N2    
365 N  N3    . NCO F . ? 0.6286 0.5171 0.4271 -0.0304 0.1293  -0.1104 104 NCO A N3    
366 N  N4    . NCO F . ? 0.4978 0.4502 0.3489 0.0246  -0.0577 -0.0330 104 NCO A N4    
367 N  N5    . NCO F . ? 0.4292 0.3807 0.4282 -0.0678 0.0502  -0.0203 104 NCO A N5    
368 N  N6    . NCO F . ? 0.5134 0.4375 0.4904 0.0307  0.1487  0.1461  104 NCO A N6    
369 CO CO    . NCO G . ? 0.3295 0.3401 0.3696 -0.0458 0.0165  0.0403  101 NCO B CO    
370 N  N1    . NCO G . ? 0.1877 0.3191 0.2709 -0.0081 -0.0087 0.0682  101 NCO B N1    
371 N  N2    . NCO G . ? 0.3493 0.3044 0.3795 -0.0014 -0.0498 0.0539  101 NCO B N2    
372 N  N3    . NCO G . ? 0.4548 0.3009 0.4575 -0.0584 0.1014  -0.0192 101 NCO B N3    
373 N  N4    . NCO G . ? 0.3090 0.3346 0.3300 -0.0944 -0.0224 -0.0537 101 NCO B N4    
374 N  N5    . NCO G . ? 0.4145 0.3103 0.4536 0.0404  0.0385  -0.0085 101 NCO B N5    
375 N  N6    . NCO G . ? 0.2976 0.3365 0.3753 -0.0737 0.0200  0.0030  101 NCO B N6    
376 O  O     . HOH H . ? 0.5780 0.5495 0.6614 -0.1026 0.0076  -0.0346 201 HOH A O     
377 O  O     . HOH H . ? 0.8724 0.7720 0.8450 -0.0658 -0.0578 0.0286  202 HOH A O     
378 O  O     . HOH H . ? 0.2521 0.5292 0.4171 -0.0114 -0.0608 -0.0470 203 HOH A O     
379 O  O     . HOH H . ? 0.4707 0.7349 0.5498 -0.1810 0.0451  0.0659  204 HOH A O     
380 O  O     . HOH H . ? 0.6606 0.5256 0.5275 0.0702  -0.0139 -0.0125 205 HOH A O     
381 O  O     . HOH H . ? 0.9290 0.5139 0.6704 0.0959  0.0950  0.1006  206 HOH A O     
382 O  O     . HOH H . ? 0.5327 0.3830 0.6175 -0.1027 -0.0162 -0.0447 207 HOH A O     
383 O  O     . HOH H . ? 0.9533 0.9823 0.9859 -0.0198 -0.0182 -0.0059 208 HOH A O     
384 O  O     . HOH H . ? 0.6380 0.6770 0.7375 0.1317  -0.1542 -0.1615 209 HOH A O     
385 O  O     . HOH H . ? 0.7132 0.6121 0.6083 0.2136  0.1289  0.1637  210 HOH A O     
386 O  O     . HOH H . ? 0.7231 0.5825 0.7106 -0.0810 0.0166  -0.1323 211 HOH A O     
387 O  O     . HOH H . ? 0.5107 0.5557 0.3774 -0.0354 -0.0304 0.1258  212 HOH A O     
388 O  O     . HOH H . ? 0.5388 0.4859 0.4182 0.1699  0.1365  0.0930  213 HOH A O     
389 O  O     . HOH I . ? 0.5179 0.6327 0.7394 0.0779  0.1942  -0.0258 201 HOH B O     
390 O  O     . HOH I . ? 0.7247 0.5423 0.5563 0.0638  0.1947  -0.0029 202 HOH B O     
391 O  O     . HOH I . ? 0.4199 0.6465 0.7414 0.0321  0.0510  0.1720  203 HOH B O     
392 O  O     . HOH I . ? 0.5298 0.7054 0.4315 -0.0309 -0.0433 0.0380  204 HOH B O     
393 O  O     . HOH I . ? 0.5716 0.6199 0.5734 -0.1151 0.0782  0.0663  205 HOH B O     
394 O  O     . HOH I . ? 0.7125 0.5367 0.7114 -0.0156 0.0611  -0.0390 206 HOH B O     
395 O  O     . HOH I . ? 0.7184 0.6664 0.5676 -0.0322 -0.0360 -0.1018 207 HOH B O     
396 O  O     . HOH I . ? 0.5357 0.3773 0.5006 -0.1080 0.0986  0.0049  208 HOH B O     
397 O  O     . HOH I . ? 0.4443 0.6097 0.7837 -0.0228 0.1141  -0.1172 209 HOH B O     
398 O  O     . HOH I . ? 0.7078 0.7088 0.7496 0.0705  0.2068  0.1517  210 HOH B O     
399 O  O     . HOH I . ? 0.5541 0.6538 0.6092 -0.1346 0.1177  -0.2093 211 HOH B O     
400 O  O     . HOH I . ? 0.7119 0.6642 0.7387 -0.0428 0.2086  0.0426  212 HOH B O     
401 O  O     . HOH I . ? 0.5800 0.6407 0.6528 0.0168  -0.0458 0.0307  213 HOH B O     
402 O  O     . HOH I . ? 0.6033 0.4543 0.4455 -0.0107 0.0432  -0.0132 214 HOH B O     
403 O  O     . HOH I . ? 0.5764 0.5374 0.6269 0.0914  0.0294  -0.0328 215 HOH B O     
404 O  O     . HOH I . ? 0.6495 0.7289 0.9259 -0.0653 0.0690  -0.0388 216 HOH B O     
405 O  O     . HOH I . ? 0.6672 0.3776 0.6146 0.0785  0.0520  -0.0307 217 HOH B O     
# 
_database_PDB_caveat.id     1 
_database_PDB_caveat.text   'NCO A103 has occupancy of 0.1' 
# 
loop_
_pdbx_poly_seq_scheme.asym_id 
_pdbx_poly_seq_scheme.entity_id 
_pdbx_poly_seq_scheme.seq_id 
_pdbx_poly_seq_scheme.mon_id 
_pdbx_poly_seq_scheme.ndb_seq_num 
_pdbx_poly_seq_scheme.pdb_seq_num 
_pdbx_poly_seq_scheme.auth_seq_num 
_pdbx_poly_seq_scheme.pdb_mon_id 
_pdbx_poly_seq_scheme.auth_mon_id 
_pdbx_poly_seq_scheme.pdb_strand_id 
_pdbx_poly_seq_scheme.pdb_ins_code 
_pdbx_poly_seq_scheme.hetero 
A 1 1 C   1 1  1  C   C   A . n 
A 1 2 C   2 2  2  C   C   A . n 
A 1 3 C   3 3  3  C   C   A . n 
A 1 4 C   4 4  4  C   C   A . n 
A 1 5 GMX 5 5  5  GMX GMX A . n 
A 1 6 G   6 6  6  G   G   A . n 
A 1 7 G   7 7  7  G   G   A . n 
A 1 8 G   8 8  8  G   G   A . n 
B 1 1 C   1 9  9  C   C   B . n 
B 1 2 C   2 10 10 C   C   B . n 
B 1 3 C   3 11 11 C   C   B . n 
B 1 4 C   4 12 12 C   C   B . n 
B 1 5 GMX 5 13 13 GMX GMX B . n 
B 1 6 G   6 14 14 G   G   B . n 
B 1 7 G   7 15 15 G   G   B . n 
B 1 8 G   8 16 16 G   G   B . n 
# 
loop_
_pdbx_nonpoly_scheme.asym_id 
_pdbx_nonpoly_scheme.entity_id 
_pdbx_nonpoly_scheme.mon_id 
_pdbx_nonpoly_scheme.ndb_seq_num 
_pdbx_nonpoly_scheme.pdb_seq_num 
_pdbx_nonpoly_scheme.auth_seq_num 
_pdbx_nonpoly_scheme.pdb_mon_id 
_pdbx_nonpoly_scheme.auth_mon_id 
_pdbx_nonpoly_scheme.pdb_strand_id 
_pdbx_nonpoly_scheme.pdb_ins_code 
C 2 NCO 1  101 1  NCO NCO A . 
D 2 NCO 1  102 2  NCO NCO A . 
E 2 NCO 1  103 3  NCO NCO A . 
F 2 NCO 1  104 4  NCO NCO A . 
G 2 NCO 1  101 5  NCO NCO B . 
H 3 HOH 1  201 29 HOH HOH A . 
H 3 HOH 2  202 19 HOH HOH A . 
H 3 HOH 3  203 32 HOH HOH A . 
H 3 HOH 4  204 26 HOH HOH A . 
H 3 HOH 5  205 35 HOH HOH A . 
H 3 HOH 6  206 28 HOH HOH A . 
H 3 HOH 7  207 30 HOH HOH A . 
H 3 HOH 8  208 9  HOH HOH A . 
H 3 HOH 9  209 11 HOH HOH A . 
H 3 HOH 10 210 18 HOH HOH A . 
H 3 HOH 11 211 15 HOH HOH A . 
H 3 HOH 12 212 7  HOH HOH A . 
H 3 HOH 13 213 34 HOH HOH A . 
I 3 HOH 1  201 6  HOH HOH B . 
I 3 HOH 2  202 23 HOH HOH B . 
I 3 HOH 3  203 24 HOH HOH B . 
I 3 HOH 4  204 20 HOH HOH B . 
I 3 HOH 5  205 12 HOH HOH B . 
I 3 HOH 6  206 17 HOH HOH B . 
I 3 HOH 7  207 27 HOH HOH B . 
I 3 HOH 8  208 33 HOH HOH B . 
I 3 HOH 9  209 21 HOH HOH B . 
I 3 HOH 10 210 13 HOH HOH B . 
I 3 HOH 11 211 14 HOH HOH B . 
I 3 HOH 12 212 25 HOH HOH B . 
I 3 HOH 13 213 16 HOH HOH B . 
I 3 HOH 14 214 8  HOH HOH B . 
I 3 HOH 15 215 22 HOH HOH B . 
I 3 HOH 16 216 10 HOH HOH B . 
I 3 HOH 17 217 31 HOH HOH B . 
# 
_pdbx_struct_assembly.id                   1 
_pdbx_struct_assembly.details              author_and_software_defined_assembly 
_pdbx_struct_assembly.method_details       PISA 
_pdbx_struct_assembly.oligomeric_details   dimeric 
_pdbx_struct_assembly.oligomeric_count     2 
# 
_pdbx_struct_assembly_gen.assembly_id       1 
_pdbx_struct_assembly_gen.oper_expression   1 
_pdbx_struct_assembly_gen.asym_id_list      A,B,C,D,E,F,G,H,I 
# 
loop_
_pdbx_struct_assembly_prop.biol_id 
_pdbx_struct_assembly_prop.type 
_pdbx_struct_assembly_prop.value 
_pdbx_struct_assembly_prop.details 
1 'ABSA (A^2)' 1880 ? 
1 MORE         -7   ? 
1 'SSA (A^2)'  3200 ? 
# 
_pdbx_struct_oper_list.id                   1 
_pdbx_struct_oper_list.type                 'identity operation' 
_pdbx_struct_oper_list.name                 1_555 
_pdbx_struct_oper_list.symmetry_operation   x,y,z 
_pdbx_struct_oper_list.matrix[1][1]         1.0000000000 
_pdbx_struct_oper_list.matrix[1][2]         0.0000000000 
_pdbx_struct_oper_list.matrix[1][3]         0.0000000000 
_pdbx_struct_oper_list.vector[1]            0.0000000000 
_pdbx_struct_oper_list.matrix[2][1]         0.0000000000 
_pdbx_struct_oper_list.matrix[2][2]         1.0000000000 
_pdbx_struct_oper_list.matrix[2][3]         0.0000000000 
_pdbx_struct_oper_list.vector[2]            0.0000000000 
_pdbx_struct_oper_list.matrix[3][1]         0.0000000000 
_pdbx_struct_oper_list.matrix[3][2]         0.0000000000 
_pdbx_struct_oper_list.matrix[3][3]         1.0000000000 
_pdbx_struct_oper_list.vector[3]            0.0000000000 
# 
loop_
_pdbx_struct_conn_angle.id 
_pdbx_struct_conn_angle.ptnr1_label_atom_id 
_pdbx_struct_conn_angle.ptnr1_label_alt_id 
_pdbx_struct_conn_angle.ptnr1_label_asym_id 
_pdbx_struct_conn_angle.ptnr1_label_comp_id 
_pdbx_struct_conn_angle.ptnr1_label_seq_id 
_pdbx_struct_conn_angle.ptnr1_auth_atom_id 
_pdbx_struct_conn_angle.ptnr1_auth_asym_id 
_pdbx_struct_conn_angle.ptnr1_auth_comp_id 
_pdbx_struct_conn_angle.ptnr1_auth_seq_id 
_pdbx_struct_conn_angle.ptnr1_PDB_ins_code 
_pdbx_struct_conn_angle.ptnr1_symmetry 
_pdbx_struct_conn_angle.ptnr2_label_atom_id 
_pdbx_struct_conn_angle.ptnr2_label_alt_id 
_pdbx_struct_conn_angle.ptnr2_label_asym_id 
_pdbx_struct_conn_angle.ptnr2_label_comp_id 
_pdbx_struct_conn_angle.ptnr2_label_seq_id 
_pdbx_struct_conn_angle.ptnr2_auth_atom_id 
_pdbx_struct_conn_angle.ptnr2_auth_asym_id 
_pdbx_struct_conn_angle.ptnr2_auth_comp_id 
_pdbx_struct_conn_angle.ptnr2_auth_seq_id 
_pdbx_struct_conn_angle.ptnr2_PDB_ins_code 
_pdbx_struct_conn_angle.ptnr2_symmetry 
_pdbx_struct_conn_angle.ptnr3_label_atom_id 
_pdbx_struct_conn_angle.ptnr3_label_alt_id 
_pdbx_struct_conn_angle.ptnr3_label_asym_id 
_pdbx_struct_conn_angle.ptnr3_label_comp_id 
_pdbx_struct_conn_angle.ptnr3_label_seq_id 
_pdbx_struct_conn_angle.ptnr3_auth_atom_id 
_pdbx_struct_conn_angle.ptnr3_auth_asym_id 
_pdbx_struct_conn_angle.ptnr3_auth_comp_id 
_pdbx_struct_conn_angle.ptnr3_auth_seq_id 
_pdbx_struct_conn_angle.ptnr3_PDB_ins_code 
_pdbx_struct_conn_angle.ptnr3_symmetry 
_pdbx_struct_conn_angle.value 
_pdbx_struct_conn_angle.value_esd 
1  N1 ? E NCO . ? A NCO 103 ? 1_555 CO ? D NCO . ? A NCO 102 ? 1_555 N1 ? D NCO . ? A NCO 102 ? 1_555 25.5  ? 
2  N1 ? E NCO . ? A NCO 103 ? 1_555 CO ? D NCO . ? A NCO 102 ? 1_555 N2 ? D NCO . ? A NCO 102 ? 1_555 156.7 ? 
3  N1 ? D NCO . ? A NCO 102 ? 1_555 CO ? D NCO . ? A NCO 102 ? 1_555 N2 ? D NCO . ? A NCO 102 ? 1_555 177.6 ? 
4  N1 ? E NCO . ? A NCO 103 ? 1_555 CO ? D NCO . ? A NCO 102 ? 1_555 N3 ? D NCO . ? A NCO 102 ? 1_555 66.8  ? 
5  N1 ? D NCO . ? A NCO 102 ? 1_555 CO ? D NCO . ? A NCO 102 ? 1_555 N3 ? D NCO . ? A NCO 102 ? 1_555 91.5  ? 
6  N2 ? D NCO . ? A NCO 102 ? 1_555 CO ? D NCO . ? A NCO 102 ? 1_555 N3 ? D NCO . ? A NCO 102 ? 1_555 90.9  ? 
7  N1 ? E NCO . ? A NCO 103 ? 1_555 CO ? D NCO . ? A NCO 102 ? 1_555 N4 ? D NCO . ? A NCO 102 ? 1_555 85.0  ? 
8  N1 ? D NCO . ? A NCO 102 ? 1_555 CO ? D NCO . ? A NCO 102 ? 1_555 N4 ? D NCO . ? A NCO 102 ? 1_555 90.7  ? 
9  N2 ? D NCO . ? A NCO 102 ? 1_555 CO ? D NCO . ? A NCO 102 ? 1_555 N4 ? D NCO . ? A NCO 102 ? 1_555 88.7  ? 
10 N3 ? D NCO . ? A NCO 102 ? 1_555 CO ? D NCO . ? A NCO 102 ? 1_555 N4 ? D NCO . ? A NCO 102 ? 1_555 90.9  ? 
11 N1 ? E NCO . ? A NCO 103 ? 1_555 CO ? D NCO . ? A NCO 102 ? 1_555 N5 ? D NCO . ? A NCO 102 ? 1_555 111.9 ? 
12 N1 ? D NCO . ? A NCO 102 ? 1_555 CO ? D NCO . ? A NCO 102 ? 1_555 N5 ? D NCO . ? A NCO 102 ? 1_555 86.8  ? 
13 N2 ? D NCO . ? A NCO 102 ? 1_555 CO ? D NCO . ? A NCO 102 ? 1_555 N5 ? D NCO . ? A NCO 102 ? 1_555 90.9  ? 
14 N3 ? D NCO . ? A NCO 102 ? 1_555 CO ? D NCO . ? A NCO 102 ? 1_555 N5 ? D NCO . ? A NCO 102 ? 1_555 174.8 ? 
15 N4 ? D NCO . ? A NCO 102 ? 1_555 CO ? D NCO . ? A NCO 102 ? 1_555 N5 ? D NCO . ? A NCO 102 ? 1_555 94.0  ? 
16 N1 ? E NCO . ? A NCO 103 ? 1_555 CO ? D NCO . ? A NCO 102 ? 1_555 N6 ? D NCO . ? A NCO 102 ? 1_555 92.1  ? 
17 N1 ? D NCO . ? A NCO 102 ? 1_555 CO ? D NCO . ? A NCO 102 ? 1_555 N6 ? D NCO . ? A NCO 102 ? 1_555 86.7  ? 
18 N2 ? D NCO . ? A NCO 102 ? 1_555 CO ? D NCO . ? A NCO 102 ? 1_555 N6 ? D NCO . ? A NCO 102 ? 1_555 93.9  ? 
19 N3 ? D NCO . ? A NCO 102 ? 1_555 CO ? D NCO . ? A NCO 102 ? 1_555 N6 ? D NCO . ? A NCO 102 ? 1_555 87.9  ? 
20 N4 ? D NCO . ? A NCO 102 ? 1_555 CO ? D NCO . ? A NCO 102 ? 1_555 N6 ? D NCO . ? A NCO 102 ? 1_555 177.1 ? 
21 N5 ? D NCO . ? A NCO 102 ? 1_555 CO ? D NCO . ? A NCO 102 ? 1_555 N6 ? D NCO . ? A NCO 102 ? 1_555 87.2  ? 
22 N1 ? E NCO . ? A NCO 103 ? 1_555 CO ? D NCO . ? A NCO 102 ? 1_555 N4 ? E NCO . ? A NCO 103 ? 1_555 80.5  ? 
23 N1 ? D NCO . ? A NCO 102 ? 1_555 CO ? D NCO . ? A NCO 102 ? 1_555 N4 ? E NCO . ? A NCO 103 ? 1_555 93.1  ? 
24 N2 ? D NCO . ? A NCO 102 ? 1_555 CO ? D NCO . ? A NCO 102 ? 1_555 N4 ? E NCO . ? A NCO 103 ? 1_555 88.9  ? 
25 N3 ? D NCO . ? A NCO 102 ? 1_555 CO ? D NCO . ? A NCO 102 ? 1_555 N4 ? E NCO . ? A NCO 103 ? 1_555 46.0  ? 
26 N4 ? D NCO . ? A NCO 102 ? 1_555 CO ? D NCO . ? A NCO 102 ? 1_555 N4 ? E NCO . ? A NCO 103 ? 1_555 136.7 ? 
27 N5 ? D NCO . ? A NCO 102 ? 1_555 CO ? D NCO . ? A NCO 102 ? 1_555 N4 ? E NCO . ? A NCO 103 ? 1_555 129.2 ? 
28 N6 ? D NCO . ? A NCO 102 ? 1_555 CO ? D NCO . ? A NCO 102 ? 1_555 N4 ? E NCO . ? A NCO 103 ? 1_555 42.3  ? 
29 N1 ? D NCO . ? A NCO 102 ? 1_555 CO ? E NCO . ? A NCO 103 ? 1_555 N1 ? E NCO . ? A NCO 103 ? 1_555 29.9  ? 
30 N1 ? D NCO . ? A NCO 102 ? 1_555 CO ? E NCO . ? A NCO 103 ? 1_555 N2 ? E NCO . ? A NCO 103 ? 1_555 153.3 ? 
31 N1 ? E NCO . ? A NCO 103 ? 1_555 CO ? E NCO . ? A NCO 103 ? 1_555 N2 ? E NCO . ? A NCO 103 ? 1_555 176.8 ? 
32 N1 ? D NCO . ? A NCO 102 ? 1_555 CO ? E NCO . ? A NCO 103 ? 1_555 N3 ? E NCO . ? A NCO 103 ? 1_555 123.0 ? 
33 N1 ? E NCO . ? A NCO 103 ? 1_555 CO ? E NCO . ? A NCO 103 ? 1_555 N3 ? E NCO . ? A NCO 103 ? 1_555 95.7  ? 
34 N2 ? E NCO . ? A NCO 103 ? 1_555 CO ? E NCO . ? A NCO 103 ? 1_555 N3 ? E NCO . ? A NCO 103 ? 1_555 81.2  ? 
35 N1 ? D NCO . ? A NCO 102 ? 1_555 CO ? E NCO . ? A NCO 103 ? 1_555 N4 ? E NCO . ? A NCO 103 ? 1_555 79.7  ? 
36 N1 ? E NCO . ? A NCO 103 ? 1_555 CO ? E NCO . ? A NCO 103 ? 1_555 N4 ? E NCO . ? A NCO 103 ? 1_555 88.6  ? 
37 N2 ? E NCO . ? A NCO 103 ? 1_555 CO ? E NCO . ? A NCO 103 ? 1_555 N4 ? E NCO . ? A NCO 103 ? 1_555 92.1  ? 
38 N3 ? E NCO . ? A NCO 103 ? 1_555 CO ? E NCO . ? A NCO 103 ? 1_555 N4 ? E NCO . ? A NCO 103 ? 1_555 86.2  ? 
39 N1 ? D NCO . ? A NCO 102 ? 1_555 CO ? E NCO . ? A NCO 103 ? 1_555 N5 ? E NCO . ? A NCO 103 ? 1_555 59.7  ? 
40 N1 ? E NCO . ? A NCO 103 ? 1_555 CO ? E NCO . ? A NCO 103 ? 1_555 N5 ? E NCO . ? A NCO 103 ? 1_555 87.3  ? 
41 N2 ? E NCO . ? A NCO 103 ? 1_555 CO ? E NCO . ? A NCO 103 ? 1_555 N5 ? E NCO . ? A NCO 103 ? 1_555 95.8  ? 
42 N3 ? E NCO . ? A NCO 103 ? 1_555 CO ? E NCO . ? A NCO 103 ? 1_555 N5 ? E NCO . ? A NCO 103 ? 1_555 176.9 ? 
43 N4 ? E NCO . ? A NCO 103 ? 1_555 CO ? E NCO . ? A NCO 103 ? 1_555 N5 ? E NCO . ? A NCO 103 ? 1_555 93.2  ? 
44 N1 ? D NCO . ? A NCO 102 ? 1_555 CO ? E NCO . ? A NCO 103 ? 1_555 N6 ? E NCO . ? A NCO 103 ? 1_555 100.5 ? 
45 N1 ? E NCO . ? A NCO 103 ? 1_555 CO ? E NCO . ? A NCO 103 ? 1_555 N6 ? E NCO . ? A NCO 103 ? 1_555 91.4  ? 
46 N2 ? E NCO . ? A NCO 103 ? 1_555 CO ? E NCO . ? A NCO 103 ? 1_555 N6 ? E NCO . ? A NCO 103 ? 1_555 87.8  ? 
47 N3 ? E NCO . ? A NCO 103 ? 1_555 CO ? E NCO . ? A NCO 103 ? 1_555 N6 ? E NCO . ? A NCO 103 ? 1_555 93.4  ? 
48 N4 ? E NCO . ? A NCO 103 ? 1_555 CO ? E NCO . ? A NCO 103 ? 1_555 N6 ? E NCO . ? A NCO 103 ? 1_555 179.6 ? 
49 N5 ? E NCO . ? A NCO 103 ? 1_555 CO ? E NCO . ? A NCO 103 ? 1_555 N6 ? E NCO . ? A NCO 103 ? 1_555 87.2  ? 
50 N1 ? D NCO . ? A NCO 102 ? 1_555 CO ? E NCO . ? A NCO 103 ? 1_555 N3 ? D NCO . ? A NCO 102 ? 1_555 68.1  ? 
51 N1 ? E NCO . ? A NCO 103 ? 1_555 CO ? E NCO . ? A NCO 103 ? 1_555 N3 ? D NCO . ? A NCO 102 ? 1_555 62.2  ? 
52 N2 ? E NCO . ? A NCO 103 ? 1_555 CO ? E NCO . ? A NCO 103 ? 1_555 N3 ? D NCO . ? A NCO 102 ? 1_555 117.3 ? 
53 N3 ? E NCO . ? A NCO 103 ? 1_555 CO ? E NCO . ? A NCO 103 ? 1_555 N3 ? D NCO . ? A NCO 102 ? 1_555 69.9  ? 
54 N4 ? E NCO . ? A NCO 103 ? 1_555 CO ? E NCO . ? A NCO 103 ? 1_555 N3 ? D NCO . ? A NCO 102 ? 1_555 34.1  ? 
55 N5 ? E NCO . ? A NCO 103 ? 1_555 CO ? E NCO . ? A NCO 103 ? 1_555 N3 ? D NCO . ? A NCO 102 ? 1_555 111.2 ? 
56 N6 ? E NCO . ? A NCO 103 ? 1_555 CO ? E NCO . ? A NCO 103 ? 1_555 N3 ? D NCO . ? A NCO 102 ? 1_555 145.7 ? 
57 N1 ? D NCO . ? A NCO 102 ? 1_555 CO ? E NCO . ? A NCO 103 ? 1_555 N6 ? D NCO . ? A NCO 102 ? 1_555 69.9  ? 
58 N1 ? E NCO . ? A NCO 103 ? 1_555 CO ? E NCO . ? A NCO 103 ? 1_555 N6 ? D NCO . ? A NCO 102 ? 1_555 93.6  ? 
59 N2 ? E NCO . ? A NCO 103 ? 1_555 CO ? E NCO . ? A NCO 103 ? 1_555 N6 ? D NCO . ? A NCO 102 ? 1_555 88.8  ? 
60 N3 ? E NCO . ? A NCO 103 ? 1_555 CO ? E NCO . ? A NCO 103 ? 1_555 N6 ? D NCO . ? A NCO 102 ? 1_555 120.0 ? 
61 N4 ? E NCO . ? A NCO 103 ? 1_555 CO ? E NCO . ? A NCO 103 ? 1_555 N6 ? D NCO . ? A NCO 102 ? 1_555 34.9  ? 
62 N5 ? E NCO . ? A NCO 103 ? 1_555 CO ? E NCO . ? A NCO 103 ? 1_555 N6 ? D NCO . ? A NCO 102 ? 1_555 59.0  ? 
63 N6 ? E NCO . ? A NCO 103 ? 1_555 CO ? E NCO . ? A NCO 103 ? 1_555 N6 ? D NCO . ? A NCO 102 ? 1_555 145.5 ? 
64 N3 ? D NCO . ? A NCO 102 ? 1_555 CO ? E NCO . ? A NCO 103 ? 1_555 N6 ? D NCO . ? A NCO 102 ? 1_555 63.2  ? 
# 
loop_
_pdbx_audit_revision_history.ordinal 
_pdbx_audit_revision_history.data_content_type 
_pdbx_audit_revision_history.major_revision 
_pdbx_audit_revision_history.minor_revision 
_pdbx_audit_revision_history.revision_date 
1 'Structure model' 1 0 2020-11-18 
2 'Structure model' 1 1 2023-10-11 
# 
_pdbx_audit_revision_details.ordinal             1 
_pdbx_audit_revision_details.revision_ordinal    1 
_pdbx_audit_revision_details.data_content_type   'Structure model' 
_pdbx_audit_revision_details.provider            repository 
_pdbx_audit_revision_details.type                'Initial release' 
_pdbx_audit_revision_details.description         ? 
_pdbx_audit_revision_details.details             ? 
# 
loop_
_pdbx_audit_revision_group.ordinal 
_pdbx_audit_revision_group.revision_ordinal 
_pdbx_audit_revision_group.data_content_type 
_pdbx_audit_revision_group.group 
1 2 'Structure model' 'Data collection'        
2 2 'Structure model' 'Database references'    
3 2 'Structure model' 'Refinement description' 
# 
loop_
_pdbx_audit_revision_category.ordinal 
_pdbx_audit_revision_category.revision_ordinal 
_pdbx_audit_revision_category.data_content_type 
_pdbx_audit_revision_category.category 
1 2 'Structure model' chem_comp_atom                
2 2 'Structure model' chem_comp_bond                
3 2 'Structure model' database_2                    
4 2 'Structure model' pdbx_initial_refinement_model 
# 
loop_
_pdbx_audit_revision_item.ordinal 
_pdbx_audit_revision_item.revision_ordinal 
_pdbx_audit_revision_item.data_content_type 
_pdbx_audit_revision_item.item 
1 2 'Structure model' '_database_2.pdbx_DOI'                
2 2 'Structure model' '_database_2.pdbx_database_accession' 
# 
loop_
_software.citation_id 
_software.classification 
_software.compiler_name 
_software.compiler_version 
_software.contact_author 
_software.contact_author_email 
_software.date 
_software.description 
_software.dependencies 
_software.hardware 
_software.language 
_software.location 
_software.mods 
_software.name 
_software.os 
_software.os_version 
_software.type 
_software.version 
_software.pdbx_ordinal 
? refinement        ? ? ? ? ? ? ? ? ? ? ? REFMAC      ? ? ? 5.8.0257 1 
? 'data extraction' ? ? ? ? ? ? ? ? ? ? ? PDB_EXTRACT ? ? ? 3.25     2 
? 'data reduction'  ? ? ? ? ? ? ? ? ? ? ? HKL-2000    ? ? ? .        3 
? 'data scaling'    ? ? ? ? ? ? ? ? ? ? ? HKL-2000    ? ? ? .        4 
? phasing           ? ? ? ? ? ? ? ? ? ? ? MOLREP      ? ? ? CCP4     5 
# 
_pdbx_entry_details.entry_id                 6VEM 
_pdbx_entry_details.has_ligand_of_interest   Y 
_pdbx_entry_details.compound_details         ? 
_pdbx_entry_details.source_details           ? 
_pdbx_entry_details.nonpolymer_details       ? 
_pdbx_entry_details.sequence_details         ? 
# 
loop_
_chem_comp_atom.comp_id 
_chem_comp_atom.atom_id 
_chem_comp_atom.type_symbol 
_chem_comp_atom.pdbx_aromatic_flag 
_chem_comp_atom.pdbx_stereo_config 
_chem_comp_atom.pdbx_ordinal 
C   OP3    O  N N 1   
C   P      P  N N 2   
C   OP1    O  N N 3   
C   OP2    O  N N 4   
C   "O5'"  O  N N 5   
C   "C5'"  C  N N 6   
C   "C4'"  C  N R 7   
C   "O4'"  O  N N 8   
C   "C3'"  C  N S 9   
C   "O3'"  O  N N 10  
C   "C2'"  C  N R 11  
C   "O2'"  O  N N 12  
C   "C1'"  C  N R 13  
C   N1     N  N N 14  
C   C2     C  N N 15  
C   O2     O  N N 16  
C   N3     N  N N 17  
C   C4     C  N N 18  
C   N4     N  N N 19  
C   C5     C  N N 20  
C   C6     C  N N 21  
C   HOP3   H  N N 22  
C   HOP2   H  N N 23  
C   "H5'"  H  N N 24  
C   "H5''" H  N N 25  
C   "H4'"  H  N N 26  
C   "H3'"  H  N N 27  
C   "HO3'" H  N N 28  
C   "H2'"  H  N N 29  
C   "HO2'" H  N N 30  
C   "H1'"  H  N N 31  
C   H41    H  N N 32  
C   H42    H  N N 33  
C   H5     H  N N 34  
C   H6     H  N N 35  
G   OP3    O  N N 36  
G   P      P  N N 37  
G   OP1    O  N N 38  
G   OP2    O  N N 39  
G   "O5'"  O  N N 40  
G   "C5'"  C  N N 41  
G   "C4'"  C  N R 42  
G   "O4'"  O  N N 43  
G   "C3'"  C  N S 44  
G   "O3'"  O  N N 45  
G   "C2'"  C  N R 46  
G   "O2'"  O  N N 47  
G   "C1'"  C  N R 48  
G   N9     N  Y N 49  
G   C8     C  Y N 50  
G   N7     N  Y N 51  
G   C5     C  Y N 52  
G   C6     C  N N 53  
G   O6     O  N N 54  
G   N1     N  N N 55  
G   C2     C  N N 56  
G   N2     N  N N 57  
G   N3     N  N N 58  
G   C4     C  Y N 59  
G   HOP3   H  N N 60  
G   HOP2   H  N N 61  
G   "H5'"  H  N N 62  
G   "H5''" H  N N 63  
G   "H4'"  H  N N 64  
G   "H3'"  H  N N 65  
G   "HO3'" H  N N 66  
G   "H2'"  H  N N 67  
G   "HO2'" H  N N 68  
G   "H1'"  H  N N 69  
G   H8     H  N N 70  
G   H1     H  N N 71  
G   H21    H  N N 72  
G   H22    H  N N 73  
GMX OP2    O  N N 74  
GMX P      P  N N 75  
GMX OP1    O  N N 76  
GMX "O5'"  O  N N 77  
GMX "C5'"  C  N R 78  
GMX "C6'"  C  N N 79  
GMX "C4'"  C  N S 80  
GMX "O4'"  O  N N 81  
GMX "C1'"  C  N R 82  
GMX "C2'"  C  N R 83  
GMX "O2'"  O  N N 84  
GMX "C3'"  C  N S 85  
GMX "O3'"  O  N N 86  
GMX N9     N  Y N 87  
GMX C8     C  Y N 88  
GMX N7     N  Y N 89  
GMX C5     C  Y N 90  
GMX C6     C  N N 91  
GMX O6     O  N N 92  
GMX N1     N  N N 93  
GMX C2     C  N N 94  
GMX N2     N  N N 95  
GMX N3     N  N N 96  
GMX C4     C  Y N 97  
GMX H1     H  N N 98  
GMX H2     H  N N 99  
GMX H3     H  N N 100 
GMX H4     H  N N 101 
GMX H5     H  N N 102 
GMX H6     H  N N 103 
GMX H7     H  N N 104 
GMX H8     H  N N 105 
GMX H9     H  N N 106 
GMX H10    H  N N 107 
GMX H11    H  N N 108 
GMX H12    H  N N 109 
GMX H13    H  N N 110 
GMX H14    H  N N 111 
GMX H15    H  N N 112 
GMX H16    H  N N 113 
GMX OP3    O  N N 114 
HOH O      O  N N 115 
HOH H1     H  N N 116 
HOH H2     H  N N 117 
NCO CO     CO N N 118 
NCO N1     N  N N 119 
NCO N2     N  N N 120 
NCO N3     N  N N 121 
NCO N4     N  N N 122 
NCO N5     N  N N 123 
NCO N6     N  N N 124 
NCO HN11   H  N N 125 
NCO HN12   H  N N 126 
NCO HN13   H  N N 127 
NCO HN21   H  N N 128 
NCO HN22   H  N N 129 
NCO HN23   H  N N 130 
NCO HN31   H  N N 131 
NCO HN32   H  N N 132 
NCO HN33   H  N N 133 
NCO HN41   H  N N 134 
NCO HN42   H  N N 135 
NCO HN43   H  N N 136 
NCO HN51   H  N N 137 
NCO HN52   H  N N 138 
NCO HN53   H  N N 139 
NCO HN61   H  N N 140 
NCO HN62   H  N N 141 
NCO HN63   H  N N 142 
# 
loop_
_chem_comp_bond.comp_id 
_chem_comp_bond.atom_id_1 
_chem_comp_bond.atom_id_2 
_chem_comp_bond.value_order 
_chem_comp_bond.pdbx_aromatic_flag 
_chem_comp_bond.pdbx_stereo_config 
_chem_comp_bond.pdbx_ordinal 
C   OP3   P      sing N N 1   
C   OP3   HOP3   sing N N 2   
C   P     OP1    doub N N 3   
C   P     OP2    sing N N 4   
C   P     "O5'"  sing N N 5   
C   OP2   HOP2   sing N N 6   
C   "O5'" "C5'"  sing N N 7   
C   "C5'" "C4'"  sing N N 8   
C   "C5'" "H5'"  sing N N 9   
C   "C5'" "H5''" sing N N 10  
C   "C4'" "O4'"  sing N N 11  
C   "C4'" "C3'"  sing N N 12  
C   "C4'" "H4'"  sing N N 13  
C   "O4'" "C1'"  sing N N 14  
C   "C3'" "O3'"  sing N N 15  
C   "C3'" "C2'"  sing N N 16  
C   "C3'" "H3'"  sing N N 17  
C   "O3'" "HO3'" sing N N 18  
C   "C2'" "O2'"  sing N N 19  
C   "C2'" "C1'"  sing N N 20  
C   "C2'" "H2'"  sing N N 21  
C   "O2'" "HO2'" sing N N 22  
C   "C1'" N1     sing N N 23  
C   "C1'" "H1'"  sing N N 24  
C   N1    C2     sing N N 25  
C   N1    C6     sing N N 26  
C   C2    O2     doub N N 27  
C   C2    N3     sing N N 28  
C   N3    C4     doub N N 29  
C   C4    N4     sing N N 30  
C   C4    C5     sing N N 31  
C   N4    H41    sing N N 32  
C   N4    H42    sing N N 33  
C   C5    C6     doub N N 34  
C   C5    H5     sing N N 35  
C   C6    H6     sing N N 36  
G   OP3   P      sing N N 37  
G   OP3   HOP3   sing N N 38  
G   P     OP1    doub N N 39  
G   P     OP2    sing N N 40  
G   P     "O5'"  sing N N 41  
G   OP2   HOP2   sing N N 42  
G   "O5'" "C5'"  sing N N 43  
G   "C5'" "C4'"  sing N N 44  
G   "C5'" "H5'"  sing N N 45  
G   "C5'" "H5''" sing N N 46  
G   "C4'" "O4'"  sing N N 47  
G   "C4'" "C3'"  sing N N 48  
G   "C4'" "H4'"  sing N N 49  
G   "O4'" "C1'"  sing N N 50  
G   "C3'" "O3'"  sing N N 51  
G   "C3'" "C2'"  sing N N 52  
G   "C3'" "H3'"  sing N N 53  
G   "O3'" "HO3'" sing N N 54  
G   "C2'" "O2'"  sing N N 55  
G   "C2'" "C1'"  sing N N 56  
G   "C2'" "H2'"  sing N N 57  
G   "O2'" "HO2'" sing N N 58  
G   "C1'" N9     sing N N 59  
G   "C1'" "H1'"  sing N N 60  
G   N9    C8     sing Y N 61  
G   N9    C4     sing Y N 62  
G   C8    N7     doub Y N 63  
G   C8    H8     sing N N 64  
G   N7    C5     sing Y N 65  
G   C5    C6     sing N N 66  
G   C5    C4     doub Y N 67  
G   C6    O6     doub N N 68  
G   C6    N1     sing N N 69  
G   N1    C2     sing N N 70  
G   N1    H1     sing N N 71  
G   C2    N2     sing N N 72  
G   C2    N3     doub N N 73  
G   N2    H21    sing N N 74  
G   N2    H22    sing N N 75  
G   N3    C4     sing N N 76  
GMX "C6'" "C5'"  sing N N 77  
GMX OP1   P      sing N N 78  
GMX "O3'" "C3'"  sing N N 79  
GMX "C5'" "O5'"  sing N N 80  
GMX "C5'" "C4'"  sing N N 81  
GMX P     "O5'"  sing N N 82  
GMX P     OP2    sing N N 83  
GMX "C4'" "C3'"  sing N N 84  
GMX "C4'" "O4'"  sing N N 85  
GMX "C3'" "C2'"  sing N N 86  
GMX "O2'" "C2'"  sing N N 87  
GMX "O4'" "C1'"  sing N N 88  
GMX "C2'" "C1'"  sing N N 89  
GMX "C1'" N9     sing N N 90  
GMX C8    N9     sing Y N 91  
GMX C8    N7     doub Y N 92  
GMX N9    C4     sing Y N 93  
GMX N7    C5     sing Y N 94  
GMX C4    N3     sing N N 95  
GMX C4    C5     doub Y N 96  
GMX N3    C2     sing N N 97  
GMX C5    C6     sing N N 98  
GMX C2    N2     sing N N 99  
GMX C2    N1     doub N N 100 
GMX C6    N1     sing N N 101 
GMX C6    O6     doub N N 102 
GMX OP2   H1     sing N N 103 
GMX OP1   H2     sing N N 104 
GMX "C5'" H3     sing N N 105 
GMX "C6'" H4     sing N N 106 
GMX "C6'" H5     sing N N 107 
GMX "C6'" H6     sing N N 108 
GMX "C4'" H7     sing N N 109 
GMX "C1'" H8     sing N N 110 
GMX "C2'" H9     sing N N 111 
GMX "O2'" H10    sing N N 112 
GMX "C3'" H11    sing N N 113 
GMX "O3'" H12    sing N N 114 
GMX C8    H13    sing N N 115 
GMX N2    H14    sing N N 116 
GMX N2    H15    sing N N 117 
GMX N3    H16    sing N N 118 
GMX P     OP3    doub N N 119 
HOH O     H1     sing N N 120 
HOH O     H2     sing N N 121 
NCO CO    N1     sing N N 122 
NCO CO    N2     sing N N 123 
NCO CO    N3     sing N N 124 
NCO CO    N4     sing N N 125 
NCO CO    N5     sing N N 126 
NCO CO    N6     sing N N 127 
NCO N1    HN11   sing N N 128 
NCO N1    HN12   sing N N 129 
NCO N1    HN13   sing N N 130 
NCO N2    HN21   sing N N 131 
NCO N2    HN22   sing N N 132 
NCO N2    HN23   sing N N 133 
NCO N3    HN31   sing N N 134 
NCO N3    HN32   sing N N 135 
NCO N3    HN33   sing N N 136 
NCO N4    HN41   sing N N 137 
NCO N4    HN42   sing N N 138 
NCO N4    HN43   sing N N 139 
NCO N5    HN51   sing N N 140 
NCO N5    HN52   sing N N 141 
NCO N5    HN53   sing N N 142 
NCO N6    HN61   sing N N 143 
NCO N6    HN62   sing N N 144 
NCO N6    HN63   sing N N 145 
# 
_ndb_struct_conf_na.entry_id   6VEM 
_ndb_struct_conf_na.feature    'a-form double helix' 
# 
loop_
_ndb_struct_na_base_pair.model_number 
_ndb_struct_na_base_pair.i_label_asym_id 
_ndb_struct_na_base_pair.i_label_comp_id 
_ndb_struct_na_base_pair.i_label_seq_id 
_ndb_struct_na_base_pair.i_symmetry 
_ndb_struct_na_base_pair.j_label_asym_id 
_ndb_struct_na_base_pair.j_label_comp_id 
_ndb_struct_na_base_pair.j_label_seq_id 
_ndb_struct_na_base_pair.j_symmetry 
_ndb_struct_na_base_pair.shear 
_ndb_struct_na_base_pair.stretch 
_ndb_struct_na_base_pair.stagger 
_ndb_struct_na_base_pair.buckle 
_ndb_struct_na_base_pair.propeller 
_ndb_struct_na_base_pair.opening 
_ndb_struct_na_base_pair.pair_number 
_ndb_struct_na_base_pair.pair_name 
_ndb_struct_na_base_pair.i_auth_asym_id 
_ndb_struct_na_base_pair.i_auth_seq_id 
_ndb_struct_na_base_pair.i_PDB_ins_code 
_ndb_struct_na_base_pair.j_auth_asym_id 
_ndb_struct_na_base_pair.j_auth_seq_id 
_ndb_struct_na_base_pair.j_PDB_ins_code 
_ndb_struct_na_base_pair.hbond_type_28 
_ndb_struct_na_base_pair.hbond_type_12 
1 A C 1 1_555 B G 8 1_555 0.028  -0.165 0.145  5.643   -12.676 -0.668 1 A_C1:G16_B A 1 ? B 16 ? 19 1 
1 A C 2 1_555 B G 7 1_555 0.197  -0.190 -0.063 13.347  -10.679 1.207  2 A_C2:G15_B A 2 ? B 15 ? 19 1 
1 A C 3 1_555 B G 6 1_555 0.285  -0.197 -0.248 10.898  -8.608  1.794  3 A_C3:G14_B A 3 ? B 14 ? 19 1 
1 A G 6 1_555 B C 3 1_555 -0.450 -0.158 0.012  -1.851  -11.258 1.251  4 A_G6:C11_B A 6 ? B 11 ? 19 1 
1 A G 7 1_555 B C 2 1_555 -0.184 -0.248 -0.219 -13.947 -16.530 -1.038 5 A_G7:C10_B A 7 ? B 10 ? 19 1 
1 A G 8 1_555 B C 1 1_555 -0.181 -0.327 0.020  -13.832 -10.352 -1.477 6 A_G8:C9_B  A 8 ? B 9  ? 19 1 
# 
loop_
_ndb_struct_na_base_pair_step.model_number 
_ndb_struct_na_base_pair_step.i_label_asym_id_1 
_ndb_struct_na_base_pair_step.i_label_comp_id_1 
_ndb_struct_na_base_pair_step.i_label_seq_id_1 
_ndb_struct_na_base_pair_step.i_symmetry_1 
_ndb_struct_na_base_pair_step.j_label_asym_id_1 
_ndb_struct_na_base_pair_step.j_label_comp_id_1 
_ndb_struct_na_base_pair_step.j_label_seq_id_1 
_ndb_struct_na_base_pair_step.j_symmetry_1 
_ndb_struct_na_base_pair_step.i_label_asym_id_2 
_ndb_struct_na_base_pair_step.i_label_comp_id_2 
_ndb_struct_na_base_pair_step.i_label_seq_id_2 
_ndb_struct_na_base_pair_step.i_symmetry_2 
_ndb_struct_na_base_pair_step.j_label_asym_id_2 
_ndb_struct_na_base_pair_step.j_label_comp_id_2 
_ndb_struct_na_base_pair_step.j_label_seq_id_2 
_ndb_struct_na_base_pair_step.j_symmetry_2 
_ndb_struct_na_base_pair_step.shift 
_ndb_struct_na_base_pair_step.slide 
_ndb_struct_na_base_pair_step.rise 
_ndb_struct_na_base_pair_step.tilt 
_ndb_struct_na_base_pair_step.roll 
_ndb_struct_na_base_pair_step.twist 
_ndb_struct_na_base_pair_step.x_displacement 
_ndb_struct_na_base_pair_step.y_displacement 
_ndb_struct_na_base_pair_step.helical_rise 
_ndb_struct_na_base_pair_step.inclination 
_ndb_struct_na_base_pair_step.tip 
_ndb_struct_na_base_pair_step.helical_twist 
_ndb_struct_na_base_pair_step.step_number 
_ndb_struct_na_base_pair_step.step_name 
_ndb_struct_na_base_pair_step.i_auth_asym_id_1 
_ndb_struct_na_base_pair_step.i_auth_seq_id_1 
_ndb_struct_na_base_pair_step.i_PDB_ins_code_1 
_ndb_struct_na_base_pair_step.j_auth_asym_id_1 
_ndb_struct_na_base_pair_step.j_auth_seq_id_1 
_ndb_struct_na_base_pair_step.j_PDB_ins_code_1 
_ndb_struct_na_base_pair_step.i_auth_asym_id_2 
_ndb_struct_na_base_pair_step.i_auth_seq_id_2 
_ndb_struct_na_base_pair_step.i_PDB_ins_code_2 
_ndb_struct_na_base_pair_step.j_auth_asym_id_2 
_ndb_struct_na_base_pair_step.j_auth_seq_id_2 
_ndb_struct_na_base_pair_step.j_PDB_ins_code_2 
1 A C 1 1_555 B G 8 1_555 A C 2 1_555 B G 7 1_555 -0.568 -1.618 3.223 -3.509 1.512  30.425 -3.353 0.395  3.185 2.867  6.654  
30.658 1 AA_C1C2:G15G16_BB A 1 ? B 16 ? A 2 ? B 15 ? 
1 A C 2 1_555 B G 7 1_555 A C 3 1_555 B G 6 1_555 0.008  -1.961 3.363 -1.514 5.510  30.455 -4.709 -0.300 2.967 10.374 2.850  
30.974 2 AA_C2C3:G14G15_BB A 2 ? B 15 ? A 3 ? B 14 ? 
1 A G 6 1_555 B C 3 1_555 A G 7 1_555 B C 2 1_555 0.469  -1.935 3.494 3.880  11.344 36.137 -4.402 -0.231 2.816 17.698 -6.053 
38.011 3 AA_G6G7:C10C11_BB A 6 ? B 11 ? A 7 ? B 10 ? 
1 A G 7 1_555 B C 2 1_555 A G 8 1_555 B C 1 1_555 0.610  -1.744 3.239 2.727  8.992  31.281 -4.552 -0.648 2.690 16.223 -4.919 
32.628 4 AA_G7G8:C9C10_BB  A 7 ? B 10 ? A 8 ? B 9  ? 
# 
_pdbx_entity_instance_feature.ordinal        1 
_pdbx_entity_instance_feature.comp_id        GMX 
_pdbx_entity_instance_feature.asym_id        ? 
_pdbx_entity_instance_feature.seq_num        ? 
_pdbx_entity_instance_feature.auth_comp_id   GMX 
_pdbx_entity_instance_feature.auth_asym_id   ? 
_pdbx_entity_instance_feature.auth_seq_num   ? 
_pdbx_entity_instance_feature.feature_type   'SUBJECT OF INVESTIGATION' 
_pdbx_entity_instance_feature.details        ? 
# 
loop_
_pdbx_entity_nonpoly.entity_id 
_pdbx_entity_nonpoly.name 
_pdbx_entity_nonpoly.comp_id 
2 'COBALT HEXAMMINE(III)' NCO 
3 water                   HOH 
# 
_pdbx_initial_refinement_model.id               1 
_pdbx_initial_refinement_model.entity_id_list   ? 
_pdbx_initial_refinement_model.type             'experimental model' 
_pdbx_initial_refinement_model.source_name      PDB 
_pdbx_initial_refinement_model.accession_code   259D 
_pdbx_initial_refinement_model.details          ? 
# 
_pdbx_struct_assembly_auth_evidence.id                     1 
_pdbx_struct_assembly_auth_evidence.assembly_id            1 
_pdbx_struct_assembly_auth_evidence.experimental_support   none 
_pdbx_struct_assembly_auth_evidence.details                ? 
# 
